data_3G1Q
#
_entry.id   3G1Q
#
_cell.length_a   59.823
_cell.length_b   79.874
_cell.length_c   117.146
_cell.angle_alpha   74.21
_cell.angle_beta   81.56
_cell.angle_gamma   68.49
#
_symmetry.space_group_name_H-M   'P 1'
#
loop_
_entity.id
_entity.type
_entity.pdbx_description
1 polymer 'Sterol 14-alpha-demethylase'
2 non-polymer 'PROTOPORPHYRIN IX CONTAINING FE'
3 water water
#
_entity_poly.entity_id   1
_entity_poly.type   'polypeptide(L)'
_entity_poly.pdbx_seq_one_letter_code
;SKGKLPPVYPVTVPILGHIIQFGKSPLGFMQECKRQLKSGIFTINIVGKRVTIVGDPHEHSRFFLPRNEVLSPREVYSFM
VPVFGEGVAYAAPYPRMREQLNFLAEELTIAKFQNFVPAIQHEVRKFMAANWDKDEGEINLLEDCSTMIINTACQCLFGE
DLRKRLDARRFAQLLAKMESSLIPAAVFLPILLKLPLPQSARCHEARTELQKILSEIIIARKEEEVNKDSSTSDLLSGLL
SAVYRDGTPMSLHEVCGMIVAAMFAGQHTSSITTTWSMLHLMHPANVKHLEALRKEIEEFPAQLNYNNVMDEMPFAERCA
RESIRRDPPLLMLMRKVMADVKVGSYVVPKGDIIACSPLLSHHDEEAFPEPRRWDPERDEKVEGAFIGFGAGVHKCIGQK
FGLLQVKTILATAFRSYDFQLLRDEVPDPDYHTMVVGPTASQCRVKYIRR
;
_entity_poly.pdbx_strand_id   A,B,C,D
#
# COMPACT_ATOMS: atom_id res chain seq x y z
N GLY A 3 18.61 -4.26 3.84
CA GLY A 3 17.77 -4.73 2.62
C GLY A 3 18.26 -4.07 1.35
N LYS A 4 18.22 -4.78 0.23
CA LYS A 4 18.82 -4.30 -0.98
C LYS A 4 17.79 -3.64 -1.93
N LEU A 5 17.86 -2.31 -2.05
CA LEU A 5 16.96 -1.54 -2.97
C LEU A 5 17.45 -1.55 -4.36
N PRO A 6 16.50 -1.45 -5.37
CA PRO A 6 17.00 -1.34 -6.72
C PRO A 6 17.97 -0.12 -6.83
N PRO A 7 18.87 -0.12 -7.80
CA PRO A 7 19.70 1.08 -8.01
C PRO A 7 18.80 2.30 -8.49
N VAL A 8 19.20 3.49 -8.07
CA VAL A 8 18.47 4.71 -8.28
C VAL A 8 19.22 5.55 -9.29
N TYR A 9 18.50 6.03 -10.30
CA TYR A 9 19.18 6.76 -11.35
C TYR A 9 19.53 8.16 -10.73
N PRO A 10 20.76 8.67 -10.98
CA PRO A 10 21.22 9.91 -10.37
C PRO A 10 20.26 11.05 -10.73
N VAL A 11 19.89 11.86 -9.74
CA VAL A 11 19.11 13.07 -9.93
C VAL A 11 19.95 14.34 -10.16
N THR A 12 19.67 15.04 -11.25
CA THR A 12 20.39 16.30 -11.67
C THR A 12 19.55 17.53 -11.28
N VAL A 13 18.25 17.43 -11.58
CA VAL A 13 17.29 18.48 -11.42
C VAL A 13 16.56 18.43 -10.07
N PRO A 14 16.86 19.41 -9.20
CA PRO A 14 16.39 19.52 -7.83
C PRO A 14 15.06 18.88 -7.51
N ILE A 15 13.96 19.60 -7.75
CA ILE A 15 12.64 19.23 -7.27
C ILE A 15 11.72 18.50 -8.33
N LEU A 16 12.14 18.52 -9.59
CA LEU A 16 11.42 17.86 -10.65
C LEU A 16 11.85 16.39 -10.81
N GLY A 17 13.12 16.11 -10.49
CA GLY A 17 13.71 14.78 -10.73
C GLY A 17 13.85 14.43 -12.18
N HIS A 18 13.27 13.31 -12.57
CA HIS A 18 13.50 12.84 -13.91
C HIS A 18 12.34 13.12 -14.83
N ILE A 19 11.32 13.84 -14.35
CA ILE A 19 10.02 13.93 -15.07
C ILE A 19 10.13 14.59 -16.45
N ILE A 20 11.05 15.52 -16.57
CA ILE A 20 11.24 16.18 -17.84
C ILE A 20 12.06 15.32 -18.84
N GLN A 21 13.17 14.76 -18.40
CA GLN A 21 13.91 13.77 -19.22
C GLN A 21 12.99 12.62 -19.70
N PHE A 22 12.19 12.09 -18.78
CA PHE A 22 11.32 10.97 -19.11
C PHE A 22 10.31 11.42 -20.15
N GLY A 23 9.69 12.60 -19.93
CA GLY A 23 8.71 13.12 -20.88
C GLY A 23 9.28 13.40 -22.25
N LYS A 24 10.52 13.88 -22.32
CA LYS A 24 11.07 14.19 -23.64
C LYS A 24 11.23 12.94 -24.48
N SER A 25 11.63 11.81 -23.85
CA SER A 25 11.91 10.59 -24.62
C SER A 25 11.87 9.35 -23.68
N PRO A 26 10.64 8.87 -23.44
CA PRO A 26 10.42 7.89 -22.37
C PRO A 26 11.16 6.63 -22.72
N LEU A 27 11.15 6.20 -23.98
CA LEU A 27 11.85 4.92 -24.32
C LEU A 27 13.36 5.11 -24.15
N GLY A 28 13.85 6.20 -24.74
CA GLY A 28 15.26 6.57 -24.69
C GLY A 28 15.78 6.67 -23.29
N PHE A 29 15.09 7.44 -22.42
CA PHE A 29 15.46 7.65 -21.03
C PHE A 29 15.48 6.30 -20.25
N MET A 30 14.42 5.48 -20.39
CA MET A 30 14.36 4.24 -19.60
C MET A 30 15.43 3.20 -20.04
N GLN A 31 15.72 3.15 -21.33
CA GLN A 31 16.83 2.31 -21.80
C GLN A 31 18.19 2.74 -21.27
N GLU A 32 18.38 4.05 -21.22
CA GLU A 32 19.62 4.60 -20.63
C GLU A 32 19.72 4.26 -19.13
N CYS A 33 18.58 4.24 -18.43
CA CYS A 33 18.62 3.90 -17.09
C CYS A 33 19.08 2.45 -16.89
N LYS A 34 18.49 1.51 -17.64
CA LYS A 34 18.79 0.11 -17.41
C LYS A 34 20.25 -0.24 -17.78
N ARG A 35 20.79 0.42 -18.80
CA ARG A 35 22.23 0.30 -19.17
C ARG A 35 23.15 0.80 -18.10
N GLN A 36 22.99 2.06 -17.68
CA GLN A 36 23.83 2.63 -16.66
C GLN A 36 23.72 1.94 -15.30
N LEU A 37 22.51 1.47 -14.98
CA LEU A 37 22.35 0.93 -13.67
C LEU A 37 22.60 -0.58 -13.62
N LYS A 38 22.87 -1.14 -14.78
CA LYS A 38 23.12 -2.56 -15.02
C LYS A 38 22.02 -3.49 -14.45
N SER A 39 20.74 -3.11 -14.66
CA SER A 39 19.65 -3.74 -13.98
C SER A 39 18.35 -3.36 -14.69
N GLY A 40 17.54 -4.39 -14.98
CA GLY A 40 16.19 -4.15 -15.53
C GLY A 40 15.21 -3.64 -14.48
N ILE A 41 15.57 -3.76 -13.20
CA ILE A 41 14.78 -3.23 -12.14
C ILE A 41 15.55 -2.01 -11.57
N PHE A 42 14.94 -0.84 -11.63
CA PHE A 42 15.64 0.36 -11.16
C PHE A 42 14.65 1.40 -10.68
N THR A 43 15.14 2.47 -10.06
CA THR A 43 14.21 3.42 -9.46
C THR A 43 14.49 4.85 -9.99
N ILE A 44 13.45 5.51 -10.48
CA ILE A 44 13.58 6.93 -10.90
C ILE A 44 12.78 7.82 -9.96
N ASN A 45 12.94 9.13 -10.14
CA ASN A 45 12.43 10.12 -9.23
C ASN A 45 11.49 11.08 -10.03
N ILE A 46 10.20 11.06 -9.71
CA ILE A 46 9.21 11.82 -10.39
C ILE A 46 8.62 12.86 -9.41
N VAL A 47 9.05 14.10 -9.57
CA VAL A 47 8.62 15.17 -8.58
C VAL A 47 8.85 14.69 -7.15
N GLY A 48 10.04 14.15 -6.91
CA GLY A 48 10.38 13.77 -5.57
C GLY A 48 9.90 12.39 -5.20
N LYS A 49 9.09 11.73 -6.05
CA LYS A 49 8.56 10.39 -5.64
C LYS A 49 9.39 9.31 -6.28
N ARG A 50 9.68 8.24 -5.53
CA ARG A 50 10.39 7.06 -6.02
C ARG A 50 9.40 6.21 -6.85
N VAL A 51 9.78 6.00 -8.08
CA VAL A 51 9.00 5.10 -9.01
C VAL A 51 9.95 3.98 -9.35
N THR A 52 9.62 2.76 -8.93
CA THR A 52 10.48 1.63 -9.27
C THR A 52 9.90 0.89 -10.47
N ILE A 53 10.72 0.76 -11.49
CA ILE A 53 10.30 0.19 -12.76
C ILE A 53 10.82 -1.24 -12.88
N VAL A 54 9.89 -2.11 -13.17
CA VAL A 54 10.17 -3.54 -13.39
C VAL A 54 10.33 -3.64 -14.86
N GLY A 55 11.56 -3.39 -15.35
CA GLY A 55 11.87 -3.38 -16.78
C GLY A 55 12.58 -4.63 -17.26
N ASP A 56 12.45 -5.70 -16.50
CA ASP A 56 12.93 -7.04 -16.86
C ASP A 56 11.66 -7.90 -17.09
N PRO A 57 11.46 -8.34 -18.30
CA PRO A 57 10.24 -9.10 -18.65
C PRO A 57 10.16 -10.40 -17.91
N HIS A 58 11.31 -10.92 -17.41
CA HIS A 58 11.21 -12.17 -16.61
C HIS A 58 10.50 -11.98 -15.30
N GLU A 59 10.41 -10.73 -14.79
CA GLU A 59 9.77 -10.45 -13.54
C GLU A 59 8.40 -9.80 -13.68
N HIS A 60 7.80 -9.82 -14.88
CA HIS A 60 6.47 -9.17 -15.08
C HIS A 60 5.47 -9.72 -14.11
N SER A 61 5.54 -11.03 -13.80
CA SER A 61 4.54 -11.61 -12.89
C SER A 61 4.49 -10.97 -11.51
N ARG A 62 5.64 -10.48 -11.02
CA ARG A 62 5.64 -9.76 -9.75
C ARG A 62 4.95 -8.42 -9.73
N PHE A 63 4.69 -7.83 -10.88
CA PHE A 63 3.84 -6.58 -10.98
C PHE A 63 2.35 -6.97 -11.18
N PHE A 64 2.08 -7.92 -12.07
CA PHE A 64 0.68 -8.25 -12.47
C PHE A 64 -0.11 -9.14 -11.59
N LEU A 65 0.58 -10.06 -10.87
CA LEU A 65 -0.18 -11.06 -10.05
C LEU A 65 -0.45 -10.75 -8.59
N PRO A 66 0.38 -9.95 -7.88
CA PRO A 66 0.02 -9.68 -6.53
C PRO A 66 -1.35 -9.07 -6.33
N ARG A 67 -2.01 -9.46 -5.25
CA ARG A 67 -3.33 -8.98 -4.91
C ARG A 67 -3.32 -7.47 -4.64
N ASN A 68 -4.51 -6.85 -4.72
CA ASN A 68 -4.61 -5.38 -4.56
C ASN A 68 -4.15 -4.87 -3.20
N GLU A 69 -4.33 -5.69 -2.14
CA GLU A 69 -3.86 -5.31 -0.80
C GLU A 69 -2.35 -5.20 -0.71
N VAL A 70 -1.65 -5.79 -1.68
CA VAL A 70 -0.20 -5.68 -1.77
C VAL A 70 0.24 -4.62 -2.82
N LEU A 71 -0.30 -4.73 -4.05
CA LEU A 71 -0.02 -3.72 -5.09
C LEU A 71 -1.35 -3.04 -5.49
N SER A 72 -1.51 -1.78 -5.06
CA SER A 72 -2.84 -1.18 -5.07
C SER A 72 -3.02 -0.27 -6.29
N PRO A 73 -4.15 -0.36 -6.99
CA PRO A 73 -4.43 0.58 -8.09
C PRO A 73 -5.12 1.86 -7.66
N ARG A 74 -5.70 1.88 -6.48
CA ARG A 74 -6.50 3.05 -6.04
C ARG A 74 -5.77 4.39 -6.17
N GLU A 75 -4.61 4.52 -5.51
CA GLU A 75 -3.87 5.80 -5.49
C GLU A 75 -3.44 6.18 -6.88
N VAL A 76 -3.11 5.20 -7.71
CA VAL A 76 -2.64 5.50 -9.06
C VAL A 76 -3.77 6.03 -9.96
N TYR A 77 -5.01 5.59 -9.70
CA TYR A 77 -6.11 6.06 -10.50
C TYR A 77 -6.88 7.21 -9.86
N SER A 78 -6.35 7.79 -8.77
CA SER A 78 -7.18 8.79 -8.01
C SER A 78 -7.37 10.02 -8.84
N PHE A 79 -6.41 10.37 -9.71
CA PHE A 79 -6.60 11.54 -10.63
C PHE A 79 -7.83 11.35 -11.59
N MET A 80 -8.36 10.13 -11.69
CA MET A 80 -9.53 9.84 -12.59
C MET A 80 -10.85 9.82 -11.79
N VAL A 81 -10.77 10.09 -10.49
CA VAL A 81 -11.99 10.15 -9.65
C VAL A 81 -13.07 11.18 -10.17
N PRO A 82 -12.64 12.34 -10.66
CA PRO A 82 -13.63 13.27 -11.22
C PRO A 82 -14.38 12.69 -12.43
N VAL A 83 -13.78 11.72 -13.13
CA VAL A 83 -14.39 11.18 -14.37
C VAL A 83 -15.23 9.95 -14.00
N PHE A 84 -14.62 9.01 -13.29
CA PHE A 84 -15.35 7.77 -12.92
C PHE A 84 -16.42 8.09 -11.88
N GLY A 85 -16.13 9.05 -10.97
CA GLY A 85 -17.07 9.35 -9.90
C GLY A 85 -16.60 8.90 -8.52
N GLU A 86 -16.94 9.63 -7.45
CA GLU A 86 -16.38 9.26 -6.13
C GLU A 86 -16.93 7.89 -5.74
N GLY A 87 -16.09 7.00 -5.22
CA GLY A 87 -16.52 5.64 -4.80
C GLY A 87 -16.86 4.66 -5.90
N VAL A 88 -16.37 4.94 -7.13
CA VAL A 88 -16.69 4.11 -8.28
C VAL A 88 -15.37 3.56 -8.80
N ALA A 89 -15.41 2.33 -9.27
CA ALA A 89 -14.25 1.59 -9.81
C ALA A 89 -13.09 1.63 -8.75
N TYR A 90 -11.90 2.11 -9.13
CA TYR A 90 -10.72 2.02 -8.21
C TYR A 90 -10.89 2.76 -6.90
N ALA A 91 -11.80 3.73 -6.87
CA ALA A 91 -12.12 4.46 -5.62
C ALA A 91 -13.02 3.66 -4.65
N ALA A 92 -13.69 2.62 -5.15
CA ALA A 92 -14.53 1.78 -4.26
C ALA A 92 -13.62 0.78 -3.47
N PRO A 93 -14.13 0.25 -2.33
CA PRO A 93 -13.40 -0.83 -1.68
C PRO A 93 -13.16 -1.98 -2.69
N TYR A 94 -12.05 -2.72 -2.58
CA TYR A 94 -11.64 -3.59 -3.71
C TYR A 94 -12.69 -4.66 -4.08
N PRO A 95 -13.40 -5.19 -3.05
CA PRO A 95 -14.43 -6.14 -3.49
C PRO A 95 -15.52 -5.51 -4.34
N ARG A 96 -15.95 -4.33 -3.98
CA ARG A 96 -16.98 -3.67 -4.72
C ARG A 96 -16.43 -3.17 -6.08
N MET A 97 -15.18 -2.67 -6.05
CA MET A 97 -14.47 -2.36 -7.33
C MET A 97 -14.55 -3.56 -8.28
N ARG A 98 -14.21 -4.76 -7.78
CA ARG A 98 -14.23 -5.95 -8.65
C ARG A 98 -15.60 -6.31 -9.15
N GLU A 99 -16.63 -6.15 -8.32
CA GLU A 99 -17.98 -6.42 -8.83
C GLU A 99 -18.37 -5.50 -9.98
N GLN A 100 -18.05 -4.22 -9.86
CA GLN A 100 -18.41 -3.26 -10.89
C GLN A 100 -17.68 -3.64 -12.21
N LEU A 101 -16.39 -3.97 -12.08
CA LEU A 101 -15.57 -4.28 -13.28
C LEU A 101 -16.14 -5.51 -13.94
N ASN A 102 -16.53 -6.53 -13.13
CA ASN A 102 -17.19 -7.73 -13.65
C ASN A 102 -18.46 -7.42 -14.36
N PHE A 103 -19.27 -6.46 -13.88
CA PHE A 103 -20.51 -6.15 -14.57
C PHE A 103 -20.21 -5.60 -15.96
N LEU A 104 -19.18 -4.76 -16.03
CA LEU A 104 -18.81 -4.20 -17.34
C LEU A 104 -18.34 -5.37 -18.23
N ALA A 105 -17.50 -6.23 -17.68
CA ALA A 105 -16.95 -7.33 -18.50
C ALA A 105 -18.09 -8.18 -19.04
N GLU A 106 -19.11 -8.39 -18.23
CA GLU A 106 -20.24 -9.20 -18.63
C GLU A 106 -21.15 -8.53 -19.65
N GLU A 107 -20.86 -7.28 -20.03
CA GLU A 107 -21.57 -6.60 -21.12
C GLU A 107 -20.80 -6.75 -22.41
N LEU A 108 -19.66 -7.41 -22.29
CA LEU A 108 -18.82 -7.68 -23.44
C LEU A 108 -18.69 -9.26 -23.57
N THR A 109 -19.82 -9.98 -23.53
CA THR A 109 -19.75 -11.45 -23.63
C THR A 109 -19.61 -11.80 -25.15
N ILE A 110 -19.30 -13.07 -25.42
CA ILE A 110 -19.24 -13.62 -26.76
C ILE A 110 -20.57 -13.51 -27.41
N ALA A 111 -21.66 -13.70 -26.64
CA ALA A 111 -23.05 -13.63 -27.15
C ALA A 111 -23.44 -12.26 -27.70
N LYS A 112 -22.93 -11.23 -27.03
CA LYS A 112 -23.11 -9.88 -27.55
C LYS A 112 -22.42 -9.74 -28.86
N PHE A 113 -21.29 -10.43 -29.05
CA PHE A 113 -20.44 -10.16 -30.24
C PHE A 113 -21.10 -10.56 -31.55
N GLN A 114 -21.94 -11.59 -31.49
CA GLN A 114 -22.80 -12.01 -32.66
C GLN A 114 -23.52 -10.87 -33.39
N ASN A 115 -24.11 -9.94 -32.65
CA ASN A 115 -24.69 -8.73 -33.24
C ASN A 115 -23.73 -7.59 -33.50
N PHE A 116 -22.65 -7.56 -32.73
CA PHE A 116 -21.71 -6.46 -32.89
C PHE A 116 -21.12 -6.43 -34.28
N VAL A 117 -20.77 -7.61 -34.82
CA VAL A 117 -20.06 -7.56 -36.12
C VAL A 117 -20.73 -6.76 -37.21
N PRO A 118 -22.02 -7.09 -37.53
CA PRO A 118 -22.74 -6.33 -38.56
C PRO A 118 -23.06 -4.87 -38.19
N ALA A 119 -23.21 -4.55 -36.91
CA ALA A 119 -23.37 -3.15 -36.47
C ALA A 119 -22.08 -2.37 -36.72
N ILE A 120 -20.95 -2.94 -36.29
CA ILE A 120 -19.61 -2.33 -36.62
C ILE A 120 -19.44 -2.11 -38.09
N GLN A 121 -19.67 -3.19 -38.89
CA GLN A 121 -19.42 -3.04 -40.34
C GLN A 121 -20.31 -2.06 -41.03
N HIS A 122 -21.56 -2.01 -40.58
CA HIS A 122 -22.50 -0.93 -40.99
C HIS A 122 -22.00 0.47 -40.76
N GLU A 123 -21.57 0.80 -39.53
CA GLU A 123 -20.99 2.08 -39.29
C GLU A 123 -19.71 2.36 -40.10
N VAL A 124 -18.88 1.35 -40.27
CA VAL A 124 -17.64 1.56 -41.07
C VAL A 124 -18.01 1.93 -42.54
N ARG A 125 -18.87 1.11 -43.13
CA ARG A 125 -19.30 1.37 -44.53
C ARG A 125 -20.00 2.67 -44.65
N LYS A 126 -20.83 3.04 -43.68
CA LYS A 126 -21.48 4.37 -43.75
C LYS A 126 -20.46 5.50 -43.69
N PHE A 127 -19.41 5.33 -42.86
CA PHE A 127 -18.38 6.33 -42.79
C PHE A 127 -17.59 6.42 -44.14
N MET A 128 -17.27 5.28 -44.71
CA MET A 128 -16.47 5.26 -45.95
C MET A 128 -17.25 5.86 -47.17
N ALA A 129 -18.55 5.61 -47.19
CA ALA A 129 -19.44 6.17 -48.20
C ALA A 129 -19.60 7.67 -48.10
N ALA A 130 -19.72 8.22 -46.89
CA ALA A 130 -19.69 9.64 -46.75
C ALA A 130 -18.33 10.30 -46.99
N ASN A 131 -17.22 9.71 -46.54
CA ASN A 131 -15.95 10.44 -46.49
C ASN A 131 -14.87 10.00 -47.47
N TRP A 132 -14.91 8.74 -47.88
CA TRP A 132 -13.91 8.16 -48.82
C TRP A 132 -14.72 7.84 -50.09
N ASP A 133 -15.35 8.88 -50.64
CA ASP A 133 -16.38 8.70 -51.65
C ASP A 133 -15.89 8.85 -53.10
N LYS A 134 -14.63 9.18 -53.31
CA LYS A 134 -14.19 9.22 -54.70
C LYS A 134 -13.26 8.15 -55.11
N ASP A 135 -12.73 8.30 -56.33
CA ASP A 135 -11.71 7.40 -56.83
C ASP A 135 -10.50 7.35 -55.95
N GLU A 136 -10.08 8.53 -55.50
CA GLU A 136 -8.95 8.69 -54.57
C GLU A 136 -9.05 10.03 -53.87
N GLY A 137 -8.40 10.15 -52.70
CA GLY A 137 -8.41 11.41 -52.01
C GLY A 137 -7.49 11.31 -50.83
N GLU A 138 -7.28 12.41 -50.17
CA GLU A 138 -6.35 12.53 -49.07
C GLU A 138 -7.17 12.69 -47.79
N ILE A 139 -6.72 11.99 -46.71
CA ILE A 139 -7.42 12.02 -45.43
C ILE A 139 -6.44 12.03 -44.32
N ASN A 140 -6.88 12.40 -43.12
CA ASN A 140 -6.06 12.15 -41.93
C ASN A 140 -6.55 10.87 -41.30
N LEU A 141 -5.74 9.82 -41.43
CA LEU A 141 -6.17 8.48 -41.02
C LEU A 141 -6.44 8.38 -39.51
N LEU A 142 -5.67 9.11 -38.69
CA LEU A 142 -5.87 9.00 -37.25
C LEU A 142 -7.18 9.65 -36.91
N GLU A 143 -7.48 10.78 -37.53
CA GLU A 143 -8.74 11.41 -37.22
C GLU A 143 -9.91 10.53 -37.68
N ASP A 144 -9.80 9.98 -38.87
CA ASP A 144 -10.94 9.12 -39.41
C ASP A 144 -11.10 7.81 -38.63
N CYS A 145 -10.00 7.16 -38.25
CA CYS A 145 -10.09 5.94 -37.36
C CYS A 145 -10.74 6.27 -36.01
N SER A 146 -10.38 7.41 -35.42
CA SER A 146 -10.99 7.84 -34.18
C SER A 146 -12.50 8.01 -34.38
N THR A 147 -12.91 8.69 -35.49
CA THR A 147 -14.37 8.81 -35.82
C THR A 147 -15.07 7.51 -35.97
N MET A 148 -14.49 6.63 -36.78
CA MET A 148 -15.08 5.29 -36.91
C MET A 148 -15.21 4.53 -35.63
N ILE A 149 -14.18 4.60 -34.77
CA ILE A 149 -14.23 3.93 -33.47
C ILE A 149 -15.30 4.48 -32.55
N ILE A 150 -15.47 5.81 -32.49
CA ILE A 150 -16.57 6.25 -31.62
C ILE A 150 -17.93 5.81 -32.21
N ASN A 151 -18.06 5.88 -33.53
CA ASN A 151 -19.35 5.46 -34.12
C ASN A 151 -19.58 3.97 -33.92
N THR A 152 -18.55 3.14 -34.14
CA THR A 152 -18.75 1.67 -34.00
C THR A 152 -19.03 1.28 -32.59
N ALA A 153 -18.26 1.81 -31.65
CA ALA A 153 -18.49 1.46 -30.25
C ALA A 153 -19.94 1.83 -29.78
N CYS A 154 -20.40 3.03 -30.15
CA CYS A 154 -21.75 3.51 -29.76
C CYS A 154 -22.84 2.66 -30.40
N GLN A 155 -22.66 2.32 -31.68
CA GLN A 155 -23.57 1.37 -32.35
C GLN A 155 -23.68 0.01 -31.66
N CYS A 156 -22.58 -0.50 -31.12
CA CYS A 156 -22.59 -1.74 -30.30
C CYS A 156 -23.19 -1.56 -28.93
N LEU A 157 -22.75 -0.51 -28.23
CA LEU A 157 -23.03 -0.42 -26.82
C LEU A 157 -24.34 0.33 -26.47
N PHE A 158 -24.79 1.22 -27.34
CA PHE A 158 -25.94 2.09 -26.96
C PHE A 158 -27.11 1.87 -27.97
N GLY A 159 -28.32 1.79 -27.44
CA GLY A 159 -29.51 1.68 -28.25
C GLY A 159 -29.71 2.91 -29.09
N GLU A 160 -30.58 2.75 -30.10
CA GLU A 160 -30.80 3.85 -31.03
C GLU A 160 -31.27 5.16 -30.34
N ASP A 161 -32.16 4.99 -29.38
CA ASP A 161 -32.69 6.13 -28.58
C ASP A 161 -31.61 6.92 -27.83
N LEU A 162 -30.65 6.21 -27.28
CA LEU A 162 -29.53 6.83 -26.58
C LEU A 162 -28.64 7.49 -27.62
N ARG A 163 -28.37 6.81 -28.74
CA ARG A 163 -27.55 7.39 -29.80
C ARG A 163 -28.16 8.65 -30.40
N LYS A 164 -29.49 8.73 -30.50
CA LYS A 164 -30.09 9.94 -31.02
C LYS A 164 -29.87 11.10 -30.07
N ARG A 165 -30.12 10.90 -28.78
CA ARG A 165 -29.99 11.95 -27.80
C ARG A 165 -28.55 12.35 -27.58
N LEU A 166 -27.66 11.36 -27.66
CA LEU A 166 -26.27 11.50 -27.35
C LEU A 166 -25.55 10.97 -28.57
N ASP A 167 -25.59 11.71 -29.67
CA ASP A 167 -24.95 11.21 -30.89
C ASP A 167 -23.42 11.25 -30.70
N ALA A 168 -22.69 10.53 -31.56
CA ALA A 168 -21.23 10.47 -31.49
C ALA A 168 -20.54 11.84 -31.30
N ARG A 169 -21.00 12.86 -32.04
CA ARG A 169 -20.55 14.26 -31.87
C ARG A 169 -20.77 14.83 -30.45
N ARG A 170 -21.96 14.64 -29.87
CA ARG A 170 -22.28 15.22 -28.55
C ARG A 170 -21.53 14.43 -27.47
N PHE A 171 -21.44 13.13 -27.65
CA PHE A 171 -20.78 12.24 -26.70
C PHE A 171 -19.27 12.58 -26.75
N ALA A 172 -18.66 12.60 -27.96
CA ALA A 172 -17.28 13.13 -28.05
C ALA A 172 -16.96 14.49 -27.36
N GLN A 173 -17.74 15.54 -27.63
CA GLN A 173 -17.61 16.79 -26.91
C GLN A 173 -17.61 16.63 -25.36
N LEU A 174 -18.58 15.85 -24.82
CA LEU A 174 -18.70 15.68 -23.39
C LEU A 174 -17.50 14.95 -22.84
N LEU A 175 -17.04 13.93 -23.60
CA LEU A 175 -15.95 13.12 -23.15
C LEU A 175 -14.68 13.95 -23.21
N ALA A 176 -14.55 14.74 -24.28
CA ALA A 176 -13.35 15.64 -24.45
C ALA A 176 -13.26 16.65 -23.28
N LYS A 177 -14.41 17.16 -22.84
CA LYS A 177 -14.50 18.06 -21.73
C LYS A 177 -14.00 17.36 -20.44
N MET A 178 -14.51 16.15 -20.19
CA MET A 178 -13.96 15.37 -19.11
C MET A 178 -12.47 15.13 -19.28
N GLU A 179 -12.05 14.62 -20.43
CA GLU A 179 -10.65 14.30 -20.68
C GLU A 179 -9.68 15.53 -20.46
N SER A 180 -10.11 16.74 -20.88
CA SER A 180 -9.23 17.91 -20.79
C SER A 180 -9.12 18.36 -19.37
N SER A 181 -9.86 17.76 -18.44
CA SER A 181 -9.70 17.97 -17.04
C SER A 181 -8.67 17.13 -16.22
N LEU A 182 -8.15 16.05 -16.81
CA LEU A 182 -7.27 15.12 -16.11
C LEU A 182 -5.82 15.64 -16.04
N ILE A 183 -5.24 15.49 -14.87
CA ILE A 183 -3.82 15.73 -14.68
C ILE A 183 -3.19 14.50 -14.08
N PRO A 184 -2.65 13.59 -14.95
CA PRO A 184 -2.00 12.35 -14.46
C PRO A 184 -0.86 12.68 -13.44
N ALA A 185 -0.22 13.85 -13.57
CA ALA A 185 0.88 14.21 -12.65
C ALA A 185 0.39 14.31 -11.20
N ALA A 186 -0.94 14.41 -10.99
CA ALA A 186 -1.54 14.36 -9.65
C ALA A 186 -1.21 13.09 -8.88
N VAL A 187 -0.86 12.01 -9.58
CA VAL A 187 -0.38 10.79 -8.92
C VAL A 187 0.93 11.12 -8.13
N PHE A 188 1.76 12.03 -8.66
CA PHE A 188 3.07 12.32 -8.01
C PHE A 188 3.00 13.60 -7.21
N LEU A 189 1.99 14.43 -7.47
CA LEU A 189 1.77 15.70 -6.73
C LEU A 189 0.35 15.68 -6.22
N PRO A 190 0.10 14.91 -5.16
CA PRO A 190 -1.25 14.62 -4.78
C PRO A 190 -1.97 15.79 -4.10
N ILE A 191 -1.24 16.83 -3.74
CA ILE A 191 -1.88 18.10 -3.35
C ILE A 191 -2.89 18.58 -4.41
N LEU A 192 -2.60 18.27 -5.69
CA LEU A 192 -3.48 18.63 -6.82
C LEU A 192 -4.83 18.02 -6.75
N LEU A 193 -4.98 16.93 -5.97
CA LEU A 193 -6.24 16.27 -5.84
C LEU A 193 -7.11 17.07 -4.89
N LYS A 194 -6.49 17.93 -4.09
CA LYS A 194 -7.23 18.69 -3.11
C LYS A 194 -7.40 20.16 -3.53
N LEU A 195 -6.54 20.68 -4.37
CA LEU A 195 -6.64 22.06 -4.74
C LEU A 195 -7.90 22.39 -5.50
N PRO A 196 -8.29 23.67 -5.43
CA PRO A 196 -9.37 24.15 -6.33
C PRO A 196 -8.75 24.26 -7.74
N LEU A 197 -9.34 23.54 -8.69
CA LEU A 197 -8.90 23.65 -10.07
C LEU A 197 -10.10 23.99 -10.95
N PRO A 198 -9.91 24.88 -11.95
CA PRO A 198 -10.98 25.13 -12.90
C PRO A 198 -11.35 23.79 -13.67
N GLN A 199 -10.33 23.00 -13.94
CA GLN A 199 -10.45 21.59 -14.47
C GLN A 199 -11.56 20.79 -13.80
N SER A 200 -11.53 20.73 -12.47
CA SER A 200 -12.46 19.97 -11.61
C SER A 200 -13.92 20.29 -11.86
N ALA A 201 -14.19 21.60 -11.95
CA ALA A 201 -15.51 22.09 -12.25
C ALA A 201 -15.99 21.79 -13.68
N ARG A 202 -15.13 21.97 -14.69
CA ARG A 202 -15.54 21.59 -16.04
C ARG A 202 -15.87 20.07 -16.07
N CYS A 203 -15.03 19.27 -15.46
CA CYS A 203 -15.28 17.83 -15.45
C CYS A 203 -16.64 17.47 -14.82
N HIS A 204 -16.92 18.05 -13.65
CA HIS A 204 -18.17 17.77 -12.93
C HIS A 204 -19.38 18.18 -13.74
N GLU A 205 -19.29 19.32 -14.43
CA GLU A 205 -20.37 19.79 -15.31
C GLU A 205 -20.72 18.75 -16.39
N ALA A 206 -19.69 18.28 -17.09
CA ALA A 206 -19.84 17.33 -18.24
C ALA A 206 -20.38 15.96 -17.73
N ARG A 207 -19.77 15.44 -16.67
CA ARG A 207 -20.28 14.18 -16.07
C ARG A 207 -21.76 14.30 -15.61
N THR A 208 -22.12 15.41 -14.96
CA THR A 208 -23.51 15.67 -14.57
C THR A 208 -24.46 15.74 -15.79
N GLU A 209 -24.00 16.37 -16.87
CA GLU A 209 -24.81 16.43 -18.11
C GLU A 209 -25.03 15.03 -18.68
N LEU A 210 -23.99 14.21 -18.66
CA LEU A 210 -24.08 12.86 -19.16
C LEU A 210 -25.06 12.07 -18.31
N GLN A 211 -24.92 12.18 -16.98
CA GLN A 211 -25.78 11.43 -16.08
C GLN A 211 -27.25 11.89 -16.23
N LYS A 212 -27.48 13.18 -16.46
CA LYS A 212 -28.79 13.72 -16.75
C LYS A 212 -29.39 13.10 -17.98
N ILE A 213 -28.60 13.04 -19.06
CA ILE A 213 -29.08 12.41 -20.31
C ILE A 213 -29.40 10.97 -20.12
N LEU A 214 -28.57 10.26 -19.37
CA LEU A 214 -28.90 8.87 -19.07
C LEU A 214 -30.21 8.69 -18.26
N SER A 215 -30.41 9.53 -17.28
CA SER A 215 -31.67 9.40 -16.50
C SER A 215 -32.86 9.69 -17.42
N GLU A 216 -32.72 10.61 -18.38
CA GLU A 216 -33.76 11.00 -19.29
C GLU A 216 -34.09 9.92 -20.29
N ILE A 217 -33.07 9.17 -20.71
CA ILE A 217 -33.22 8.04 -21.61
C ILE A 217 -33.93 6.92 -20.90
N ILE A 218 -33.58 6.68 -19.64
CA ILE A 218 -34.18 5.65 -18.84
C ILE A 218 -35.72 5.95 -18.71
N ILE A 219 -36.01 7.22 -18.44
CA ILE A 219 -37.46 7.62 -18.33
C ILE A 219 -38.20 7.44 -19.69
N ALA A 220 -37.56 7.94 -20.78
CA ALA A 220 -38.10 7.72 -22.11
C ALA A 220 -38.31 6.22 -22.47
N ARG A 221 -37.37 5.38 -22.03
CA ARG A 221 -37.53 3.92 -22.23
C ARG A 221 -38.71 3.32 -21.52
N LYS A 222 -38.96 3.80 -20.31
CA LYS A 222 -40.09 3.31 -19.54
C LYS A 222 -41.36 3.62 -20.32
N GLU A 223 -41.41 4.81 -20.92
CA GLU A 223 -42.57 5.31 -21.70
C GLU A 223 -42.80 4.41 -22.90
N GLU A 224 -41.74 4.11 -23.64
CA GLU A 224 -41.89 3.27 -24.83
C GLU A 224 -42.33 1.87 -24.44
N GLU A 225 -41.87 1.38 -23.27
CA GLU A 225 -42.29 0.04 -22.84
C GLU A 225 -43.79 -0.03 -22.51
N VAL A 226 -44.29 1.02 -21.88
CA VAL A 226 -45.72 1.18 -21.61
C VAL A 226 -46.55 1.33 -22.88
N ASN A 227 -46.14 2.25 -23.77
CA ASN A 227 -46.96 2.81 -24.86
C ASN A 227 -47.09 1.83 -26.00
N LYS A 228 -46.02 1.12 -26.26
CA LYS A 228 -46.05 -0.03 -27.15
C LYS A 228 -45.22 -1.13 -26.47
N ASP A 229 -44.75 -2.12 -27.22
CA ASP A 229 -43.69 -2.89 -26.62
C ASP A 229 -42.43 -2.05 -26.86
N SER A 230 -41.34 -2.44 -26.20
CA SER A 230 -40.08 -1.69 -26.28
C SER A 230 -39.03 -2.23 -25.32
N SER A 231 -38.60 -3.47 -25.51
CA SER A 231 -37.31 -3.83 -24.97
C SER A 231 -36.30 -2.96 -25.79
N THR A 232 -35.38 -2.27 -25.13
CA THR A 232 -34.14 -1.86 -25.80
C THR A 232 -33.10 -2.46 -24.89
N SER A 233 -32.29 -3.39 -25.40
CA SER A 233 -31.22 -4.04 -24.59
C SER A 233 -29.82 -3.57 -25.06
N ASP A 234 -29.08 -2.89 -24.17
CA ASP A 234 -27.78 -2.33 -24.49
C ASP A 234 -26.91 -2.30 -23.22
N LEU A 235 -25.76 -1.66 -23.30
CA LEU A 235 -24.91 -1.56 -22.15
C LEU A 235 -25.62 -0.86 -20.98
N LEU A 236 -26.39 0.17 -21.27
CA LEU A 236 -27.04 0.94 -20.21
C LEU A 236 -28.07 0.00 -19.47
N SER A 237 -28.91 -0.68 -20.23
CA SER A 237 -29.94 -1.59 -19.62
C SER A 237 -29.28 -2.74 -18.92
N GLY A 238 -28.17 -3.28 -19.46
CA GLY A 238 -27.43 -4.38 -18.83
C GLY A 238 -26.88 -3.97 -17.48
N LEU A 239 -26.24 -2.80 -17.43
CA LEU A 239 -25.71 -2.37 -16.17
C LEU A 239 -26.75 -2.00 -15.10
N LEU A 240 -27.85 -1.38 -15.53
CA LEU A 240 -29.00 -1.12 -14.64
C LEU A 240 -29.61 -2.46 -14.10
N SER A 241 -29.49 -3.57 -14.82
CA SER A 241 -30.04 -4.84 -14.33
C SER A 241 -29.09 -5.59 -13.37
N ALA A 242 -27.91 -5.03 -13.16
CA ALA A 242 -26.90 -5.65 -12.33
C ALA A 242 -27.25 -5.52 -10.86
N VAL A 243 -26.92 -6.56 -10.13
CA VAL A 243 -27.20 -6.58 -8.69
C VAL A 243 -25.98 -7.11 -7.95
N TYR A 244 -25.49 -6.37 -6.97
CA TYR A 244 -24.31 -6.76 -6.20
C TYR A 244 -24.61 -7.97 -5.30
N ARG A 245 -23.59 -8.66 -4.82
CA ARG A 245 -23.78 -9.76 -3.84
C ARG A 245 -24.54 -9.26 -2.57
N ASP A 246 -24.29 -8.02 -2.20
CA ASP A 246 -25.01 -7.23 -1.21
C ASP A 246 -26.52 -7.38 -1.34
N GLY A 247 -26.96 -7.88 -2.51
CA GLY A 247 -28.35 -7.76 -2.91
C GLY A 247 -28.79 -6.45 -3.58
N THR A 248 -27.97 -5.38 -3.46
CA THR A 248 -28.33 -4.04 -3.94
C THR A 248 -27.99 -3.79 -5.43
N PRO A 249 -28.73 -2.87 -6.10
CA PRO A 249 -28.46 -2.67 -7.51
C PRO A 249 -27.47 -1.54 -7.64
N MET A 250 -26.89 -1.42 -8.82
CA MET A 250 -26.00 -0.32 -9.15
C MET A 250 -26.72 1.00 -9.15
N SER A 251 -26.15 2.05 -8.58
CA SER A 251 -26.73 3.37 -8.67
C SER A 251 -26.54 3.97 -10.08
N LEU A 252 -27.43 4.85 -10.48
CA LEU A 252 -27.15 5.63 -11.69
C LEU A 252 -25.72 6.23 -11.64
N HIS A 253 -25.31 6.82 -10.51
CA HIS A 253 -23.95 7.36 -10.41
C HIS A 253 -22.92 6.31 -10.86
N GLU A 254 -23.09 5.04 -10.42
CA GLU A 254 -22.09 4.04 -10.66
C GLU A 254 -22.21 3.59 -12.13
N VAL A 255 -23.45 3.54 -12.62
CA VAL A 255 -23.68 3.13 -14.02
C VAL A 255 -23.01 4.18 -14.95
N CYS A 256 -23.19 5.45 -14.62
CA CYS A 256 -22.64 6.51 -15.47
C CYS A 256 -21.11 6.34 -15.44
N GLY A 257 -20.51 6.17 -14.24
CA GLY A 257 -19.03 5.99 -14.10
C GLY A 257 -18.48 4.81 -14.89
N MET A 258 -19.23 3.69 -14.94
CA MET A 258 -18.76 2.54 -15.68
C MET A 258 -18.82 2.72 -17.20
N ILE A 259 -19.83 3.44 -17.66
CA ILE A 259 -19.90 3.81 -19.07
C ILE A 259 -18.70 4.75 -19.41
N VAL A 260 -18.48 5.76 -18.57
CA VAL A 260 -17.35 6.62 -18.78
C VAL A 260 -16.04 5.83 -18.78
N ALA A 261 -15.88 4.91 -17.85
CA ALA A 261 -14.71 4.10 -17.74
C ALA A 261 -14.46 3.34 -19.03
N ALA A 262 -15.53 2.83 -19.62
CA ALA A 262 -15.43 2.04 -20.86
C ALA A 262 -15.00 2.93 -22.02
N MET A 263 -15.52 4.16 -22.09
CA MET A 263 -15.09 5.13 -23.20
C MET A 263 -13.66 5.55 -23.04
N PHE A 264 -13.27 5.94 -21.81
CA PHE A 264 -11.82 6.28 -21.57
C PHE A 264 -10.85 5.12 -21.78
N ALA A 265 -11.27 3.91 -21.45
CA ALA A 265 -10.36 2.76 -21.63
C ALA A 265 -10.24 2.37 -23.09
N GLY A 266 -11.32 2.51 -23.84
CA GLY A 266 -11.34 1.81 -25.15
C GLY A 266 -11.33 2.67 -26.41
N GLN A 267 -11.55 3.99 -26.29
CA GLN A 267 -11.74 4.82 -27.46
C GLN A 267 -10.39 5.14 -28.12
N HIS A 268 -9.52 5.85 -27.39
CA HIS A 268 -8.18 6.17 -28.01
C HIS A 268 -7.34 4.91 -28.21
N THR A 269 -7.36 3.97 -27.29
CA THR A 269 -6.55 2.74 -27.52
C THR A 269 -6.96 2.06 -28.81
N SER A 270 -8.29 1.84 -29.02
CA SER A 270 -8.76 1.12 -30.19
C SER A 270 -8.47 1.90 -31.49
N SER A 271 -8.70 3.21 -31.47
CA SER A 271 -8.52 3.94 -32.74
C SER A 271 -6.97 3.99 -33.12
N ILE A 272 -6.13 4.16 -32.12
CA ILE A 272 -4.68 4.20 -32.32
C ILE A 272 -4.20 2.83 -32.84
N THR A 273 -4.73 1.74 -32.25
CA THR A 273 -4.31 0.44 -32.72
C THR A 273 -4.72 0.26 -34.17
N THR A 274 -5.93 0.70 -34.53
CA THR A 274 -6.39 0.58 -35.90
C THR A 274 -5.44 1.40 -36.81
N THR A 275 -5.22 2.64 -36.39
CA THR A 275 -4.42 3.58 -37.21
C THR A 275 -3.03 2.99 -37.46
N TRP A 276 -2.31 2.59 -36.42
CA TRP A 276 -0.94 2.05 -36.60
C TRP A 276 -1.00 0.82 -37.54
N SER A 277 -1.99 -0.09 -37.27
CA SER A 277 -2.10 -1.29 -38.12
C SER A 277 -2.23 -0.94 -39.59
N MET A 278 -3.03 0.07 -39.89
CA MET A 278 -3.22 0.47 -41.25
C MET A 278 -1.95 1.12 -41.81
N LEU A 279 -1.35 2.00 -41.05
CA LEU A 279 -0.08 2.65 -41.49
C LEU A 279 0.96 1.59 -41.83
N HIS A 280 1.18 0.61 -40.95
CA HIS A 280 2.15 -0.42 -41.25
C HIS A 280 1.75 -1.20 -42.48
N LEU A 281 0.49 -1.59 -42.60
CA LEU A 281 0.08 -2.54 -43.67
C LEU A 281 0.18 -1.83 -45.05
N MET A 282 0.06 -0.51 -45.11
CA MET A 282 0.11 0.18 -46.41
C MET A 282 1.54 0.55 -46.81
N HIS A 283 2.47 0.43 -45.86
CA HIS A 283 3.92 0.78 -46.16
C HIS A 283 4.48 -0.31 -47.10
N PRO A 284 5.23 0.11 -48.14
CA PRO A 284 5.75 -0.85 -49.12
C PRO A 284 6.56 -1.98 -48.50
N ALA A 285 7.28 -1.74 -47.37
CA ALA A 285 8.11 -2.74 -46.80
C ALA A 285 7.28 -3.96 -46.33
N ASN A 286 5.99 -3.70 -46.07
CA ASN A 286 5.11 -4.73 -45.53
C ASN A 286 4.15 -5.34 -46.49
N VAL A 287 4.46 -5.25 -47.80
CA VAL A 287 3.59 -5.76 -48.83
C VAL A 287 3.17 -7.21 -48.63
N LYS A 288 4.09 -8.03 -48.18
CA LYS A 288 3.78 -9.48 -47.92
C LYS A 288 2.72 -9.67 -46.83
N HIS A 289 2.80 -8.81 -45.81
CA HIS A 289 1.77 -8.82 -44.70
C HIS A 289 0.40 -8.35 -45.21
N LEU A 290 0.37 -7.29 -46.00
CA LEU A 290 -0.84 -6.86 -46.62
C LEU A 290 -1.43 -7.96 -47.51
N GLU A 291 -0.58 -8.64 -48.28
CA GLU A 291 -1.03 -9.83 -49.02
C GLU A 291 -1.62 -10.90 -48.07
N ALA A 292 -0.94 -11.21 -46.98
CA ALA A 292 -1.47 -12.22 -46.08
C ALA A 292 -2.86 -11.82 -45.55
N LEU A 293 -3.01 -10.53 -45.20
CA LEU A 293 -4.35 -10.06 -44.74
C LEU A 293 -5.41 -10.21 -45.84
N ARG A 294 -5.08 -9.73 -47.05
CA ARG A 294 -5.96 -9.87 -48.22
C ARG A 294 -6.34 -11.31 -48.54
N LYS A 295 -5.41 -12.22 -48.36
CA LYS A 295 -5.75 -13.64 -48.56
C LYS A 295 -6.70 -14.14 -47.48
N GLU A 296 -6.44 -13.68 -46.26
CA GLU A 296 -7.24 -14.08 -45.13
C GLU A 296 -8.69 -13.71 -45.33
N ILE A 297 -8.95 -12.57 -45.92
CA ILE A 297 -10.33 -12.04 -46.05
C ILE A 297 -10.97 -12.32 -47.41
N GLU A 298 -10.18 -12.89 -48.32
CA GLU A 298 -10.53 -13.00 -49.78
C GLU A 298 -11.92 -13.64 -49.95
N GLU A 299 -12.22 -14.70 -49.23
CA GLU A 299 -13.51 -15.44 -49.44
C GLU A 299 -14.63 -15.06 -48.43
N PHE A 300 -14.40 -13.97 -47.68
CA PHE A 300 -15.39 -13.57 -46.70
C PHE A 300 -16.61 -13.02 -47.49
N PRO A 301 -17.83 -13.16 -46.96
CA PRO A 301 -19.00 -12.49 -47.63
C PRO A 301 -18.91 -10.98 -47.50
N ALA A 302 -19.71 -10.26 -48.29
CA ALA A 302 -19.79 -8.81 -48.20
C ALA A 302 -20.30 -8.32 -46.84
N GLN A 303 -21.27 -9.03 -46.27
CA GLN A 303 -21.69 -8.80 -44.91
C GLN A 303 -20.97 -9.82 -44.01
N LEU A 304 -19.95 -9.33 -43.32
CA LEU A 304 -19.22 -10.11 -42.36
C LEU A 304 -20.12 -10.65 -41.26
N ASN A 305 -19.83 -11.86 -40.81
CA ASN A 305 -20.48 -12.36 -39.62
C ASN A 305 -19.44 -12.62 -38.52
N TYR A 306 -19.94 -13.06 -37.35
CA TYR A 306 -19.16 -13.20 -36.16
C TYR A 306 -18.08 -14.25 -36.44
N ASN A 307 -18.43 -15.26 -37.23
CA ASN A 307 -17.51 -16.40 -37.53
C ASN A 307 -16.29 -15.86 -38.31
N ASN A 308 -16.54 -15.05 -39.32
CA ASN A 308 -15.44 -14.48 -40.10
C ASN A 308 -14.45 -13.74 -39.15
N VAL A 309 -15.01 -12.80 -38.40
CA VAL A 309 -14.08 -11.88 -37.64
C VAL A 309 -13.48 -12.53 -36.43
N MET A 310 -14.30 -13.21 -35.62
CA MET A 310 -13.83 -13.74 -34.40
C MET A 310 -12.98 -15.01 -34.62
N ASP A 311 -13.34 -15.82 -35.61
CA ASP A 311 -12.76 -17.16 -35.67
C ASP A 311 -11.82 -17.35 -36.87
N GLU A 312 -11.91 -16.47 -37.87
CA GLU A 312 -11.22 -16.67 -39.18
C GLU A 312 -10.22 -15.58 -39.52
N MET A 313 -9.79 -14.78 -38.50
CA MET A 313 -8.83 -13.68 -38.83
C MET A 313 -7.63 -13.73 -37.84
N PRO A 314 -6.95 -14.88 -37.74
CA PRO A 314 -5.84 -14.92 -36.84
C PRO A 314 -4.68 -14.00 -37.30
N PHE A 315 -4.55 -13.75 -38.58
CA PHE A 315 -3.42 -12.93 -39.06
C PHE A 315 -3.68 -11.45 -38.76
N ALA A 316 -4.91 -10.98 -39.03
CA ALA A 316 -5.30 -9.64 -38.65
C ALA A 316 -5.16 -9.43 -37.15
N GLU A 317 -5.37 -10.44 -36.35
CA GLU A 317 -5.14 -10.27 -34.92
C GLU A 317 -3.65 -10.11 -34.58
N ARG A 318 -2.78 -10.86 -35.29
CA ARG A 318 -1.29 -10.67 -35.15
C ARG A 318 -0.90 -9.24 -35.59
N CYS A 319 -1.51 -8.72 -36.63
CA CYS A 319 -1.18 -7.38 -37.10
C CYS A 319 -1.53 -6.31 -36.00
N ALA A 320 -2.71 -6.45 -35.39
CA ALA A 320 -3.12 -5.50 -34.28
C ALA A 320 -2.24 -5.67 -33.08
N ARG A 321 -1.95 -6.91 -32.66
CA ARG A 321 -1.17 -7.10 -31.44
C ARG A 321 0.27 -6.58 -31.67
N GLU A 322 0.80 -6.79 -32.87
CA GLU A 322 2.22 -6.37 -33.09
C GLU A 322 2.27 -4.83 -33.20
N SER A 323 1.17 -4.19 -33.65
CA SER A 323 1.13 -2.69 -33.59
C SER A 323 1.18 -2.20 -32.19
N ILE A 324 0.39 -2.85 -31.30
CA ILE A 324 0.47 -2.50 -29.86
C ILE A 324 1.80 -2.90 -29.27
N ARG A 325 2.35 -4.04 -29.73
CA ARG A 325 3.69 -4.42 -29.22
C ARG A 325 4.70 -3.29 -29.53
N ARG A 326 4.78 -2.90 -30.79
CA ARG A 326 5.86 -1.91 -31.22
C ARG A 326 5.59 -0.52 -30.60
N ASP A 327 4.31 -0.12 -30.55
CA ASP A 327 3.97 1.24 -30.01
C ASP A 327 2.71 1.17 -29.10
N PRO A 328 2.92 0.71 -27.88
CA PRO A 328 1.81 0.43 -26.90
C PRO A 328 1.19 1.80 -26.56
N PRO A 329 -0.15 1.88 -26.65
CA PRO A 329 -0.82 3.20 -26.41
C PRO A 329 -0.70 3.61 -24.96
N LEU A 330 -0.66 2.62 -24.04
CA LEU A 330 -0.40 2.91 -22.61
C LEU A 330 1.06 2.62 -22.32
N LEU A 331 1.83 3.68 -21.99
CA LEU A 331 3.30 3.53 -21.90
C LEU A 331 3.77 2.88 -20.59
N MET A 332 3.02 3.18 -19.52
CA MET A 332 3.45 2.83 -18.19
C MET A 332 2.20 2.36 -17.43
N LEU A 333 2.32 1.23 -16.74
CA LEU A 333 1.23 0.84 -15.84
C LEU A 333 1.80 0.94 -14.43
N MET A 334 0.98 1.28 -13.45
CA MET A 334 1.49 1.54 -12.11
C MET A 334 0.60 1.03 -10.99
N ARG A 335 1.20 0.75 -9.80
CA ARG A 335 0.47 0.42 -8.64
C ARG A 335 1.21 1.08 -7.46
N LYS A 336 0.51 1.24 -6.37
CA LYS A 336 1.16 1.70 -5.14
C LYS A 336 1.54 0.44 -4.29
N VAL A 337 2.80 0.43 -3.83
CA VAL A 337 3.36 -0.68 -3.04
C VAL A 337 2.88 -0.49 -1.59
N MET A 338 1.99 -1.37 -1.14
CA MET A 338 1.41 -1.26 0.19
C MET A 338 2.18 -2.03 1.24
N ALA A 339 3.14 -2.83 0.80
CA ALA A 339 4.03 -3.57 1.74
C ALA A 339 5.26 -3.94 0.94
N ASP A 340 6.38 -4.20 1.61
CA ASP A 340 7.60 -4.54 0.88
C ASP A 340 7.32 -5.75 0.01
N VAL A 341 7.87 -5.73 -1.19
CA VAL A 341 7.74 -6.86 -2.17
C VAL A 341 9.10 -7.17 -2.74
N LYS A 342 9.42 -8.45 -2.82
CA LYS A 342 10.70 -8.83 -3.40
C LYS A 342 10.48 -9.00 -4.91
N VAL A 343 11.31 -8.34 -5.68
CA VAL A 343 11.29 -8.44 -7.11
C VAL A 343 12.71 -8.68 -7.56
N GLY A 344 12.94 -9.85 -8.15
CA GLY A 344 14.29 -10.31 -8.51
C GLY A 344 15.16 -10.25 -7.28
N SER A 345 16.37 -9.71 -7.39
CA SER A 345 17.23 -9.55 -6.20
C SER A 345 16.91 -8.43 -5.27
N TYR A 346 15.85 -7.66 -5.55
CA TYR A 346 15.57 -6.47 -4.78
C TYR A 346 14.35 -6.54 -3.92
N VAL A 347 14.30 -5.65 -2.95
CA VAL A 347 13.08 -5.39 -2.19
C VAL A 347 12.60 -4.00 -2.64
N VAL A 348 11.32 -3.93 -3.02
CA VAL A 348 10.72 -2.64 -3.41
C VAL A 348 9.94 -2.21 -2.19
N PRO A 349 10.35 -1.12 -1.54
CA PRO A 349 9.78 -0.74 -0.25
C PRO A 349 8.34 -0.21 -0.35
N LYS A 350 7.55 -0.55 0.64
CA LYS A 350 6.30 0.06 0.92
C LYS A 350 6.35 1.58 0.71
N GLY A 351 5.32 2.11 0.06
CA GLY A 351 5.34 3.57 -0.28
C GLY A 351 5.85 3.95 -1.67
N ASP A 352 6.72 3.13 -2.29
CA ASP A 352 7.09 3.28 -3.72
C ASP A 352 5.85 3.20 -4.63
N ILE A 353 5.96 3.90 -5.75
CA ILE A 353 5.13 3.57 -6.92
C ILE A 353 5.88 2.48 -7.65
N ILE A 354 5.21 1.36 -7.89
CA ILE A 354 5.85 0.37 -8.76
C ILE A 354 5.24 0.45 -10.17
N ALA A 355 6.07 0.28 -11.17
CA ALA A 355 5.62 0.46 -12.54
C ALA A 355 6.13 -0.69 -13.40
N CYS A 356 5.34 -0.97 -14.42
CA CYS A 356 5.75 -1.89 -15.42
C CYS A 356 5.38 -1.20 -16.73
N SER A 357 6.33 -1.06 -17.60
CA SER A 357 6.14 -0.27 -18.79
C SER A 357 6.04 -1.18 -20.01
N PRO A 358 4.85 -1.20 -20.66
CA PRO A 358 4.80 -1.89 -21.95
C PRO A 358 5.78 -1.31 -22.96
N LEU A 359 5.99 0.01 -22.94
CA LEU A 359 6.93 0.58 -23.82
C LEU A 359 8.37 -0.03 -23.61
N LEU A 360 8.90 -0.01 -22.40
CA LEU A 360 10.25 -0.54 -22.09
C LEU A 360 10.34 -2.06 -22.37
N SER A 361 9.34 -2.81 -21.86
CA SER A 361 9.39 -4.26 -22.02
C SER A 361 9.25 -4.75 -23.40
N HIS A 362 8.46 -4.02 -24.24
CA HIS A 362 8.29 -4.38 -25.63
C HIS A 362 9.52 -4.00 -26.52
N HIS A 363 10.47 -3.31 -25.93
CA HIS A 363 11.75 -3.07 -26.66
C HIS A 363 12.94 -3.81 -25.99
N ASP A 364 12.65 -4.79 -25.14
CA ASP A 364 13.69 -5.66 -24.59
C ASP A 364 14.19 -6.55 -25.73
N GLU A 365 15.49 -6.47 -26.05
CA GLU A 365 15.97 -7.07 -27.27
C GLU A 365 16.06 -8.59 -27.17
N GLU A 366 16.05 -9.12 -25.95
CA GLU A 366 16.06 -10.60 -25.77
C GLU A 366 14.60 -11.07 -26.11
N ALA A 367 13.58 -10.42 -25.56
CA ALA A 367 12.16 -10.77 -25.86
C ALA A 367 11.74 -10.45 -27.28
N PHE A 368 12.20 -9.30 -27.80
CA PHE A 368 11.76 -8.78 -29.06
C PHE A 368 12.93 -8.28 -29.90
N PRO A 369 13.65 -9.21 -30.53
CA PRO A 369 14.87 -8.83 -31.33
C PRO A 369 14.42 -7.86 -32.45
N GLU A 370 15.24 -6.85 -32.73
CA GLU A 370 14.92 -5.80 -33.69
C GLU A 370 13.55 -5.11 -33.34
N PRO A 371 13.40 -4.54 -32.09
CA PRO A 371 12.03 -4.18 -31.59
C PRO A 371 11.37 -3.05 -32.36
N ARG A 372 12.15 -2.21 -33.11
CA ARG A 372 11.51 -1.23 -34.01
C ARG A 372 10.94 -1.74 -35.31
N ARG A 373 11.28 -2.98 -35.65
CA ARG A 373 10.72 -3.57 -36.82
C ARG A 373 9.32 -4.15 -36.48
N TRP A 374 8.37 -3.68 -37.25
CA TRP A 374 6.98 -4.21 -37.21
C TRP A 374 6.95 -5.54 -37.96
N ASP A 375 6.71 -6.65 -37.26
CA ASP A 375 6.65 -7.97 -37.92
C ASP A 375 5.54 -8.83 -37.23
N PRO A 376 4.39 -8.90 -37.83
CA PRO A 376 3.24 -9.56 -37.18
C PRO A 376 3.51 -11.08 -37.03
N GLU A 377 4.48 -11.60 -37.80
CA GLU A 377 4.87 -13.03 -37.63
C GLU A 377 5.74 -13.31 -36.42
N ARG A 378 6.28 -12.24 -35.76
CA ARG A 378 7.11 -12.45 -34.60
C ARG A 378 6.33 -13.12 -33.45
N ASP A 379 7.06 -13.78 -32.55
CA ASP A 379 6.49 -14.21 -31.26
C ASP A 379 7.42 -13.68 -30.15
N GLU A 380 6.88 -13.31 -28.99
CA GLU A 380 7.74 -12.97 -27.82
C GLU A 380 8.70 -14.16 -27.54
N LYS A 381 9.94 -13.83 -27.22
CA LYS A 381 10.97 -14.85 -26.87
C LYS A 381 11.12 -15.08 -25.40
N VAL A 382 10.49 -14.23 -24.61
CA VAL A 382 10.39 -14.41 -23.20
C VAL A 382 8.92 -14.50 -22.89
N GLU A 383 8.52 -15.58 -22.21
CA GLU A 383 7.07 -15.82 -21.96
C GLU A 383 6.48 -14.62 -21.13
N GLY A 384 5.38 -14.02 -21.61
CA GLY A 384 4.75 -12.96 -20.90
C GLY A 384 5.33 -11.56 -21.14
N ALA A 385 6.26 -11.45 -22.08
CA ALA A 385 6.93 -10.12 -22.27
C ALA A 385 5.97 -9.15 -22.94
N PHE A 386 5.05 -9.67 -23.76
CA PHE A 386 3.97 -8.78 -24.31
C PHE A 386 2.95 -8.46 -23.22
N ILE A 387 2.79 -7.15 -22.92
CA ILE A 387 1.88 -6.70 -21.86
C ILE A 387 1.02 -5.52 -22.33
N GLY A 388 0.74 -5.47 -23.65
CA GLY A 388 0.05 -4.32 -24.19
C GLY A 388 -1.40 -4.22 -23.70
N PHE A 389 -1.98 -5.37 -23.27
CA PHE A 389 -3.30 -5.36 -22.61
C PHE A 389 -3.22 -5.65 -21.13
N GLY A 390 -2.02 -5.37 -20.55
CA GLY A 390 -1.87 -5.62 -19.12
C GLY A 390 -1.94 -7.18 -18.89
N ALA A 391 -2.10 -7.52 -17.63
CA ALA A 391 -2.13 -8.98 -17.28
C ALA A 391 -2.56 -9.14 -15.87
N GLY A 392 -2.86 -10.41 -15.47
CA GLY A 392 -3.13 -10.68 -14.08
C GLY A 392 -4.37 -10.00 -13.53
N VAL A 393 -4.23 -9.36 -12.38
CA VAL A 393 -5.39 -8.94 -11.55
C VAL A 393 -6.22 -7.86 -12.30
N HIS A 394 -5.53 -6.95 -12.99
CA HIS A 394 -6.17 -5.85 -13.82
C HIS A 394 -5.98 -5.98 -15.31
N LYS A 395 -5.85 -7.20 -15.81
CA LYS A 395 -5.78 -7.42 -17.23
C LYS A 395 -6.99 -6.72 -17.94
N CYS A 396 -6.77 -6.28 -19.17
CA CYS A 396 -7.77 -5.53 -19.91
C CYS A 396 -9.08 -6.35 -20.12
N ILE A 397 -10.18 -5.75 -19.77
CA ILE A 397 -11.49 -6.43 -19.97
C ILE A 397 -12.11 -6.18 -21.32
N GLY A 398 -11.62 -5.18 -22.04
CA GLY A 398 -12.18 -4.83 -23.32
C GLY A 398 -11.39 -5.39 -24.49
N GLN A 399 -10.33 -6.13 -24.18
CA GLN A 399 -9.37 -6.67 -25.21
C GLN A 399 -10.09 -7.22 -26.44
N LYS A 400 -11.05 -8.12 -26.23
CA LYS A 400 -11.70 -8.80 -27.36
C LYS A 400 -12.62 -7.88 -28.12
N PHE A 401 -13.28 -6.98 -27.42
CA PHE A 401 -14.16 -6.03 -28.06
C PHE A 401 -13.36 -5.02 -28.89
N GLY A 402 -12.28 -4.53 -28.31
CA GLY A 402 -11.37 -3.59 -29.07
C GLY A 402 -10.89 -4.27 -30.37
N LEU A 403 -10.42 -5.50 -30.29
CA LEU A 403 -9.82 -6.17 -31.46
C LEU A 403 -10.93 -6.53 -32.42
N LEU A 404 -12.14 -6.84 -31.90
CA LEU A 404 -13.29 -7.04 -32.82
C LEU A 404 -13.54 -5.82 -33.75
N GLN A 405 -13.44 -4.62 -33.21
CA GLN A 405 -13.63 -3.43 -34.05
C GLN A 405 -12.38 -3.20 -34.94
N VAL A 406 -11.19 -3.40 -34.39
CA VAL A 406 -9.99 -3.12 -35.19
C VAL A 406 -10.02 -4.06 -36.41
N LYS A 407 -10.28 -5.35 -36.16
CA LYS A 407 -10.32 -6.33 -37.25
C LYS A 407 -11.40 -6.08 -38.30
N THR A 408 -12.58 -5.76 -37.85
CA THR A 408 -13.69 -5.42 -38.79
C THR A 408 -13.38 -4.23 -39.66
N ILE A 409 -12.74 -3.21 -39.09
CA ILE A 409 -12.30 -2.06 -39.86
C ILE A 409 -11.21 -2.41 -40.85
N LEU A 410 -10.22 -3.18 -40.43
CA LEU A 410 -9.20 -3.68 -41.39
C LEU A 410 -9.79 -4.46 -42.55
N ALA A 411 -10.64 -5.43 -42.25
CA ALA A 411 -11.30 -6.26 -43.27
C ALA A 411 -12.15 -5.43 -44.20
N THR A 412 -12.79 -4.39 -43.68
CA THR A 412 -13.73 -3.61 -44.49
C THR A 412 -12.94 -2.63 -45.35
N ALA A 413 -11.93 -1.99 -44.79
CA ALA A 413 -11.15 -0.92 -45.46
C ALA A 413 -10.32 -1.55 -46.58
N PHE A 414 -9.61 -2.67 -46.28
CA PHE A 414 -8.64 -3.20 -47.31
C PHE A 414 -9.33 -4.07 -48.34
N ARG A 415 -10.56 -4.49 -48.05
CA ARG A 415 -11.35 -5.13 -49.06
C ARG A 415 -11.72 -4.10 -50.15
N SER A 416 -12.04 -2.88 -49.79
CA SER A 416 -12.50 -1.89 -50.79
C SER A 416 -11.48 -0.83 -51.22
N TYR A 417 -10.35 -0.69 -50.52
CA TYR A 417 -9.45 0.43 -50.76
C TYR A 417 -8.04 -0.08 -50.69
N ASP A 418 -7.18 0.63 -51.41
CA ASP A 418 -5.77 0.70 -51.10
C ASP A 418 -5.42 2.04 -50.48
N PHE A 419 -4.24 2.13 -49.89
CA PHE A 419 -3.80 3.35 -49.21
C PHE A 419 -2.37 3.61 -49.53
N GLN A 420 -2.04 4.89 -49.55
CA GLN A 420 -0.64 5.27 -49.68
C GLN A 420 -0.22 6.24 -48.67
N LEU A 421 0.87 5.93 -47.99
CA LEU A 421 1.53 6.89 -47.11
C LEU A 421 2.04 8.13 -47.88
N LEU A 422 1.95 9.31 -47.32
CA LEU A 422 2.49 10.54 -48.00
C LEU A 422 3.81 10.94 -47.39
N ARG A 423 4.56 9.93 -46.96
CA ARG A 423 5.81 10.03 -46.22
C ARG A 423 6.56 8.77 -46.58
N ASP A 424 7.89 8.83 -46.48
CA ASP A 424 8.70 7.64 -46.74
C ASP A 424 8.56 6.54 -45.67
N GLU A 425 8.45 6.96 -44.40
CA GLU A 425 8.40 6.05 -43.33
C GLU A 425 7.04 6.20 -42.61
N VAL A 426 6.65 5.18 -41.88
CA VAL A 426 5.49 5.27 -40.94
C VAL A 426 5.77 6.40 -39.96
N PRO A 427 4.72 7.08 -39.47
CA PRO A 427 4.88 8.14 -38.45
C PRO A 427 5.64 7.78 -37.26
N ASP A 428 6.30 8.78 -36.67
CA ASP A 428 6.86 8.69 -35.32
C ASP A 428 5.71 8.64 -34.28
N PRO A 429 5.91 7.89 -33.20
CA PRO A 429 4.98 7.99 -32.07
C PRO A 429 5.04 9.36 -31.45
N ASP A 430 3.91 9.88 -31.03
CA ASP A 430 3.87 11.15 -30.28
C ASP A 430 3.65 10.92 -28.83
N TYR A 431 4.71 11.05 -28.04
CA TYR A 431 4.66 10.75 -26.59
C TYR A 431 4.13 11.82 -25.69
N HIS A 432 3.63 12.90 -26.24
CA HIS A 432 3.20 14.03 -25.46
C HIS A 432 1.70 13.91 -25.05
N THR A 433 1.02 12.83 -25.45
CA THR A 433 -0.40 12.65 -25.03
C THR A 433 -0.56 11.53 -23.98
N MET A 434 -1.72 11.52 -23.29
CA MET A 434 -1.95 10.58 -22.23
C MET A 434 -2.09 9.15 -22.83
N VAL A 435 -2.77 9.04 -23.95
CA VAL A 435 -2.77 7.76 -24.67
C VAL A 435 -1.94 8.02 -25.92
N VAL A 436 -0.90 7.21 -26.09
CA VAL A 436 0.12 7.49 -27.17
C VAL A 436 -0.24 6.88 -28.51
N GLY A 437 -0.27 7.70 -29.58
CA GLY A 437 -0.49 7.19 -30.92
C GLY A 437 0.54 7.79 -31.89
N PRO A 438 0.35 7.52 -33.19
CA PRO A 438 1.26 8.07 -34.18
C PRO A 438 1.04 9.59 -34.27
N THR A 439 2.09 10.31 -34.61
CA THR A 439 1.97 11.79 -34.63
C THR A 439 0.92 12.23 -35.67
N ALA A 440 -0.03 13.02 -35.21
CA ALA A 440 -1.24 13.29 -35.97
C ALA A 440 -0.96 14.01 -37.31
N SER A 441 -0.03 14.95 -37.26
CA SER A 441 0.31 15.71 -38.48
C SER A 441 0.99 14.81 -39.47
N GLN A 442 1.49 13.63 -39.06
CA GLN A 442 2.14 12.73 -40.02
C GLN A 442 1.22 11.69 -40.57
N CYS A 443 -0.04 11.76 -40.19
CA CYS A 443 -0.97 10.66 -40.55
C CYS A 443 -1.83 10.92 -41.82
N ARG A 444 -1.41 11.89 -42.68
CA ARG A 444 -2.14 12.08 -43.95
C ARG A 444 -1.78 11.01 -44.91
N VAL A 445 -2.82 10.44 -45.50
CA VAL A 445 -2.74 9.32 -46.34
C VAL A 445 -3.65 9.55 -47.55
N LYS A 446 -3.32 8.88 -48.63
CA LYS A 446 -4.20 8.82 -49.76
C LYS A 446 -4.98 7.49 -49.83
N TYR A 447 -6.30 7.53 -50.00
CA TYR A 447 -7.01 6.28 -50.23
C TYR A 447 -7.26 6.14 -51.72
N ILE A 448 -7.41 4.91 -52.17
CA ILE A 448 -7.66 4.63 -53.57
C ILE A 448 -8.68 3.55 -53.64
N ARG A 449 -9.83 3.86 -54.22
CA ARG A 449 -10.86 2.85 -54.35
C ARG A 449 -10.39 1.70 -55.20
N ARG A 450 -10.61 0.45 -54.75
CA ARG A 450 -10.27 -0.71 -55.62
C ARG A 450 -11.32 -1.01 -56.69
N GLY B 3 23.91 14.67 59.25
CA GLY B 3 24.31 14.01 57.98
C GLY B 3 25.79 14.10 57.68
N LYS B 4 26.21 13.42 56.63
CA LYS B 4 27.60 13.52 56.19
C LYS B 4 27.76 14.76 55.24
N LEU B 5 28.80 15.57 55.44
CA LEU B 5 29.13 16.62 54.50
C LEU B 5 29.65 15.99 53.24
N PRO B 6 29.41 16.63 52.08
CA PRO B 6 30.10 16.17 50.87
C PRO B 6 31.67 16.17 50.98
N PRO B 7 32.36 15.38 50.19
CA PRO B 7 33.83 15.45 50.25
C PRO B 7 34.32 16.85 49.78
N VAL B 8 35.34 17.37 50.44
CA VAL B 8 35.93 18.69 50.18
C VAL B 8 37.20 18.55 49.36
N TYR B 9 37.27 19.22 48.20
CA TYR B 9 38.50 19.24 47.44
C TYR B 9 39.57 20.12 48.19
N PRO B 10 40.76 19.55 48.46
CA PRO B 10 41.83 20.20 49.27
C PRO B 10 42.14 21.61 48.74
N VAL B 11 42.24 22.59 49.62
CA VAL B 11 42.68 23.93 49.23
C VAL B 11 44.24 24.09 49.35
N THR B 12 44.88 24.60 48.30
CA THR B 12 46.29 24.96 48.29
C THR B 12 46.50 26.40 48.84
N VAL B 13 45.94 27.39 48.15
CA VAL B 13 46.05 28.82 48.53
C VAL B 13 44.75 29.38 49.19
N PRO B 14 44.76 29.60 50.54
CA PRO B 14 43.55 29.83 51.41
C PRO B 14 42.66 31.09 51.15
N ILE B 15 43.25 32.26 50.85
CA ILE B 15 42.39 33.43 50.51
C ILE B 15 41.71 33.33 49.12
N LEU B 16 42.33 32.62 48.19
CA LEU B 16 41.74 32.46 46.84
C LEU B 16 40.89 31.19 46.66
N GLY B 17 41.20 30.16 47.42
CA GLY B 17 40.52 28.87 47.24
C GLY B 17 40.93 28.35 45.87
N HIS B 18 39.94 27.90 45.12
CA HIS B 18 40.15 27.27 43.80
C HIS B 18 39.84 28.22 42.62
N ILE B 19 39.62 29.50 42.90
CA ILE B 19 39.01 30.41 41.90
C ILE B 19 39.88 30.53 40.63
N ILE B 20 41.17 30.43 40.81
CA ILE B 20 42.06 30.56 39.69
C ILE B 20 42.04 29.35 38.80
N GLN B 21 42.18 28.17 39.39
CA GLN B 21 42.14 26.91 38.62
C GLN B 21 40.85 26.66 37.93
N PHE B 22 39.75 27.02 38.60
CA PHE B 22 38.44 27.03 37.98
C PHE B 22 38.36 28.00 36.80
N GLY B 23 38.97 29.19 36.97
CA GLY B 23 39.02 30.21 35.91
C GLY B 23 39.81 29.75 34.71
N LYS B 24 40.97 29.10 34.92
CA LYS B 24 41.82 28.62 33.84
C LYS B 24 41.10 27.58 32.97
N SER B 25 40.49 26.57 33.58
CA SER B 25 39.72 25.62 32.78
C SER B 25 38.61 25.05 33.67
N PRO B 26 37.44 25.70 33.61
CA PRO B 26 36.34 25.30 34.45
C PRO B 26 35.97 23.79 34.22
N LEU B 27 35.92 23.34 32.98
CA LEU B 27 35.55 21.92 32.73
C LEU B 27 36.61 20.93 33.24
N GLY B 28 37.86 21.17 32.83
CA GLY B 28 38.97 20.33 33.26
C GLY B 28 39.07 20.26 34.78
N PHE B 29 38.92 21.41 35.43
CA PHE B 29 39.00 21.45 36.90
C PHE B 29 37.91 20.68 37.61
N MET B 30 36.65 20.88 37.19
CA MET B 30 35.53 20.20 37.87
C MET B 30 35.58 18.71 37.61
N GLN B 31 35.92 18.32 36.38
CA GLN B 31 36.09 16.87 36.05
C GLN B 31 37.15 16.19 36.91
N GLU B 32 38.26 16.89 37.12
CA GLU B 32 39.35 16.37 37.96
C GLU B 32 38.92 16.27 39.46
N CYS B 33 38.22 17.26 40.00
CA CYS B 33 37.60 17.10 41.31
C CYS B 33 36.72 15.83 41.43
N LYS B 34 35.85 15.62 40.45
CA LYS B 34 34.86 14.56 40.48
C LYS B 34 35.61 13.20 40.41
N ARG B 35 36.56 13.07 39.48
CA ARG B 35 37.38 11.87 39.36
C ARG B 35 38.22 11.58 40.65
N GLN B 36 38.93 12.59 41.17
CA GLN B 36 39.83 12.49 42.33
C GLN B 36 39.08 12.22 43.64
N LEU B 37 37.88 12.79 43.83
CA LEU B 37 37.18 12.60 45.08
C LEU B 37 36.23 11.41 44.95
N LYS B 38 36.19 10.80 43.78
CA LYS B 38 35.24 9.72 43.39
C LYS B 38 33.82 10.02 43.79
N SER B 39 33.37 11.26 43.53
CA SER B 39 32.02 11.68 43.90
C SER B 39 31.51 12.74 42.93
N GLY B 40 30.25 12.59 42.49
CA GLY B 40 29.60 13.65 41.67
C GLY B 40 29.20 14.87 42.51
N ILE B 41 29.07 14.68 43.85
CA ILE B 41 28.70 15.72 44.79
C ILE B 41 29.94 16.09 45.63
N PHE B 42 30.36 17.35 45.55
CA PHE B 42 31.64 17.75 46.16
C PHE B 42 31.72 19.24 46.38
N THR B 43 32.59 19.66 47.30
CA THR B 43 32.68 21.06 47.68
C THR B 43 34.03 21.67 47.30
N ILE B 44 34.03 22.73 46.53
CA ILE B 44 35.23 23.52 46.29
C ILE B 44 35.20 24.81 47.10
N ASN B 45 36.18 25.65 46.90
CA ASN B 45 36.24 26.84 47.78
C ASN B 45 36.58 28.06 46.91
N ILE B 46 35.77 29.10 46.98
CA ILE B 46 35.96 30.27 46.08
C ILE B 46 36.11 31.45 46.99
N VAL B 47 37.33 31.95 47.09
CA VAL B 47 37.67 33.12 47.96
C VAL B 47 37.19 32.90 49.39
N GLY B 48 37.44 31.71 49.92
CA GLY B 48 37.02 31.45 51.31
C GLY B 48 35.61 30.92 51.45
N LYS B 49 34.80 30.89 50.39
CA LYS B 49 33.39 30.46 50.58
C LYS B 49 33.20 29.07 49.98
N ARG B 50 32.43 28.24 50.70
CA ARG B 50 32.22 26.89 50.31
C ARG B 50 31.18 26.87 49.16
N VAL B 51 31.54 26.22 48.09
CA VAL B 51 30.61 26.03 46.96
C VAL B 51 30.49 24.53 46.76
N THR B 52 29.29 24.02 47.07
CA THR B 52 29.01 22.56 46.80
C THR B 52 28.36 22.34 45.46
N ILE B 53 29.04 21.58 44.61
CA ILE B 53 28.61 21.32 43.23
C ILE B 53 27.81 20.00 43.17
N VAL B 54 26.59 20.08 42.59
CA VAL B 54 25.82 18.91 42.30
C VAL B 54 26.16 18.48 40.92
N GLY B 55 27.22 17.68 40.79
CA GLY B 55 27.73 17.28 39.49
C GLY B 55 27.35 15.81 39.15
N ASP B 56 26.33 15.32 39.84
CA ASP B 56 25.76 14.03 39.51
C ASP B 56 24.33 14.23 38.94
N PRO B 57 24.15 13.95 37.63
CA PRO B 57 22.89 14.29 36.91
C PRO B 57 21.68 13.64 37.52
N HIS B 58 21.88 12.48 38.23
CA HIS B 58 20.81 11.86 39.06
C HIS B 58 20.27 12.70 40.17
N GLU B 59 21.02 13.72 40.61
CA GLU B 59 20.57 14.48 41.76
C GLU B 59 20.16 15.94 41.37
N HIS B 60 20.06 16.20 40.08
CA HIS B 60 19.69 17.62 39.59
C HIS B 60 18.46 18.13 40.30
N SER B 61 17.43 17.26 40.50
CA SER B 61 16.21 17.73 41.13
C SER B 61 16.41 18.33 42.52
N ARG B 62 17.47 17.94 43.23
CA ARG B 62 17.67 18.47 44.59
C ARG B 62 18.16 19.96 44.58
N PHE B 63 18.59 20.40 43.40
CA PHE B 63 19.02 21.82 43.22
C PHE B 63 17.87 22.63 42.60
N PHE B 64 17.23 22.08 41.58
CA PHE B 64 16.24 22.84 40.79
C PHE B 64 14.85 22.96 41.42
N LEU B 65 14.45 21.96 42.23
CA LEU B 65 13.06 21.93 42.77
C LEU B 65 12.82 22.61 44.07
N PRO B 66 13.79 22.68 44.97
CA PRO B 66 13.46 23.33 46.24
C PRO B 66 13.04 24.80 46.17
N ARG B 67 12.16 25.24 47.09
CA ARG B 67 11.60 26.61 46.99
C ARG B 67 12.66 27.65 47.28
N ASN B 68 12.37 28.92 46.96
CA ASN B 68 13.31 30.05 47.18
C ASN B 68 13.75 30.18 48.59
N GLU B 69 12.82 29.95 49.50
CA GLU B 69 13.11 30.13 50.91
C GLU B 69 14.11 29.12 51.41
N VAL B 70 14.41 28.12 50.64
CA VAL B 70 15.32 27.05 51.06
C VAL B 70 16.59 27.24 50.24
N LEU B 71 16.46 27.24 48.91
CA LEU B 71 17.61 27.62 47.97
C LEU B 71 17.33 28.94 47.25
N SER B 72 17.91 30.02 47.75
CA SER B 72 17.58 31.42 47.38
C SER B 72 18.50 31.91 46.22
N PRO B 73 17.91 32.59 45.22
CA PRO B 73 18.64 33.22 44.11
C PRO B 73 19.13 34.65 44.44
N ARG B 74 18.72 35.23 45.57
CA ARG B 74 18.95 36.63 45.81
C ARG B 74 20.45 36.95 45.89
N GLU B 75 21.14 36.31 46.84
CA GLU B 75 22.55 36.59 47.05
C GLU B 75 23.42 36.34 45.78
N VAL B 76 23.11 35.31 45.01
CA VAL B 76 23.91 34.95 43.85
C VAL B 76 23.68 35.93 42.62
N TYR B 77 22.57 36.64 42.62
CA TYR B 77 22.33 37.67 41.59
C TYR B 77 22.56 39.08 42.07
N SER B 78 23.05 39.23 43.28
CA SER B 78 23.28 40.60 43.87
C SER B 78 24.27 41.45 42.99
N PHE B 79 25.17 40.80 42.33
CA PHE B 79 26.18 41.54 41.51
C PHE B 79 25.49 42.16 40.27
N MET B 80 24.26 41.71 39.97
CA MET B 80 23.46 42.34 38.90
C MET B 80 22.46 43.44 39.30
N VAL B 81 22.42 43.74 40.60
CA VAL B 81 21.63 44.88 41.10
C VAL B 81 21.84 46.25 40.36
N PRO B 82 23.10 46.61 40.03
CA PRO B 82 23.36 47.85 39.35
C PRO B 82 22.71 47.94 37.95
N VAL B 83 22.39 46.79 37.38
CA VAL B 83 21.75 46.68 36.07
C VAL B 83 20.22 46.46 36.22
N PHE B 84 19.81 45.46 36.98
CA PHE B 84 18.35 45.19 37.11
C PHE B 84 17.67 46.33 37.90
N GLY B 85 18.39 46.87 38.88
CA GLY B 85 17.89 47.94 39.73
C GLY B 85 17.62 47.44 41.18
N GLU B 86 17.75 48.36 42.14
CA GLU B 86 17.41 48.02 43.53
C GLU B 86 15.99 47.54 43.61
N GLY B 87 15.80 46.44 44.33
CA GLY B 87 14.44 45.99 44.55
C GLY B 87 13.81 45.40 43.35
N VAL B 88 14.58 45.06 42.29
CA VAL B 88 13.93 44.51 41.09
C VAL B 88 14.34 43.03 40.97
N ALA B 89 13.43 42.18 40.46
CA ALA B 89 13.71 40.80 40.12
C ALA B 89 14.20 40.08 41.42
N TYR B 90 15.42 39.54 41.39
CA TYR B 90 15.98 38.75 42.56
C TYR B 90 16.18 39.56 43.81
N ALA B 91 16.24 40.89 43.67
CA ALA B 91 16.42 41.74 44.81
C ALA B 91 15.08 42.02 45.52
N ALA B 92 13.98 41.74 44.90
CA ALA B 92 12.67 41.99 45.53
C ALA B 92 12.32 40.83 46.46
N PRO B 93 11.38 41.05 47.42
CA PRO B 93 10.79 39.85 48.15
C PRO B 93 10.36 38.81 47.16
N TYR B 94 10.47 37.50 47.48
CA TYR B 94 10.27 36.45 46.53
C TYR B 94 8.92 36.44 45.81
N PRO B 95 7.82 36.67 46.55
CA PRO B 95 6.54 36.59 45.78
C PRO B 95 6.46 37.76 44.74
N ARG B 96 7.01 38.92 45.09
CA ARG B 96 7.01 40.09 44.19
C ARG B 96 8.01 39.83 43.01
N MET B 97 9.19 39.35 43.35
CA MET B 97 10.08 38.72 42.28
C MET B 97 9.35 37.83 41.29
N ARG B 98 8.52 36.89 41.79
CA ARG B 98 7.85 36.00 40.94
C ARG B 98 6.81 36.65 40.05
N GLU B 99 6.09 37.62 40.57
CA GLU B 99 5.09 38.33 39.82
C GLU B 99 5.79 39.10 38.62
N GLN B 100 6.88 39.75 38.96
CA GLN B 100 7.68 40.46 37.90
C GLN B 100 8.15 39.51 36.81
N LEU B 101 8.73 38.36 37.17
CA LEU B 101 9.10 37.34 36.22
C LEU B 101 7.95 36.79 35.43
N ASN B 102 6.81 36.55 36.10
CA ASN B 102 5.59 36.16 35.39
C ASN B 102 5.11 37.17 34.35
N PHE B 103 5.21 38.46 34.65
CA PHE B 103 4.75 39.50 33.72
C PHE B 103 5.64 39.44 32.48
N LEU B 104 6.95 39.26 32.69
CA LEU B 104 7.85 39.10 31.54
C LEU B 104 7.54 37.88 30.71
N ALA B 105 7.35 36.75 31.41
CA ALA B 105 7.01 35.53 30.70
C ALA B 105 5.76 35.70 29.82
N GLU B 106 4.83 36.46 30.32
CA GLU B 106 3.57 36.66 29.58
C GLU B 106 3.79 37.39 28.23
N GLU B 107 4.77 38.32 28.22
CA GLU B 107 5.14 39.04 26.96
C GLU B 107 5.79 38.16 25.89
N LEU B 108 6.13 36.93 26.24
CA LEU B 108 6.85 36.05 25.34
C LEU B 108 5.98 34.88 24.89
N THR B 109 4.69 34.92 25.16
CA THR B 109 3.96 33.66 24.92
C THR B 109 3.84 33.30 23.43
N ILE B 110 3.72 32.01 23.16
CA ILE B 110 3.57 31.44 21.81
C ILE B 110 2.44 32.00 20.92
N ALA B 111 1.34 32.48 21.49
CA ALA B 111 0.30 33.21 20.67
C ALA B 111 0.92 34.29 19.76
N LYS B 112 1.93 35.00 20.27
CA LYS B 112 2.62 36.10 19.52
C LYS B 112 3.45 35.64 18.32
N PHE B 113 3.76 34.33 18.29
CA PHE B 113 4.74 33.79 17.35
C PHE B 113 4.18 33.72 15.94
N GLN B 114 2.85 33.82 15.79
CA GLN B 114 2.22 33.73 14.46
C GLN B 114 2.72 34.91 13.61
N ASN B 115 2.84 36.08 14.27
CA ASN B 115 3.45 37.27 13.69
C ASN B 115 4.92 37.30 13.90
N PHE B 116 5.46 36.64 14.96
CA PHE B 116 6.91 36.80 15.22
C PHE B 116 7.68 36.16 14.12
N VAL B 117 7.19 34.99 13.64
CA VAL B 117 8.03 34.28 12.62
C VAL B 117 8.37 35.10 11.38
N PRO B 118 7.35 35.59 10.59
CA PRO B 118 7.66 36.40 9.40
C PRO B 118 8.36 37.72 9.79
N ALA B 119 8.09 38.24 11.00
CA ALA B 119 8.81 39.49 11.47
C ALA B 119 10.30 39.20 11.62
N ILE B 120 10.62 38.05 12.21
CA ILE B 120 12.00 37.65 12.39
C ILE B 120 12.63 37.38 11.04
N GLN B 121 11.97 36.56 10.19
CA GLN B 121 12.66 36.27 8.94
C GLN B 121 12.86 37.53 8.07
N HIS B 122 11.93 38.46 8.17
CA HIS B 122 12.11 39.74 7.46
C HIS B 122 13.41 40.45 7.88
N GLU B 123 13.65 40.49 9.22
CA GLU B 123 14.85 41.14 9.74
C GLU B 123 16.09 40.44 9.31
N VAL B 124 16.05 39.11 9.37
CA VAL B 124 17.15 38.29 8.95
C VAL B 124 17.47 38.48 7.42
N ARG B 125 16.44 38.49 6.59
CA ARG B 125 16.64 38.71 5.13
C ARG B 125 17.19 40.10 4.89
N LYS B 126 16.66 41.12 5.59
CA LYS B 126 17.21 42.47 5.43
C LYS B 126 18.70 42.56 5.75
N PHE B 127 19.10 41.82 6.78
CA PHE B 127 20.44 41.84 7.20
C PHE B 127 21.30 41.12 6.16
N MET B 128 20.86 39.95 5.73
CA MET B 128 21.59 39.16 4.72
C MET B 128 21.68 39.95 3.40
N ALA B 129 20.61 40.57 2.99
CA ALA B 129 20.62 41.35 1.74
C ALA B 129 21.64 42.48 1.82
N ALA B 130 21.82 43.09 2.98
CA ALA B 130 22.71 44.23 3.12
C ALA B 130 24.17 43.88 3.41
N ASN B 131 24.45 42.74 4.03
CA ASN B 131 25.84 42.35 4.40
C ASN B 131 26.37 41.05 3.75
N TRP B 132 25.47 40.21 3.27
CA TRP B 132 25.91 38.99 2.65
C TRP B 132 25.51 39.09 1.15
N ASP B 133 25.86 40.24 0.54
CA ASP B 133 25.24 40.71 -0.73
C ASP B 133 25.95 40.25 -2.00
N LYS B 134 27.02 39.47 -1.81
CA LYS B 134 27.85 38.99 -2.89
C LYS B 134 27.68 37.50 -3.10
N ASP B 135 28.33 36.94 -4.12
CA ASP B 135 28.39 35.49 -4.26
C ASP B 135 29.36 34.85 -3.26
N GLU B 136 30.35 35.63 -2.80
CA GLU B 136 31.49 35.19 -1.99
C GLU B 136 31.75 36.29 -0.99
N GLY B 137 32.19 35.97 0.23
CA GLY B 137 32.48 37.05 1.20
C GLY B 137 32.93 36.54 2.57
N GLU B 138 33.69 37.33 3.29
CA GLU B 138 34.27 36.88 4.53
C GLU B 138 33.60 37.67 5.65
N ILE B 139 33.29 36.97 6.74
CA ILE B 139 32.51 37.59 7.86
C ILE B 139 32.95 37.04 9.21
N ASN B 140 32.75 37.82 10.30
CA ASN B 140 32.79 37.18 11.62
C ASN B 140 31.34 36.71 11.99
N LEU B 141 31.15 35.41 12.15
CA LEU B 141 29.83 34.86 12.20
C LEU B 141 29.20 35.14 13.57
N LEU B 142 30.04 35.15 14.62
CA LEU B 142 29.56 35.55 15.94
C LEU B 142 29.00 36.94 15.96
N GLU B 143 29.73 37.91 15.38
CA GLU B 143 29.33 39.33 15.34
C GLU B 143 28.06 39.42 14.55
N ASP B 144 27.99 38.67 13.44
CA ASP B 144 26.83 38.76 12.57
C ASP B 144 25.58 38.13 13.19
N CYS B 145 25.71 36.98 13.82
CA CYS B 145 24.58 36.41 14.60
C CYS B 145 24.10 37.35 15.74
N SER B 146 25.06 37.94 16.43
CA SER B 146 24.72 38.95 17.48
C SER B 146 23.92 40.06 16.92
N THR B 147 24.38 40.63 15.80
CA THR B 147 23.61 41.67 15.16
C THR B 147 22.23 41.20 14.74
N MET B 148 22.12 39.97 14.18
CA MET B 148 20.79 39.53 13.75
C MET B 148 19.84 39.38 14.92
N ILE B 149 20.35 38.84 16.01
CA ILE B 149 19.49 38.57 17.22
C ILE B 149 19.01 39.92 17.86
N ILE B 150 19.86 40.95 17.87
CA ILE B 150 19.38 42.30 18.35
C ILE B 150 18.24 42.72 17.52
N ASN B 151 18.40 42.63 16.18
CA ASN B 151 17.33 43.10 15.29
C ASN B 151 16.07 42.29 15.39
N THR B 152 16.23 40.98 15.45
CA THR B 152 15.03 40.13 15.47
C THR B 152 14.27 40.29 16.78
N ALA B 153 15.03 40.33 17.89
CA ALA B 153 14.39 40.45 19.20
C ALA B 153 13.71 41.84 19.28
N CYS B 154 14.42 42.92 18.83
CA CYS B 154 13.79 44.25 18.93
C CYS B 154 12.60 44.40 17.97
N GLN B 155 12.71 43.76 16.80
CA GLN B 155 11.59 43.79 15.91
C GLN B 155 10.35 43.20 16.59
N CYS B 156 10.55 42.13 17.31
CA CYS B 156 9.40 41.42 17.96
C CYS B 156 8.88 42.19 19.19
N LEU B 157 9.83 42.67 20.00
CA LEU B 157 9.48 43.17 21.33
C LEU B 157 9.35 44.69 21.46
N PHE B 158 9.96 45.48 20.55
CA PHE B 158 9.88 46.96 20.70
C PHE B 158 8.99 47.54 19.60
N GLY B 159 8.16 48.45 19.96
CA GLY B 159 7.45 49.29 19.03
C GLY B 159 8.43 50.05 18.11
N GLU B 160 7.97 50.35 16.90
CA GLU B 160 8.86 51.05 15.93
C GLU B 160 9.29 52.43 16.45
N ASP B 161 8.43 53.11 17.18
CA ASP B 161 8.87 54.41 17.86
C ASP B 161 10.16 54.19 18.74
N LEU B 162 10.16 53.09 19.50
CA LEU B 162 11.28 52.79 20.44
C LEU B 162 12.48 52.34 19.67
N ARG B 163 12.29 51.55 18.59
CA ARG B 163 13.42 51.18 17.74
C ARG B 163 14.11 52.36 17.07
N LYS B 164 13.39 53.39 16.76
CA LYS B 164 14.06 54.54 16.18
C LYS B 164 14.94 55.23 17.21
N ARG B 165 14.49 55.27 18.46
CA ARG B 165 15.28 55.91 19.56
C ARG B 165 16.35 55.04 20.12
N LEU B 166 16.13 53.73 20.04
CA LEU B 166 17.01 52.76 20.57
C LEU B 166 17.25 51.74 19.45
N ASP B 167 18.02 52.15 18.41
CA ASP B 167 18.31 51.28 17.30
C ASP B 167 19.35 50.20 17.69
N ALA B 168 19.70 49.34 16.75
CA ALA B 168 20.55 48.18 17.04
C ALA B 168 21.90 48.60 17.55
N ARG B 169 22.45 49.66 16.96
CA ARG B 169 23.78 50.09 17.32
C ARG B 169 23.73 50.63 18.79
N ARG B 170 22.77 51.51 19.09
CA ARG B 170 22.73 52.14 20.43
C ARG B 170 22.37 51.09 21.50
N PHE B 171 21.50 50.12 21.13
CA PHE B 171 21.10 48.95 22.00
C PHE B 171 22.36 48.18 22.38
N ALA B 172 23.16 47.78 21.39
CA ALA B 172 24.37 47.08 21.58
C ALA B 172 25.34 47.87 22.45
N GLN B 173 25.46 49.18 22.23
CA GLN B 173 26.42 50.02 23.03
C GLN B 173 26.00 50.05 24.50
N LEU B 174 24.73 50.33 24.73
CA LEU B 174 24.22 50.36 26.08
C LEU B 174 24.42 49.01 26.76
N LEU B 175 24.04 47.92 26.10
CA LEU B 175 24.20 46.58 26.69
C LEU B 175 25.69 46.30 27.01
N ALA B 176 26.58 46.61 26.06
CA ALA B 176 27.98 46.48 26.25
C ALA B 176 28.52 47.25 27.44
N LYS B 177 28.02 48.48 27.62
CA LYS B 177 28.48 49.30 28.67
C LYS B 177 28.06 48.68 30.03
N MET B 178 26.82 48.23 30.09
CA MET B 178 26.34 47.54 31.30
C MET B 178 27.14 46.29 31.57
N GLU B 179 27.31 45.47 30.56
CA GLU B 179 27.88 44.18 30.76
C GLU B 179 29.32 44.28 31.20
N SER B 180 30.07 45.21 30.56
CA SER B 180 31.47 45.26 30.83
C SER B 180 31.72 45.86 32.21
N SER B 181 30.69 46.36 32.88
CA SER B 181 30.82 46.98 34.20
C SER B 181 30.46 46.04 35.37
N LEU B 182 30.04 44.82 35.06
CA LEU B 182 29.64 43.82 36.06
C LEU B 182 30.81 42.99 36.56
N ILE B 183 30.83 42.66 37.85
CA ILE B 183 31.87 41.79 38.44
C ILE B 183 31.19 40.61 39.16
N PRO B 184 31.12 39.48 38.51
CA PRO B 184 30.45 38.28 39.11
C PRO B 184 31.14 37.78 40.37
N ALA B 185 32.44 38.01 40.47
CA ALA B 185 33.18 37.86 41.76
C ALA B 185 32.61 38.52 42.96
N ALA B 186 31.88 39.61 42.77
CA ALA B 186 31.26 40.29 43.88
C ALA B 186 30.30 39.38 44.65
N VAL B 187 29.88 38.24 44.08
CA VAL B 187 29.01 37.29 44.84
C VAL B 187 29.86 36.76 46.03
N PHE B 188 31.16 36.55 45.81
CA PHE B 188 32.03 35.95 46.81
C PHE B 188 32.82 36.97 47.56
N LEU B 189 32.77 38.23 47.11
CA LEU B 189 33.45 39.34 47.75
C LEU B 189 32.44 40.51 47.85
N PRO B 190 31.42 40.37 48.70
CA PRO B 190 30.29 41.31 48.64
C PRO B 190 30.69 42.74 49.02
N ILE B 191 31.89 42.93 49.57
CA ILE B 191 32.44 44.33 49.73
C ILE B 191 32.46 45.17 48.45
N LEU B 192 32.68 44.51 47.30
CA LEU B 192 32.64 45.26 46.00
C LEU B 192 31.34 45.95 45.71
N LEU B 193 30.25 45.38 46.17
CA LEU B 193 28.93 45.97 45.92
C LEU B 193 28.65 47.26 46.70
N LYS B 194 29.53 47.54 47.64
CA LYS B 194 29.36 48.68 48.54
C LYS B 194 30.42 49.73 48.28
N LEU B 195 31.42 49.41 47.47
CA LEU B 195 32.45 50.37 47.13
C LEU B 195 32.11 51.29 45.95
N PRO B 196 32.55 52.54 46.03
CA PRO B 196 32.39 53.44 44.86
C PRO B 196 33.35 53.10 43.69
N LEU B 197 33.01 52.12 42.86
CA LEU B 197 33.93 51.77 41.74
C LEU B 197 33.57 52.55 40.46
N PRO B 198 34.57 52.82 39.59
CA PRO B 198 34.18 53.39 38.29
C PRO B 198 33.09 52.55 37.59
N GLN B 199 33.12 51.22 37.77
CA GLN B 199 32.19 50.29 37.08
C GLN B 199 30.76 50.54 37.54
N SER B 200 30.64 50.88 38.83
CA SER B 200 29.31 51.23 39.40
C SER B 200 28.72 52.45 38.77
N ALA B 201 29.58 53.42 38.54
CA ALA B 201 29.18 54.67 37.94
C ALA B 201 28.74 54.42 36.49
N ARG B 202 29.55 53.66 35.76
CA ARG B 202 29.18 53.34 34.38
C ARG B 202 27.86 52.55 34.25
N CYS B 203 27.71 51.48 35.05
CA CYS B 203 26.43 50.82 35.15
C CYS B 203 25.26 51.80 35.31
N HIS B 204 25.39 52.73 36.25
CA HIS B 204 24.32 53.70 36.49
C HIS B 204 24.05 54.66 35.36
N GLU B 205 25.08 55.17 34.70
CA GLU B 205 24.88 56.00 33.52
C GLU B 205 24.15 55.24 32.42
N ALA B 206 24.53 54.01 32.18
CA ALA B 206 23.97 53.27 31.08
C ALA B 206 22.47 52.95 31.40
N ARG B 207 22.21 52.43 32.59
CA ARG B 207 20.85 52.18 33.03
C ARG B 207 19.91 53.44 33.00
N THR B 208 20.44 54.58 33.44
CA THR B 208 19.73 55.80 33.42
C THR B 208 19.39 56.25 31.98
N GLU B 209 20.35 56.08 31.06
CA GLU B 209 20.15 56.53 29.70
C GLU B 209 19.08 55.66 29.06
N LEU B 210 19.09 54.35 29.35
CA LEU B 210 17.98 53.49 28.90
C LEU B 210 16.64 53.86 29.52
N GLN B 211 16.59 54.08 30.85
CA GLN B 211 15.34 54.48 31.41
C GLN B 211 14.86 55.83 30.80
N LYS B 212 15.77 56.75 30.60
CA LYS B 212 15.39 58.08 29.99
C LYS B 212 14.72 57.86 28.61
N ILE B 213 15.34 57.05 27.78
CA ILE B 213 14.72 56.70 26.49
C ILE B 213 13.32 56.13 26.66
N LEU B 214 13.19 55.11 27.49
CA LEU B 214 11.85 54.56 27.75
C LEU B 214 10.86 55.65 28.22
N SER B 215 11.21 56.49 29.22
CA SER B 215 10.27 57.49 29.69
C SER B 215 9.86 58.46 28.53
N GLU B 216 10.80 58.82 27.65
CA GLU B 216 10.48 59.73 26.54
C GLU B 216 9.56 59.12 25.51
N ILE B 217 9.71 57.82 25.28
CA ILE B 217 8.76 57.06 24.40
C ILE B 217 7.37 56.99 25.02
N ILE B 218 7.31 56.74 26.33
CA ILE B 218 6.05 56.60 27.04
C ILE B 218 5.31 57.96 27.06
N ILE B 219 6.05 59.03 27.29
CA ILE B 219 5.39 60.36 27.33
C ILE B 219 4.90 60.67 25.90
N ALA B 220 5.73 60.38 24.90
CA ALA B 220 5.29 60.67 23.48
C ALA B 220 4.03 59.87 23.15
N ARG B 221 3.94 58.61 23.60
CA ARG B 221 2.68 57.82 23.36
C ARG B 221 1.47 58.45 24.07
N LYS B 222 1.65 58.91 25.32
CA LYS B 222 0.55 59.46 26.09
C LYS B 222 0.14 60.82 25.50
N GLU B 223 1.08 61.50 24.87
CA GLU B 223 0.73 62.80 24.21
C GLU B 223 -0.16 62.54 22.98
N GLU B 224 0.09 61.45 22.27
CA GLU B 224 -0.45 61.18 20.92
C GLU B 224 -1.62 60.16 20.78
N GLU B 225 -1.61 59.11 21.59
CA GLU B 225 -2.31 57.86 21.22
C GLU B 225 -3.80 57.73 21.51
N VAL B 226 -4.49 58.86 21.74
CA VAL B 226 -5.94 58.81 21.99
C VAL B 226 -6.78 59.42 20.86
N SER B 231 -3.07 52.66 19.08
CA SER B 231 -1.88 52.73 19.95
C SER B 231 -0.85 51.58 19.79
N THR B 232 0.44 51.88 20.09
CA THR B 232 1.53 50.95 19.94
C THR B 232 1.40 49.84 20.97
N SER B 233 1.58 48.59 20.53
CA SER B 233 1.51 47.43 21.41
C SER B 233 2.83 46.67 21.41
N ASP B 234 3.55 46.65 22.54
CA ASP B 234 4.83 46.06 22.59
C ASP B 234 5.25 45.58 24.01
N LEU B 235 6.48 45.12 24.16
CA LEU B 235 6.93 44.69 25.52
C LEU B 235 6.76 45.80 26.56
N LEU B 236 7.14 47.04 26.18
CA LEU B 236 7.09 48.16 27.11
C LEU B 236 5.67 48.43 27.57
N SER B 237 4.72 48.47 26.64
CA SER B 237 3.36 48.82 26.95
C SER B 237 2.73 47.68 27.76
N GLY B 238 3.03 46.45 27.35
CA GLY B 238 2.57 45.23 28.08
C GLY B 238 2.98 45.31 29.55
N LEU B 239 4.27 45.57 29.84
CA LEU B 239 4.74 45.66 31.20
C LEU B 239 4.16 46.79 31.94
N LEU B 240 4.03 47.94 31.29
CA LEU B 240 3.42 49.10 31.97
C LEU B 240 1.94 48.83 32.32
N SER B 241 1.28 47.94 31.59
CA SER B 241 -0.12 47.68 31.85
C SER B 241 -0.27 46.64 33.03
N ALA B 242 0.83 46.13 33.54
CA ALA B 242 0.77 45.04 34.53
C ALA B 242 0.39 45.61 35.90
N VAL B 243 -0.32 44.78 36.69
CA VAL B 243 -0.77 45.25 37.99
C VAL B 243 -0.55 44.08 38.97
N TYR B 244 0.17 44.33 40.05
CA TYR B 244 0.52 43.34 41.03
C TYR B 244 -0.75 42.88 41.79
N ARG B 245 -0.63 41.80 42.55
CA ARG B 245 -1.77 41.26 43.33
C ARG B 245 -2.26 42.31 44.28
N ASP B 246 -1.30 43.00 44.87
CA ASP B 246 -1.39 44.32 45.47
C ASP B 246 -2.44 45.30 45.03
N GLY B 247 -2.90 45.20 43.76
CA GLY B 247 -3.54 46.36 43.09
C GLY B 247 -2.66 47.51 42.55
N THR B 248 -1.35 47.47 42.82
CA THR B 248 -0.40 48.49 42.35
C THR B 248 0.24 48.16 40.96
N PRO B 249 0.57 49.20 40.24
CA PRO B 249 1.18 48.88 38.93
C PRO B 249 2.72 48.79 39.03
N MET B 250 3.36 48.15 38.03
CA MET B 250 4.80 48.22 37.93
C MET B 250 5.28 49.64 37.73
N SER B 251 6.35 50.05 38.38
CA SER B 251 6.89 51.40 38.15
C SER B 251 7.84 51.33 36.93
N LEU B 252 8.17 52.47 36.38
CA LEU B 252 9.16 52.52 35.28
C LEU B 252 10.45 51.91 35.69
N HIS B 253 10.92 52.19 36.90
CA HIS B 253 12.20 51.65 37.37
C HIS B 253 12.17 50.10 37.26
N GLU B 254 11.03 49.52 37.60
CA GLU B 254 10.93 48.07 37.54
C GLU B 254 10.81 47.55 36.06
N VAL B 255 10.05 48.26 35.25
CA VAL B 255 9.85 47.93 33.86
C VAL B 255 11.21 48.00 33.15
N CYS B 256 11.95 49.07 33.43
CA CYS B 256 13.33 49.21 32.90
C CYS B 256 14.14 48.02 33.27
N GLY B 257 14.10 47.66 34.55
CA GLY B 257 14.86 46.54 35.05
C GLY B 257 14.47 45.23 34.41
N MET B 258 13.20 44.99 34.14
CA MET B 258 12.79 43.69 33.54
C MET B 258 13.21 43.64 32.07
N ILE B 259 13.23 44.79 31.41
CA ILE B 259 13.72 44.87 30.03
C ILE B 259 15.18 44.56 30.03
N VAL B 260 15.95 45.16 30.95
CA VAL B 260 17.36 44.84 31.05
C VAL B 260 17.56 43.34 31.35
N ALA B 261 16.77 42.79 32.25
CA ALA B 261 16.91 41.33 32.55
C ALA B 261 16.69 40.51 31.29
N ALA B 262 15.65 40.83 30.50
CA ALA B 262 15.40 40.15 29.21
C ALA B 262 16.59 40.23 28.25
N MET B 263 17.21 41.43 28.17
CA MET B 263 18.44 41.62 27.38
C MET B 263 19.58 40.77 27.84
N PHE B 264 19.88 40.84 29.12
CA PHE B 264 20.97 40.05 29.65
C PHE B 264 20.73 38.53 29.53
N ALA B 265 19.48 38.12 29.66
CA ALA B 265 19.19 36.64 29.67
C ALA B 265 19.13 36.13 28.22
N GLY B 266 18.80 36.96 27.26
CA GLY B 266 18.37 36.47 25.94
C GLY B 266 19.26 36.78 24.73
N GLN B 267 20.08 37.81 24.85
CA GLN B 267 20.82 38.35 23.67
C GLN B 267 22.03 37.50 23.35
N HIS B 268 23.01 37.41 24.24
CA HIS B 268 24.15 36.63 23.99
C HIS B 268 23.86 35.11 23.96
N THR B 269 22.93 34.68 24.81
CA THR B 269 22.60 33.23 24.83
C THR B 269 22.09 32.83 23.48
N SER B 270 21.14 33.59 22.94
CA SER B 270 20.51 33.26 21.67
C SER B 270 21.51 33.36 20.50
N SER B 271 22.24 34.49 20.44
CA SER B 271 23.25 34.58 19.40
C SER B 271 24.36 33.50 19.44
N ILE B 272 24.81 33.13 20.61
CA ILE B 272 25.82 32.14 20.79
C ILE B 272 25.29 30.78 20.34
N THR B 273 24.03 30.50 20.68
CA THR B 273 23.41 29.27 20.25
C THR B 273 23.34 29.22 18.74
N THR B 274 22.96 30.33 18.10
CA THR B 274 22.90 30.39 16.63
C THR B 274 24.27 30.18 15.97
N THR B 275 25.23 30.94 16.48
CA THR B 275 26.63 30.79 15.98
C THR B 275 27.19 29.38 16.13
N TRP B 276 27.16 28.75 17.31
CA TRP B 276 27.61 27.39 17.47
C TRP B 276 26.89 26.44 16.48
N SER B 277 25.56 26.51 16.46
CA SER B 277 24.79 25.67 15.52
C SER B 277 25.24 25.75 14.04
N MET B 278 25.39 26.96 13.51
CA MET B 278 25.90 27.24 12.16
C MET B 278 27.38 26.75 11.99
N LEU B 279 28.22 27.03 13.01
CA LEU B 279 29.59 26.44 13.02
C LEU B 279 29.60 24.93 12.93
N HIS B 280 28.76 24.23 13.69
CA HIS B 280 28.77 22.80 13.59
C HIS B 280 28.25 22.39 12.19
N LEU B 281 27.25 23.11 11.68
CA LEU B 281 26.61 22.64 10.41
C LEU B 281 27.48 22.90 9.17
N MET B 282 28.33 23.94 9.21
CA MET B 282 29.14 24.26 8.07
C MET B 282 30.38 23.36 8.05
N HIS B 283 30.64 22.60 9.13
CA HIS B 283 31.89 21.86 9.21
C HIS B 283 31.74 20.61 8.35
N PRO B 284 32.77 20.34 7.51
CA PRO B 284 32.73 19.19 6.56
C PRO B 284 32.40 17.92 7.28
N ALA B 285 32.93 17.73 8.48
CA ALA B 285 32.54 16.56 9.27
C ALA B 285 31.05 16.32 9.44
N ASN B 286 30.24 17.39 9.43
CA ASN B 286 28.80 17.22 9.74
C ASN B 286 27.94 17.38 8.49
N VAL B 287 28.50 17.05 7.31
CA VAL B 287 27.78 17.20 5.99
C VAL B 287 26.47 16.46 6.05
N LYS B 288 26.41 15.38 6.82
CA LYS B 288 25.22 14.58 6.89
C LYS B 288 24.16 15.27 7.71
N HIS B 289 24.60 16.02 8.72
CA HIS B 289 23.66 16.86 9.47
C HIS B 289 23.20 18.04 8.63
N LEU B 290 24.11 18.68 7.89
CA LEU B 290 23.72 19.78 7.00
C LEU B 290 22.69 19.33 5.93
N GLU B 291 22.96 18.18 5.30
CA GLU B 291 21.94 17.64 4.41
C GLU B 291 20.58 17.26 5.07
N ALA B 292 20.59 16.63 6.23
CA ALA B 292 19.34 16.39 6.98
C ALA B 292 18.53 17.69 7.33
N LEU B 293 19.23 18.76 7.66
CA LEU B 293 18.57 20.03 7.95
C LEU B 293 18.00 20.51 6.62
N ARG B 294 18.80 20.38 5.54
CA ARG B 294 18.43 20.91 4.23
C ARG B 294 17.21 20.22 3.65
N LYS B 295 17.05 18.96 4.08
CA LYS B 295 15.90 18.11 3.73
C LYS B 295 14.66 18.61 4.43
N GLU B 296 14.83 18.78 5.72
CA GLU B 296 13.76 19.23 6.57
C GLU B 296 13.17 20.53 6.04
N ILE B 297 14.00 21.44 5.53
CA ILE B 297 13.56 22.73 5.06
C ILE B 297 13.20 22.79 3.55
N GLU B 298 13.45 21.67 2.86
CA GLU B 298 13.41 21.68 1.39
C GLU B 298 12.04 22.04 0.92
N GLU B 299 11.02 21.52 1.61
CA GLU B 299 9.59 21.78 1.25
C GLU B 299 9.03 23.15 1.70
N PHE B 300 9.82 23.96 2.46
CA PHE B 300 9.31 25.23 3.01
C PHE B 300 9.19 26.25 2.00
N PRO B 301 8.13 27.07 2.08
CA PRO B 301 8.05 28.31 1.28
C PRO B 301 9.23 29.26 1.48
N ALA B 302 9.41 30.20 0.57
CA ALA B 302 10.43 31.23 0.67
C ALA B 302 10.10 32.08 1.92
N GLN B 303 8.81 32.16 2.25
CA GLN B 303 8.32 32.85 3.51
C GLN B 303 7.94 31.88 4.58
N LEU B 304 8.84 31.67 5.53
CA LEU B 304 8.48 30.78 6.62
C LEU B 304 7.29 31.34 7.33
N ASN B 305 6.42 30.45 7.78
CA ASN B 305 5.36 30.83 8.69
C ASN B 305 5.53 30.09 10.02
N TYR B 306 4.70 30.49 10.97
CA TYR B 306 4.67 29.87 12.29
C TYR B 306 4.73 28.36 12.19
N ASN B 307 3.87 27.77 11.33
CA ASN B 307 3.81 26.29 11.35
C ASN B 307 5.14 25.65 10.96
N ASN B 308 5.78 26.21 9.94
CA ASN B 308 7.08 25.72 9.46
C ASN B 308 8.07 25.62 10.65
N VAL B 309 8.22 26.73 11.36
CA VAL B 309 9.16 26.80 12.45
C VAL B 309 8.77 26.06 13.70
N MET B 310 7.51 26.20 14.13
CA MET B 310 7.05 25.60 15.39
C MET B 310 6.75 24.14 15.30
N ASP B 311 6.24 23.73 14.14
CA ASP B 311 5.82 22.33 14.00
C ASP B 311 6.71 21.46 13.14
N GLU B 312 7.48 22.04 12.25
CA GLU B 312 8.12 21.22 11.19
C GLU B 312 9.65 21.31 11.20
N MET B 313 10.21 21.66 12.37
CA MET B 313 11.70 21.84 12.46
C MET B 313 12.19 21.08 13.65
N PRO B 314 11.74 19.83 13.85
CA PRO B 314 12.24 19.16 15.03
C PRO B 314 13.77 18.88 14.96
N PHE B 315 14.31 18.70 13.77
CA PHE B 315 15.76 18.49 13.63
C PHE B 315 16.55 19.81 13.93
N ALA B 316 16.09 20.91 13.40
CA ALA B 316 16.73 22.20 13.65
C ALA B 316 16.78 22.45 15.13
N GLU B 317 15.72 22.06 15.82
CA GLU B 317 15.64 22.26 17.24
C GLU B 317 16.63 21.36 17.98
N ARG B 318 16.80 20.15 17.44
CA ARG B 318 17.87 19.26 18.00
C ARG B 318 19.25 19.80 17.84
N CYS B 319 19.51 20.45 16.74
CA CYS B 319 20.82 21.00 16.43
C CYS B 319 21.11 22.15 17.47
N ALA B 320 20.14 23.05 17.62
CA ALA B 320 20.26 24.10 18.69
C ALA B 320 20.45 23.53 20.09
N ARG B 321 19.60 22.59 20.50
CA ARG B 321 19.70 22.10 21.85
C ARG B 321 21.06 21.42 22.07
N GLU B 322 21.51 20.68 21.06
CA GLU B 322 22.80 19.96 21.23
C GLU B 322 24.00 20.92 21.21
N SER B 323 23.88 22.04 20.49
CA SER B 323 24.89 23.08 20.60
C SER B 323 24.97 23.54 22.06
N ILE B 324 23.80 23.73 22.71
CA ILE B 324 23.78 24.12 24.17
C ILE B 324 24.26 23.06 25.09
N ARG B 325 23.99 21.80 24.72
CA ARG B 325 24.41 20.69 25.52
C ARG B 325 25.96 20.70 25.49
N ARG B 326 26.56 20.74 24.31
CA ARG B 326 28.02 20.58 24.22
C ARG B 326 28.73 21.83 24.85
N ASP B 327 28.24 23.02 24.50
CA ASP B 327 28.89 24.27 25.04
C ASP B 327 27.83 25.24 25.65
N PRO B 328 27.40 24.93 26.87
CA PRO B 328 26.24 25.68 27.41
C PRO B 328 26.77 27.11 27.69
N PRO B 329 25.98 28.09 27.34
CA PRO B 329 26.47 29.49 27.47
C PRO B 329 26.53 29.91 28.94
N LEU B 330 25.65 29.31 29.76
CA LEU B 330 25.72 29.54 31.18
C LEU B 330 26.37 28.33 31.83
N LEU B 331 27.59 28.52 32.36
CA LEU B 331 28.38 27.31 32.83
C LEU B 331 27.94 26.81 34.17
N MET B 332 27.49 27.73 35.00
CA MET B 332 27.34 27.38 36.37
C MET B 332 26.04 28.05 36.89
N LEU B 333 25.13 27.28 37.48
CA LEU B 333 23.96 27.89 38.17
C LEU B 333 24.06 27.78 39.68
N MET B 334 23.68 28.82 40.41
CA MET B 334 23.94 28.84 41.85
C MET B 334 22.75 29.28 42.68
N ARG B 335 22.72 28.86 43.96
CA ARG B 335 21.76 29.33 44.90
C ARG B 335 22.42 29.45 46.26
N LYS B 336 21.90 30.28 47.14
CA LYS B 336 22.42 30.33 48.49
C LYS B 336 21.58 29.32 49.37
N VAL B 337 22.30 28.44 50.07
CA VAL B 337 21.58 27.42 50.97
C VAL B 337 21.08 28.10 52.26
N MET B 338 19.77 28.20 52.39
CA MET B 338 19.17 28.95 53.50
C MET B 338 18.83 27.98 54.68
N ALA B 339 18.75 26.69 54.37
CA ALA B 339 18.57 25.63 55.36
C ALA B 339 19.23 24.36 54.86
N ASP B 340 19.74 23.52 55.77
CA ASP B 340 20.28 22.22 55.36
C ASP B 340 19.44 21.49 54.35
N VAL B 341 20.07 20.90 53.34
CA VAL B 341 19.36 20.14 52.35
C VAL B 341 20.03 18.81 51.99
N LYS B 342 19.20 17.83 51.73
CA LYS B 342 19.68 16.51 51.40
C LYS B 342 20.04 16.41 49.95
N VAL B 343 21.27 16.00 49.67
CA VAL B 343 21.64 15.70 48.30
C VAL B 343 22.41 14.39 48.22
N GLY B 344 21.84 13.44 47.45
CA GLY B 344 22.34 12.06 47.39
C GLY B 344 22.48 11.55 48.82
N SER B 345 23.68 11.12 49.17
CA SER B 345 23.91 10.53 50.50
C SER B 345 24.40 11.59 51.47
N TYR B 346 24.48 12.84 51.02
CA TYR B 346 25.09 13.90 51.83
C TYR B 346 24.06 14.89 52.21
N VAL B 347 24.42 15.73 53.18
CA VAL B 347 23.71 16.93 53.54
C VAL B 347 24.57 18.18 53.26
N VAL B 348 23.95 19.13 52.55
CA VAL B 348 24.56 20.43 52.19
C VAL B 348 24.08 21.47 53.19
N PRO B 349 24.99 22.01 53.96
CA PRO B 349 24.67 22.83 55.13
C PRO B 349 24.23 24.27 54.81
N LYS B 350 23.37 24.77 55.67
CA LYS B 350 22.99 26.16 55.68
C LYS B 350 24.27 27.03 55.58
N GLY B 351 24.28 28.04 54.71
CA GLY B 351 25.49 28.86 54.54
C GLY B 351 26.26 28.56 53.30
N ASP B 352 26.17 27.35 52.78
CA ASP B 352 26.90 27.04 51.50
C ASP B 352 26.25 27.76 50.32
N ILE B 353 27.06 28.00 49.28
CA ILE B 353 26.48 28.19 47.98
C ILE B 353 26.36 26.79 47.38
N ILE B 354 25.23 26.50 46.77
CA ILE B 354 25.11 25.27 46.02
C ILE B 354 25.10 25.60 44.56
N ALA B 355 25.58 24.70 43.74
CA ALA B 355 25.63 24.97 42.29
C ALA B 355 25.36 23.74 41.53
N CYS B 356 24.68 23.92 40.44
CA CYS B 356 24.57 22.85 39.50
C CYS B 356 25.12 23.38 38.17
N SER B 357 26.09 22.68 37.59
CA SER B 357 26.78 23.14 36.41
C SER B 357 26.39 22.48 35.09
N PRO B 358 25.67 23.21 34.23
CA PRO B 358 25.45 22.67 32.87
C PRO B 358 26.74 22.21 32.20
N LEU B 359 27.84 22.93 32.41
CA LEU B 359 29.07 22.50 31.76
C LEU B 359 29.49 21.07 32.26
N LEU B 360 29.52 20.89 33.56
CA LEU B 360 29.94 19.60 34.11
C LEU B 360 28.92 18.49 33.76
N SER B 361 27.64 18.75 33.99
CA SER B 361 26.57 17.73 33.80
C SER B 361 26.48 17.30 32.36
N HIS B 362 26.71 18.24 31.43
CA HIS B 362 26.64 17.94 29.99
C HIS B 362 27.84 17.13 29.52
N HIS B 363 28.83 16.96 30.44
CA HIS B 363 29.99 16.13 30.07
C HIS B 363 30.14 14.85 30.90
N ASP B 364 29.13 14.55 31.71
CA ASP B 364 29.06 13.32 32.46
C ASP B 364 28.97 12.19 31.40
N GLU B 365 29.92 11.27 31.43
CA GLU B 365 30.12 10.33 30.31
C GLU B 365 29.03 9.23 30.17
N GLU B 366 28.29 9.00 31.24
CA GLU B 366 27.13 8.12 31.23
C GLU B 366 25.90 8.80 30.57
N ALA B 367 25.67 10.08 30.88
CA ALA B 367 24.50 10.81 30.31
C ALA B 367 24.77 11.22 28.90
N PHE B 368 26.01 11.58 28.61
CA PHE B 368 26.38 12.03 27.30
C PHE B 368 27.73 11.40 26.87
N PRO B 369 27.71 10.15 26.28
CA PRO B 369 28.98 9.53 25.88
C PRO B 369 29.72 10.31 24.81
N GLU B 370 31.05 10.40 24.95
CA GLU B 370 31.86 11.17 24.03
C GLU B 370 31.29 12.65 23.96
N PRO B 371 31.22 13.28 25.12
CA PRO B 371 30.48 14.58 25.22
C PRO B 371 31.04 15.69 24.36
N ARG B 372 32.31 15.59 23.93
CA ARG B 372 32.81 16.56 23.02
C ARG B 372 32.34 16.38 21.60
N ARG B 373 31.69 15.25 21.37
CA ARG B 373 31.13 15.03 20.06
C ARG B 373 29.77 15.74 19.92
N TRP B 374 29.65 16.57 18.89
CA TRP B 374 28.36 17.27 18.68
C TRP B 374 27.49 16.29 17.87
N ASP B 375 26.47 15.74 18.49
CA ASP B 375 25.56 14.85 17.79
C ASP B 375 24.05 15.19 17.99
N PRO B 376 23.45 15.90 17.03
CA PRO B 376 22.06 16.34 17.24
C PRO B 376 21.11 15.16 17.35
N GLU B 377 21.55 14.00 16.90
CA GLU B 377 20.72 12.82 16.95
C GLU B 377 20.95 12.09 18.22
N ARG B 378 21.86 12.55 19.08
CA ARG B 378 21.98 11.87 20.36
C ARG B 378 20.67 12.05 21.05
N ASP B 379 20.35 11.12 21.92
CA ASP B 379 19.30 11.38 22.86
C ASP B 379 19.92 11.26 24.29
N GLU B 380 19.29 11.84 25.31
CA GLU B 380 19.80 11.71 26.69
C GLU B 380 19.58 10.25 27.25
N LYS B 381 20.25 9.92 28.36
CA LYS B 381 20.34 8.53 28.86
C LYS B 381 20.12 8.54 30.34
N VAL B 382 20.16 9.75 30.92
CA VAL B 382 19.75 9.95 32.31
C VAL B 382 18.69 11.03 32.33
N GLU B 383 17.64 10.80 33.13
CA GLU B 383 16.49 11.65 33.10
C GLU B 383 16.87 13.04 33.67
N GLY B 384 16.60 14.11 32.91
CA GLY B 384 16.83 15.42 33.50
C GLY B 384 18.31 15.88 33.40
N ALA B 385 19.10 15.19 32.57
CA ALA B 385 20.57 15.47 32.54
C ALA B 385 20.83 16.77 31.77
N PHE B 386 19.99 17.07 30.77
CA PHE B 386 20.14 18.33 30.02
C PHE B 386 19.56 19.47 30.84
N ILE B 387 20.40 20.46 31.14
CA ILE B 387 20.00 21.56 32.05
C ILE B 387 20.44 22.89 31.42
N GLY B 388 20.50 22.88 30.10
CA GLY B 388 20.96 24.07 29.28
C GLY B 388 20.09 25.30 29.51
N PHE B 389 18.80 25.03 29.82
CA PHE B 389 17.84 26.07 30.08
C PHE B 389 17.41 26.05 31.53
N GLY B 390 18.27 25.52 32.44
CA GLY B 390 17.93 25.35 33.83
C GLY B 390 16.71 24.39 33.99
N ALA B 391 16.02 24.54 35.08
CA ALA B 391 14.89 23.62 35.44
C ALA B 391 14.23 24.11 36.70
N GLY B 392 13.05 23.54 37.01
CA GLY B 392 12.36 23.86 38.25
C GLY B 392 11.94 25.30 38.49
N VAL B 393 12.22 25.80 39.67
CA VAL B 393 11.78 27.07 40.18
C VAL B 393 12.20 28.23 39.25
N HIS B 394 13.40 28.12 38.67
CA HIS B 394 13.86 29.24 37.83
C HIS B 394 14.17 28.81 36.44
N LYS B 395 13.40 27.83 35.91
CA LYS B 395 13.63 27.43 34.53
C LYS B 395 13.48 28.66 33.56
N CYS B 396 14.21 28.60 32.45
CA CYS B 396 14.29 29.71 31.52
C CYS B 396 12.88 30.01 31.00
N ILE B 397 12.49 31.27 31.06
CA ILE B 397 11.17 31.67 30.51
C ILE B 397 11.29 32.06 29.04
N GLY B 398 12.50 32.30 28.56
CA GLY B 398 12.66 32.73 27.21
C GLY B 398 12.98 31.62 26.23
N GLN B 399 13.07 30.37 26.70
CA GLN B 399 13.51 29.23 25.86
C GLN B 399 12.83 29.18 24.51
N LYS B 400 11.52 29.28 24.47
CA LYS B 400 10.77 29.16 23.16
C LYS B 400 11.00 30.32 22.24
N PHE B 401 11.13 31.52 22.83
CA PHE B 401 11.42 32.73 21.97
C PHE B 401 12.83 32.68 21.45
N GLY B 402 13.79 32.31 22.30
CA GLY B 402 15.19 32.20 21.82
C GLY B 402 15.29 31.15 20.69
N LEU B 403 14.66 29.99 20.87
CA LEU B 403 14.73 28.94 19.84
C LEU B 403 13.98 29.24 18.58
N LEU B 404 12.92 30.01 18.69
CA LEU B 404 12.21 30.51 17.51
C LEU B 404 13.18 31.35 16.68
N GLN B 405 13.89 32.26 17.37
CA GLN B 405 14.89 33.02 16.62
C GLN B 405 15.97 32.17 15.93
N VAL B 406 16.56 31.27 16.70
CA VAL B 406 17.70 30.45 16.24
C VAL B 406 17.23 29.64 15.01
N LYS B 407 16.08 28.98 15.11
CA LYS B 407 15.55 28.14 13.98
C LYS B 407 15.18 28.90 12.75
N THR B 408 14.64 30.12 12.91
CA THR B 408 14.32 30.94 11.81
C THR B 408 15.63 31.37 11.10
N ILE B 409 16.64 31.75 11.86
CA ILE B 409 17.94 32.10 11.23
C ILE B 409 18.60 30.92 10.49
N LEU B 410 18.60 29.74 11.11
CA LEU B 410 19.14 28.50 10.45
C LEU B 410 18.45 28.22 9.11
N ALA B 411 17.11 28.14 9.15
CA ALA B 411 16.32 27.88 7.89
C ALA B 411 16.57 28.91 6.84
N THR B 412 16.65 30.18 7.26
CA THR B 412 16.90 31.27 6.34
C THR B 412 18.34 31.27 5.76
N ALA B 413 19.31 31.03 6.59
CA ALA B 413 20.70 31.16 6.20
C ALA B 413 21.00 30.00 5.22
N PHE B 414 20.64 28.79 5.63
CA PHE B 414 21.08 27.61 4.89
C PHE B 414 20.28 27.40 3.61
N ARG B 415 19.11 28.03 3.51
CA ARG B 415 18.32 28.02 2.27
C ARG B 415 19.08 28.68 1.18
N SER B 416 19.69 29.80 1.52
CA SER B 416 20.25 30.57 0.46
C SER B 416 21.78 30.71 0.44
N TYR B 417 22.46 30.08 1.40
CA TYR B 417 23.89 30.17 1.52
C TYR B 417 24.48 28.86 1.97
N ASP B 418 25.73 28.64 1.55
CA ASP B 418 26.60 27.70 2.20
C ASP B 418 27.71 28.50 2.88
N PHE B 419 28.41 27.83 3.78
CA PHE B 419 29.42 28.46 4.64
C PHE B 419 30.67 27.62 4.74
N GLN B 420 31.81 28.32 4.68
CA GLN B 420 33.09 27.70 4.94
C GLN B 420 33.78 28.28 6.19
N LEU B 421 34.09 27.40 7.11
CA LEU B 421 34.93 27.71 8.27
C LEU B 421 36.35 27.92 7.79
N LEU B 422 36.96 29.03 8.17
CA LEU B 422 38.36 29.32 7.85
C LEU B 422 39.33 28.75 8.89
N ARG B 423 39.16 27.46 9.22
CA ARG B 423 39.88 26.82 10.30
C ARG B 423 39.58 25.37 10.13
N ASP B 424 40.49 24.51 10.57
CA ASP B 424 40.33 23.05 10.53
C ASP B 424 39.23 22.47 11.43
N GLU B 425 39.12 23.05 12.60
CA GLU B 425 38.24 22.57 13.66
C GLU B 425 37.28 23.69 14.03
N VAL B 426 36.14 23.29 14.57
CA VAL B 426 35.15 24.19 15.14
C VAL B 426 35.84 24.96 16.31
N PRO B 427 35.55 26.25 16.47
CA PRO B 427 36.19 27.03 17.55
C PRO B 427 36.22 26.39 18.91
N ASP B 428 37.20 26.82 19.72
CA ASP B 428 37.25 26.44 21.12
C ASP B 428 36.30 27.42 21.83
N PRO B 429 35.63 26.97 22.90
CA PRO B 429 34.82 27.90 23.66
C PRO B 429 35.75 28.84 24.41
N ASP B 430 35.33 30.08 24.57
CA ASP B 430 36.10 31.02 25.35
C ASP B 430 35.43 31.30 26.70
N TYR B 431 36.01 30.74 27.74
CA TYR B 431 35.43 30.73 29.11
C TYR B 431 35.69 31.99 29.91
N HIS B 432 36.32 33.00 29.32
CA HIS B 432 36.56 34.24 30.09
C HIS B 432 35.45 35.31 30.04
N THR B 433 34.30 35.03 29.43
CA THR B 433 33.22 36.00 29.41
C THR B 433 32.11 35.42 30.31
N MET B 434 31.21 36.29 30.80
CA MET B 434 30.09 35.89 31.67
C MET B 434 29.08 34.94 31.02
N VAL B 435 28.80 35.17 29.75
CA VAL B 435 28.02 34.19 28.90
C VAL B 435 29.04 33.65 27.85
N VAL B 436 29.19 32.32 27.83
CA VAL B 436 30.29 31.68 27.17
C VAL B 436 29.85 31.27 25.77
N GLY B 437 30.64 31.66 24.75
CA GLY B 437 30.40 31.31 23.37
C GLY B 437 31.71 30.88 22.72
N PRO B 438 31.65 30.62 21.40
CA PRO B 438 32.90 30.30 20.62
C PRO B 438 33.88 31.47 20.61
N THR B 439 35.18 31.16 20.67
CA THR B 439 36.23 32.19 20.62
C THR B 439 36.03 33.06 19.40
N ALA B 440 35.75 34.33 19.65
CA ALA B 440 35.37 35.30 18.63
C ALA B 440 36.39 35.39 17.45
N SER B 441 37.70 35.35 17.76
CA SER B 441 38.73 35.42 16.69
C SER B 441 38.79 34.17 15.79
N GLN B 442 38.18 33.08 16.25
CA GLN B 442 38.10 31.84 15.52
C GLN B 442 36.81 31.63 14.72
N CYS B 443 36.01 32.67 14.55
CA CYS B 443 34.64 32.54 13.97
C CYS B 443 34.57 33.21 12.62
N ARG B 444 35.72 33.52 12.00
CA ARG B 444 35.72 34.03 10.63
C ARG B 444 35.25 32.87 9.75
N VAL B 445 34.38 33.24 8.82
CA VAL B 445 33.65 32.29 8.03
C VAL B 445 33.54 32.90 6.61
N LYS B 446 33.57 32.05 5.59
CA LYS B 446 33.25 32.56 4.24
C LYS B 446 31.81 32.10 3.97
N TYR B 447 30.97 33.00 3.50
CA TYR B 447 29.63 32.61 3.04
C TYR B 447 29.68 32.47 1.49
N ILE B 448 28.94 31.49 0.98
CA ILE B 448 28.82 31.27 -0.47
C ILE B 448 27.35 31.25 -0.90
N ARG B 449 26.96 32.26 -1.67
CA ARG B 449 25.61 32.47 -2.11
C ARG B 449 25.21 31.32 -2.99
N ARG B 450 23.97 30.89 -2.79
CA ARG B 450 23.48 29.67 -3.37
C ARG B 450 22.01 29.89 -3.84
N SER C 1 1.36 -29.30 -10.96
CA SER C 1 1.78 -27.89 -10.60
C SER C 1 2.03 -27.05 -11.90
N LYS C 2 1.88 -25.71 -11.82
CA LYS C 2 2.20 -24.79 -12.94
C LYS C 2 3.58 -25.04 -13.50
N GLY C 3 3.72 -25.07 -14.84
CA GLY C 3 5.04 -25.21 -15.45
C GLY C 3 5.52 -26.66 -15.53
N LYS C 4 4.70 -27.57 -15.00
CA LYS C 4 5.12 -29.01 -15.02
C LYS C 4 4.30 -29.73 -16.10
N LEU C 5 4.41 -31.04 -16.18
CA LEU C 5 3.60 -31.78 -17.20
C LEU C 5 2.15 -31.85 -16.85
N PRO C 6 1.23 -32.00 -17.87
CA PRO C 6 -0.13 -32.19 -17.51
C PRO C 6 -0.31 -33.37 -16.58
N PRO C 7 -1.42 -33.41 -15.86
CA PRO C 7 -1.71 -34.62 -15.08
C PRO C 7 -1.90 -35.86 -15.98
N VAL C 8 -1.43 -37.00 -15.47
CA VAL C 8 -1.44 -38.25 -16.23
C VAL C 8 -2.64 -39.06 -15.77
N TYR C 9 -3.44 -39.56 -16.70
CA TYR C 9 -4.50 -40.44 -16.29
C TYR C 9 -3.96 -41.87 -16.06
N PRO C 10 -4.23 -42.50 -14.89
CA PRO C 10 -3.65 -43.85 -14.63
C PRO C 10 -4.03 -44.93 -15.71
N VAL C 11 -3.10 -45.80 -16.02
CA VAL C 11 -3.26 -46.92 -16.89
C VAL C 11 -3.47 -48.18 -16.07
N THR C 12 -4.50 -48.95 -16.46
CA THR C 12 -4.88 -50.22 -15.81
C THR C 12 -4.54 -51.44 -16.64
N VAL C 13 -4.63 -51.32 -17.96
CA VAL C 13 -4.30 -52.42 -18.89
C VAL C 13 -2.89 -52.31 -19.47
N PRO C 14 -2.01 -53.31 -19.18
CA PRO C 14 -0.56 -53.31 -19.39
C PRO C 14 -0.02 -52.68 -20.71
N ILE C 15 -0.50 -53.20 -21.84
CA ILE C 15 0.21 -52.99 -23.11
C ILE C 15 -0.62 -52.08 -23.99
N LEU C 16 -1.93 -52.13 -23.78
CA LEU C 16 -2.91 -51.39 -24.57
C LEU C 16 -3.07 -49.90 -24.12
N GLY C 17 -2.86 -49.65 -22.83
CA GLY C 17 -3.21 -48.37 -22.25
C GLY C 17 -4.69 -48.13 -22.30
N HIS C 18 -5.09 -46.97 -22.81
CA HIS C 18 -6.49 -46.59 -22.80
C HIS C 18 -7.24 -46.83 -24.12
N ILE C 19 -6.59 -47.42 -25.13
CA ILE C 19 -7.21 -47.46 -26.52
C ILE C 19 -8.60 -48.08 -26.56
N ILE C 20 -8.81 -49.12 -25.72
CA ILE C 20 -10.05 -49.85 -25.73
C ILE C 20 -11.12 -49.11 -25.05
N GLN C 21 -10.81 -48.58 -23.86
CA GLN C 21 -11.76 -47.73 -23.17
C GLN C 21 -12.13 -46.51 -24.03
N PHE C 22 -11.12 -45.93 -24.68
CA PHE C 22 -11.35 -44.77 -25.57
C PHE C 22 -12.33 -45.16 -26.73
N GLY C 23 -12.03 -46.23 -27.46
CA GLY C 23 -12.91 -46.84 -28.49
C GLY C 23 -14.34 -47.24 -28.13
N LYS C 24 -14.56 -47.76 -26.91
CA LYS C 24 -15.94 -48.06 -26.39
C LYS C 24 -16.85 -46.85 -26.13
N SER C 25 -16.25 -45.71 -25.74
CA SER C 25 -16.99 -44.53 -25.56
C SER C 25 -16.03 -43.34 -25.55
N PRO C 26 -15.68 -42.82 -26.75
CA PRO C 26 -14.64 -41.77 -26.75
C PRO C 26 -15.05 -40.57 -25.96
N LEU C 27 -16.31 -40.13 -26.06
CA LEU C 27 -16.71 -38.89 -25.38
C LEU C 27 -16.78 -39.11 -23.88
N GLY C 28 -17.49 -40.18 -23.50
CA GLY C 28 -17.63 -40.49 -22.07
C GLY C 28 -16.29 -40.74 -21.38
N PHE C 29 -15.38 -41.47 -22.04
CA PHE C 29 -14.03 -41.67 -21.52
C PHE C 29 -13.28 -40.34 -21.29
N MET C 30 -13.23 -39.52 -22.33
CA MET C 30 -12.49 -38.23 -22.20
C MET C 30 -13.09 -37.33 -21.09
N GLN C 31 -14.42 -37.27 -21.01
CA GLN C 31 -15.11 -36.40 -20.03
C GLN C 31 -14.84 -36.88 -18.63
N GLU C 32 -14.82 -38.22 -18.47
CA GLU C 32 -14.42 -38.83 -17.16
C GLU C 32 -12.99 -38.49 -16.73
N CYS C 33 -12.04 -38.58 -17.65
CA CYS C 33 -10.67 -38.12 -17.36
C CYS C 33 -10.65 -36.67 -16.87
N LYS C 34 -11.25 -35.79 -17.65
CA LYS C 34 -11.30 -34.36 -17.33
C LYS C 34 -11.91 -34.14 -15.93
N ARG C 35 -12.99 -34.86 -15.60
CA ARG C 35 -13.66 -34.73 -14.33
C ARG C 35 -12.75 -35.16 -13.20
N GLN C 36 -12.16 -36.33 -13.32
CA GLN C 36 -11.36 -36.88 -12.24
C GLN C 36 -10.01 -36.22 -12.06
N LEU C 37 -9.41 -35.74 -13.14
CA LEU C 37 -8.14 -35.11 -12.98
C LEU C 37 -8.37 -33.65 -12.64
N LYS C 38 -9.62 -33.20 -12.70
CA LYS C 38 -9.95 -31.77 -12.54
C LYS C 38 -9.14 -30.84 -13.46
N SER C 39 -9.02 -31.19 -14.76
CA SER C 39 -8.12 -30.44 -15.64
C SER C 39 -8.63 -30.67 -17.04
N GLY C 40 -8.76 -29.58 -17.82
CA GLY C 40 -9.11 -29.73 -19.25
C GLY C 40 -7.89 -30.16 -20.09
N ILE C 41 -6.70 -30.04 -19.56
CA ILE C 41 -5.47 -30.49 -20.27
C ILE C 41 -4.97 -31.72 -19.47
N PHE C 42 -4.84 -32.89 -20.15
CA PHE C 42 -4.38 -34.09 -19.49
C PHE C 42 -3.83 -35.11 -20.48
N THR C 43 -3.08 -36.09 -19.96
CA THR C 43 -2.38 -37.03 -20.80
C THR C 43 -2.93 -38.46 -20.63
N ILE C 44 -3.43 -39.05 -21.73
CA ILE C 44 -3.77 -40.50 -21.76
C ILE C 44 -2.72 -41.35 -22.49
N ASN C 45 -2.98 -42.67 -22.60
CA ASN C 45 -1.90 -43.50 -23.03
C ASN C 45 -2.50 -44.46 -24.10
N ILE C 46 -1.94 -44.42 -25.29
CA ILE C 46 -2.49 -45.24 -26.38
C ILE C 46 -1.38 -46.17 -26.81
N VAL C 47 -1.52 -47.44 -26.42
CA VAL C 47 -0.49 -48.50 -26.69
C VAL C 47 0.91 -48.04 -26.32
N GLY C 48 1.06 -47.43 -25.14
CA GLY C 48 2.41 -46.98 -24.75
C GLY C 48 2.75 -45.56 -25.10
N LYS C 49 1.94 -44.90 -25.94
CA LYS C 49 2.30 -43.55 -26.39
C LYS C 49 1.56 -42.50 -25.54
N ARG C 50 2.28 -41.47 -25.09
CA ARG C 50 1.58 -40.40 -24.38
C ARG C 50 0.79 -39.57 -25.43
N VAL C 51 -0.48 -39.38 -25.15
CA VAL C 51 -1.32 -38.47 -25.92
C VAL C 51 -1.86 -37.40 -24.94
N THR C 52 -1.36 -36.19 -25.13
CA THR C 52 -1.86 -35.07 -24.31
C THR C 52 -3.04 -34.41 -24.99
N ILE C 53 -4.23 -34.43 -24.36
CA ILE C 53 -5.45 -33.83 -24.95
C ILE C 53 -5.65 -32.40 -24.49
N VAL C 54 -5.78 -31.48 -25.44
CA VAL C 54 -6.17 -30.04 -25.09
C VAL C 54 -7.70 -30.05 -25.06
N GLY C 55 -8.26 -30.39 -23.91
CA GLY C 55 -9.69 -30.53 -23.74
C GLY C 55 -10.39 -29.33 -23.13
N ASP C 56 -9.74 -28.18 -23.19
CA ASP C 56 -10.29 -26.91 -22.69
C ASP C 56 -10.40 -26.04 -23.97
N PRO C 57 -11.62 -25.72 -24.37
CA PRO C 57 -11.80 -24.93 -25.62
C PRO C 57 -11.11 -23.57 -25.53
N HIS C 58 -10.97 -22.99 -24.34
CA HIS C 58 -10.12 -21.75 -24.18
C HIS C 58 -8.71 -21.88 -24.61
N GLU C 59 -8.13 -23.12 -24.62
CA GLU C 59 -6.77 -23.30 -25.09
C GLU C 59 -6.61 -23.88 -26.52
N HIS C 60 -7.65 -23.85 -27.33
CA HIS C 60 -7.57 -24.39 -28.75
C HIS C 60 -6.44 -23.74 -29.54
N SER C 61 -6.25 -22.42 -29.37
CA SER C 61 -5.21 -21.74 -30.13
C SER C 61 -3.80 -22.31 -29.95
N ARG C 62 -3.54 -22.92 -28.79
CA ARG C 62 -2.25 -23.49 -28.44
C ARG C 62 -1.93 -24.75 -29.25
N PHE C 63 -2.95 -25.33 -29.78
CA PHE C 63 -2.80 -26.53 -30.72
C PHE C 63 -2.85 -26.11 -32.19
N PHE C 64 -3.72 -25.18 -32.55
CA PHE C 64 -3.98 -24.94 -34.04
C PHE C 64 -3.04 -23.90 -34.67
N LEU C 65 -2.47 -23.04 -33.83
CA LEU C 65 -1.65 -21.93 -34.35
C LEU C 65 -0.12 -22.06 -34.35
N PRO C 66 0.51 -22.87 -33.47
CA PRO C 66 1.97 -22.98 -33.58
C PRO C 66 2.43 -23.52 -34.90
N ARG C 67 3.63 -23.14 -35.33
CA ARG C 67 4.10 -23.60 -36.66
C ARG C 67 4.41 -25.14 -36.72
N ASN C 68 4.46 -25.71 -37.95
CA ASN C 68 4.90 -27.09 -38.19
C ASN C 68 6.11 -27.55 -37.46
N GLU C 69 7.09 -26.67 -37.34
CA GLU C 69 8.35 -27.01 -36.76
C GLU C 69 8.21 -27.21 -35.24
N VAL C 70 7.07 -26.80 -34.67
CA VAL C 70 6.82 -26.96 -33.24
C VAL C 70 5.79 -28.10 -33.01
N LEU C 71 4.64 -28.03 -33.68
CA LEU C 71 3.65 -29.08 -33.69
C LEU C 71 3.53 -29.64 -35.10
N SER C 72 4.12 -30.81 -35.30
CA SER C 72 4.30 -31.37 -36.69
C SER C 72 3.20 -32.41 -37.05
N PRO C 73 2.66 -32.28 -38.25
CA PRO C 73 1.67 -33.25 -38.75
C PRO C 73 2.33 -34.47 -39.39
N ARG C 74 3.65 -34.48 -39.56
CA ARG C 74 4.25 -35.55 -40.35
C ARG C 74 4.06 -36.96 -39.76
N GLU C 75 4.40 -37.11 -38.48
CA GLU C 75 4.36 -38.42 -37.90
C GLU C 75 2.94 -38.90 -37.79
N VAL C 76 1.98 -38.03 -37.56
CA VAL C 76 0.58 -38.44 -37.41
C VAL C 76 -0.07 -38.88 -38.74
N TYR C 77 0.47 -38.42 -39.87
CA TYR C 77 -0.07 -38.83 -41.18
C TYR C 77 0.76 -39.92 -41.84
N SER C 78 1.75 -40.49 -41.11
CA SER C 78 2.67 -41.49 -41.69
C SER C 78 1.90 -42.71 -42.15
N PHE C 79 0.74 -43.03 -41.51
CA PHE C 79 0.02 -44.21 -41.87
C PHE C 79 -0.68 -44.04 -43.24
N MET C 80 -0.74 -42.79 -43.75
CA MET C 80 -1.30 -42.47 -45.07
C MET C 80 -0.29 -42.42 -46.17
N VAL C 81 1.02 -42.59 -45.87
CA VAL C 81 2.07 -42.54 -46.91
C VAL C 81 1.76 -43.52 -48.11
N PRO C 82 1.22 -44.73 -47.83
CA PRO C 82 0.91 -45.67 -48.99
C PRO C 82 -0.16 -45.08 -49.95
N VAL C 83 -0.99 -44.14 -49.45
CA VAL C 83 -2.07 -43.50 -50.21
C VAL C 83 -1.59 -42.23 -50.93
N PHE C 84 -1.01 -41.28 -50.18
CA PHE C 84 -0.54 -40.01 -50.79
C PHE C 84 0.75 -40.24 -51.55
N GLY C 85 1.56 -41.21 -51.13
CA GLY C 85 2.80 -41.47 -51.82
C GLY C 85 3.98 -41.12 -50.96
N GLU C 86 5.06 -41.84 -51.12
CA GLU C 86 6.27 -41.54 -50.43
C GLU C 86 6.71 -40.11 -50.78
N GLY C 87 7.09 -39.36 -49.76
CA GLY C 87 7.60 -38.03 -49.98
C GLY C 87 6.60 -37.00 -50.42
N VAL C 88 5.30 -37.32 -50.35
CA VAL C 88 4.26 -36.37 -50.73
C VAL C 88 3.46 -35.83 -49.50
N ALA C 89 3.10 -34.55 -49.56
CA ALA C 89 2.19 -33.91 -48.61
C ALA C 89 2.89 -33.93 -47.25
N TYR C 90 2.28 -34.55 -46.24
CA TYR C 90 2.86 -34.59 -44.88
C TYR C 90 4.22 -35.30 -44.81
N ALA C 91 4.57 -36.11 -45.81
CA ALA C 91 5.88 -36.79 -45.83
C ALA C 91 6.99 -35.96 -46.50
N ALA C 92 6.61 -34.88 -47.18
CA ALA C 92 7.59 -33.95 -47.71
C ALA C 92 8.21 -33.06 -46.61
N PRO C 93 9.40 -32.47 -46.89
CA PRO C 93 9.89 -31.47 -45.91
C PRO C 93 8.89 -30.34 -45.80
N TYR C 94 8.90 -29.61 -44.69
CA TYR C 94 7.79 -28.72 -44.37
C TYR C 94 7.52 -27.69 -45.46
N PRO C 95 8.58 -26.94 -45.94
CA PRO C 95 8.23 -25.95 -46.98
C PRO C 95 7.63 -26.59 -48.25
N ARG C 96 8.04 -27.81 -48.56
CA ARG C 96 7.52 -28.41 -49.82
C ARG C 96 6.09 -28.94 -49.59
N MET C 97 5.86 -29.45 -48.39
CA MET C 97 4.53 -29.87 -47.96
C MET C 97 3.57 -28.72 -48.04
N ARG C 98 4.03 -27.57 -47.53
CA ARG C 98 3.20 -26.37 -47.56
C ARG C 98 2.84 -25.92 -48.97
N GLU C 99 3.83 -25.98 -49.87
CA GLU C 99 3.58 -25.57 -51.22
C GLU C 99 2.55 -26.52 -51.85
N GLN C 100 2.71 -27.84 -51.64
CA GLN C 100 1.75 -28.79 -52.24
C GLN C 100 0.33 -28.58 -51.76
N LEU C 101 0.18 -28.41 -50.43
CA LEU C 101 -1.15 -28.10 -49.87
C LEU C 101 -1.73 -26.80 -50.41
N ASN C 102 -0.89 -25.78 -50.56
CA ASN C 102 -1.33 -24.52 -51.19
C ASN C 102 -1.79 -24.72 -52.61
N PHE C 103 -1.06 -25.53 -53.41
CA PHE C 103 -1.55 -25.83 -54.77
C PHE C 103 -2.91 -26.44 -54.72
N LEU C 104 -3.14 -27.39 -53.82
CA LEU C 104 -4.48 -27.98 -53.77
C LEU C 104 -5.48 -26.97 -53.25
N ALA C 105 -5.07 -26.18 -52.27
CA ALA C 105 -6.05 -25.19 -51.74
C ALA C 105 -6.53 -24.27 -52.89
N GLU C 106 -5.58 -23.88 -53.76
CA GLU C 106 -5.86 -22.97 -54.89
C GLU C 106 -6.97 -23.55 -55.79
N GLU C 107 -7.01 -24.87 -55.93
CA GLU C 107 -8.00 -25.50 -56.85
C GLU C 107 -9.38 -25.65 -56.23
N LEU C 108 -9.45 -25.39 -54.92
CA LEU C 108 -10.73 -25.53 -54.20
C LEU C 108 -11.29 -24.19 -53.71
N THR C 109 -10.78 -23.08 -54.23
CA THR C 109 -11.25 -21.73 -53.84
C THR C 109 -12.56 -21.43 -54.53
N ILE C 110 -13.31 -20.46 -53.96
CA ILE C 110 -14.69 -20.12 -54.46
C ILE C 110 -14.64 -19.53 -55.85
N ALA C 111 -13.49 -18.97 -56.23
CA ALA C 111 -13.26 -18.49 -57.60
C ALA C 111 -13.56 -19.61 -58.57
N LYS C 112 -13.18 -20.85 -58.20
CA LYS C 112 -13.33 -21.97 -59.16
C LYS C 112 -14.73 -22.57 -59.25
N PHE C 113 -15.71 -22.00 -58.55
CA PHE C 113 -17.04 -22.62 -58.29
C PHE C 113 -18.16 -22.25 -59.25
N GLN C 114 -17.92 -21.34 -60.19
CA GLN C 114 -19.06 -20.78 -60.99
C GLN C 114 -19.89 -21.80 -61.79
N ASN C 115 -19.28 -22.89 -62.24
CA ASN C 115 -19.99 -23.91 -62.99
C ASN C 115 -20.39 -25.09 -62.07
N PHE C 116 -19.96 -25.06 -60.81
CA PHE C 116 -20.10 -26.20 -59.94
C PHE C 116 -21.58 -26.45 -59.56
N VAL C 117 -22.34 -25.40 -59.25
CA VAL C 117 -23.74 -25.59 -58.77
C VAL C 117 -24.64 -26.34 -59.80
N PRO C 118 -24.62 -25.92 -61.08
CA PRO C 118 -25.40 -26.65 -62.07
C PRO C 118 -24.90 -28.08 -62.23
N ALA C 119 -23.58 -28.27 -62.19
CA ALA C 119 -22.98 -29.57 -62.35
C ALA C 119 -23.28 -30.41 -61.14
N ILE C 120 -23.34 -29.81 -59.95
CA ILE C 120 -23.76 -30.59 -58.78
C ILE C 120 -25.22 -30.96 -58.90
N GLN C 121 -26.05 -29.94 -59.11
CA GLN C 121 -27.51 -30.16 -59.15
C GLN C 121 -27.90 -31.29 -60.13
N HIS C 122 -27.31 -31.23 -61.32
CA HIS C 122 -27.55 -32.21 -62.38
C HIS C 122 -27.22 -33.61 -61.94
N GLU C 123 -26.09 -33.79 -61.25
CA GLU C 123 -25.79 -35.14 -60.77
C GLU C 123 -26.80 -35.61 -59.72
N VAL C 124 -27.26 -34.69 -58.88
CA VAL C 124 -28.20 -35.05 -57.81
C VAL C 124 -29.57 -35.49 -58.37
N ARG C 125 -30.03 -34.72 -59.35
CA ARG C 125 -31.29 -35.04 -60.03
C ARG C 125 -31.17 -36.30 -60.85
N LYS C 126 -30.08 -36.45 -61.60
CA LYS C 126 -29.77 -37.74 -62.24
C LYS C 126 -29.88 -38.90 -61.29
N PHE C 127 -29.26 -38.78 -60.09
CA PHE C 127 -29.40 -39.80 -59.09
C PHE C 127 -30.85 -40.03 -58.59
N MET C 128 -31.50 -38.97 -58.18
CA MET C 128 -32.88 -39.00 -57.71
C MET C 128 -33.87 -39.66 -58.75
N ALA C 129 -33.78 -39.23 -60.01
CA ALA C 129 -34.57 -39.76 -61.16
C ALA C 129 -34.37 -41.26 -61.46
N ALA C 130 -33.21 -41.79 -61.08
CA ALA C 130 -32.89 -43.14 -61.40
C ALA C 130 -33.22 -44.00 -60.22
N ASN C 131 -33.17 -43.40 -59.03
CA ASN C 131 -33.09 -44.19 -57.81
C ASN C 131 -34.21 -43.95 -56.83
N TRP C 132 -34.82 -42.78 -56.97
CA TRP C 132 -35.93 -42.39 -56.10
C TRP C 132 -37.10 -42.11 -57.03
N ASP C 133 -37.36 -43.05 -57.94
CA ASP C 133 -38.27 -42.79 -59.07
C ASP C 133 -39.77 -42.86 -58.75
N LYS C 134 -40.19 -43.76 -57.88
CA LYS C 134 -41.61 -43.77 -57.52
C LYS C 134 -42.01 -42.68 -56.52
N ASP C 135 -43.20 -42.78 -55.94
CA ASP C 135 -43.66 -41.70 -55.05
C ASP C 135 -43.47 -42.04 -53.59
N GLU C 136 -43.14 -43.29 -53.31
CA GLU C 136 -42.81 -43.81 -51.98
C GLU C 136 -41.73 -44.84 -52.21
N GLY C 137 -40.73 -44.86 -51.34
CA GLY C 137 -39.73 -45.91 -51.37
C GLY C 137 -38.95 -45.94 -50.09
N GLU C 138 -38.09 -46.92 -49.97
CA GLU C 138 -37.22 -47.02 -48.80
C GLU C 138 -35.80 -47.19 -49.27
N ILE C 139 -34.90 -46.51 -48.58
CA ILE C 139 -33.51 -46.39 -49.06
C ILE C 139 -32.57 -46.33 -47.86
N ASN C 140 -31.29 -46.52 -48.15
CA ASN C 140 -30.26 -46.20 -47.17
C ASN C 140 -29.69 -44.82 -47.49
N LEU C 141 -29.95 -43.89 -46.61
CA LEU C 141 -29.67 -42.51 -46.89
C LEU C 141 -28.15 -42.27 -46.90
N LEU C 142 -27.43 -42.95 -46.01
CA LEU C 142 -25.95 -42.90 -45.95
C LEU C 142 -25.30 -43.42 -47.25
N GLU C 143 -25.70 -44.60 -47.75
CA GLU C 143 -25.14 -45.09 -49.06
C GLU C 143 -25.52 -44.11 -50.14
N ASP C 144 -26.74 -43.59 -50.08
CA ASP C 144 -27.20 -42.72 -51.15
C ASP C 144 -26.54 -41.34 -51.14
N CYS C 145 -26.42 -40.74 -49.98
CA CYS C 145 -25.63 -39.52 -49.94
C CYS C 145 -24.21 -39.76 -50.37
N SER C 146 -23.68 -40.90 -49.97
CA SER C 146 -22.31 -41.26 -50.34
C SER C 146 -22.12 -41.33 -51.86
N THR C 147 -23.07 -42.00 -52.56
CA THR C 147 -23.00 -42.04 -54.03
C THR C 147 -23.12 -40.70 -54.67
N MET C 148 -24.03 -39.90 -54.17
CA MET C 148 -24.17 -38.56 -54.73
C MET C 148 -22.85 -37.74 -54.59
N ILE C 149 -22.17 -37.89 -53.46
CA ILE C 149 -20.99 -37.01 -53.20
C ILE C 149 -19.86 -37.44 -54.11
N ILE C 150 -19.66 -38.74 -54.29
CA ILE C 150 -18.68 -39.10 -55.28
C ILE C 150 -18.97 -38.59 -56.71
N ASN C 151 -20.28 -38.68 -57.10
CA ASN C 151 -20.77 -38.24 -58.43
C ASN C 151 -20.57 -36.76 -58.61
N THR C 152 -21.01 -35.96 -57.63
CA THR C 152 -20.87 -34.52 -57.70
C THR C 152 -19.45 -34.03 -57.64
N ALA C 153 -18.65 -34.63 -56.75
CA ALA C 153 -17.25 -34.23 -56.61
C ALA C 153 -16.51 -34.45 -57.93
N CYS C 154 -16.71 -35.62 -58.52
CA CYS C 154 -16.05 -35.98 -59.77
C CYS C 154 -16.50 -35.07 -60.93
N GLN C 155 -17.80 -34.87 -61.03
CA GLN C 155 -18.35 -33.95 -62.03
C GLN C 155 -17.74 -32.53 -61.92
N CYS C 156 -17.54 -32.02 -60.70
CA CYS C 156 -16.92 -30.71 -60.54
C CYS C 156 -15.42 -30.71 -60.76
N LEU C 157 -14.69 -31.74 -60.33
CA LEU C 157 -13.24 -31.65 -60.21
C LEU C 157 -12.49 -32.19 -61.42
N PHE C 158 -13.18 -33.07 -62.14
CA PHE C 158 -12.56 -33.78 -63.25
C PHE C 158 -13.22 -33.44 -64.61
N GLY C 159 -12.39 -33.16 -65.61
CA GLY C 159 -12.93 -32.95 -66.95
C GLY C 159 -13.63 -34.19 -67.51
N GLU C 160 -14.41 -33.96 -68.59
CA GLU C 160 -15.14 -34.99 -69.35
C GLU C 160 -14.28 -36.20 -69.69
N ASP C 161 -13.11 -35.95 -70.28
CA ASP C 161 -12.24 -37.03 -70.72
C ASP C 161 -11.86 -37.92 -69.54
N LEU C 162 -11.49 -37.27 -68.41
CA LEU C 162 -11.02 -38.02 -67.26
C LEU C 162 -12.15 -38.95 -66.78
N ARG C 163 -13.38 -38.44 -66.74
CA ARG C 163 -14.51 -39.24 -66.30
C ARG C 163 -14.91 -40.39 -67.31
N LYS C 164 -14.52 -40.24 -68.58
CA LYS C 164 -14.85 -41.29 -69.57
C LYS C 164 -14.01 -42.51 -69.30
N ARG C 165 -12.78 -42.22 -68.86
CA ARG C 165 -11.80 -43.22 -68.65
C ARG C 165 -11.87 -43.70 -67.23
N LEU C 166 -12.50 -42.91 -66.36
CA LEU C 166 -12.47 -43.15 -64.94
C LEU C 166 -13.76 -42.65 -64.29
N ASP C 167 -14.84 -43.40 -64.42
CA ASP C 167 -16.10 -42.86 -63.97
C ASP C 167 -16.18 -42.96 -62.46
N ALA C 168 -17.23 -42.34 -61.88
CA ALA C 168 -17.35 -42.28 -60.43
C ALA C 168 -17.34 -43.67 -59.76
N ARG C 169 -17.97 -44.66 -60.40
CA ARG C 169 -17.91 -46.07 -59.93
C ARG C 169 -16.49 -46.73 -59.93
N ARG C 170 -15.68 -46.54 -61.00
CA ARG C 170 -14.33 -47.12 -61.10
C ARG C 170 -13.39 -46.41 -60.09
N PHE C 171 -13.57 -45.11 -59.99
CA PHE C 171 -12.80 -44.34 -59.05
C PHE C 171 -13.09 -44.82 -57.62
N ALA C 172 -14.37 -44.91 -57.26
CA ALA C 172 -14.75 -45.31 -55.95
C ALA C 172 -14.10 -46.64 -55.59
N GLN C 173 -14.11 -47.59 -56.52
CA GLN C 173 -13.51 -48.89 -56.33
C GLN C 173 -12.00 -48.76 -56.10
N LEU C 174 -11.33 -47.96 -56.90
CA LEU C 174 -9.85 -47.81 -56.74
C LEU C 174 -9.52 -47.16 -55.35
N LEU C 175 -10.29 -46.15 -54.95
CA LEU C 175 -10.10 -45.46 -53.65
C LEU C 175 -10.40 -46.42 -52.50
N ALA C 176 -11.44 -47.27 -52.70
CA ALA C 176 -11.89 -48.27 -51.72
C ALA C 176 -10.80 -49.28 -51.45
N LYS C 177 -10.08 -49.63 -52.51
CA LYS C 177 -8.98 -50.55 -52.46
C LYS C 177 -7.80 -49.89 -51.72
N MET C 178 -7.58 -48.62 -51.95
CA MET C 178 -6.45 -47.89 -51.28
C MET C 178 -6.79 -47.72 -49.80
N GLU C 179 -8.06 -47.48 -49.48
CA GLU C 179 -8.53 -47.21 -48.12
C GLU C 179 -8.41 -48.47 -47.24
N SER C 180 -8.63 -49.65 -47.87
CA SER C 180 -8.44 -50.95 -47.20
C SER C 180 -7.04 -51.15 -46.56
N SER C 181 -5.97 -50.56 -47.04
CA SER C 181 -4.68 -50.72 -46.41
C SER C 181 -4.52 -49.87 -45.15
N LEU C 182 -5.42 -48.89 -44.95
CA LEU C 182 -5.15 -47.90 -43.91
C LEU C 182 -5.35 -48.45 -42.49
N ILE C 183 -4.35 -48.17 -41.66
CA ILE C 183 -4.45 -48.49 -40.26
C ILE C 183 -3.98 -47.28 -39.41
N PRO C 184 -4.93 -46.46 -38.96
CA PRO C 184 -4.61 -45.26 -38.13
C PRO C 184 -3.82 -45.64 -36.82
N ALA C 185 -4.07 -46.81 -36.26
CA ALA C 185 -3.29 -47.27 -35.07
C ALA C 185 -1.80 -47.32 -35.33
N ALA C 186 -1.36 -47.35 -36.60
CA ALA C 186 0.05 -47.44 -36.92
C ALA C 186 0.79 -46.19 -36.39
N VAL C 187 0.03 -45.13 -36.10
CA VAL C 187 0.62 -43.91 -35.55
C VAL C 187 1.20 -44.27 -34.16
N PHE C 188 0.51 -45.14 -33.47
CA PHE C 188 0.86 -45.49 -32.10
C PHE C 188 1.62 -46.79 -32.07
N LEU C 189 1.49 -47.57 -33.14
CA LEU C 189 2.24 -48.80 -33.29
C LEU C 189 3.05 -48.79 -34.53
N PRO C 190 4.14 -48.01 -34.56
CA PRO C 190 4.79 -47.73 -35.82
C PRO C 190 5.46 -48.93 -36.52
N ILE C 191 5.65 -50.04 -35.80
CA ILE C 191 6.11 -51.29 -36.45
C ILE C 191 5.19 -51.72 -37.63
N LEU C 192 3.92 -51.36 -37.54
CA LEU C 192 2.95 -51.67 -38.61
C LEU C 192 3.33 -51.06 -39.98
N LEU C 193 4.06 -49.94 -39.93
CA LEU C 193 4.48 -49.24 -41.13
C LEU C 193 5.59 -49.98 -41.85
N LYS C 194 6.23 -50.96 -41.18
CA LYS C 194 7.24 -51.76 -41.86
C LYS C 194 6.83 -53.22 -42.09
N LEU C 195 5.76 -53.62 -41.48
CA LEU C 195 5.33 -55.01 -41.47
C LEU C 195 4.63 -55.35 -42.78
N PRO C 196 4.94 -56.53 -43.36
CA PRO C 196 4.15 -57.01 -44.52
C PRO C 196 2.66 -57.09 -44.18
N LEU C 197 1.86 -56.48 -45.04
CA LEU C 197 0.46 -56.54 -44.89
C LEU C 197 -0.03 -56.81 -46.31
N PRO C 198 -1.02 -57.71 -46.46
CA PRO C 198 -1.46 -58.08 -47.82
C PRO C 198 -2.15 -56.88 -48.44
N GLN C 199 -2.69 -56.01 -47.62
CA GLN C 199 -3.36 -54.81 -48.11
C GLN C 199 -2.39 -53.79 -48.76
N SER C 200 -1.13 -53.75 -48.32
CA SER C 200 -0.14 -52.88 -48.89
C SER C 200 0.05 -53.10 -50.39
N ALA C 201 0.09 -54.36 -50.78
CA ALA C 201 0.18 -54.73 -52.16
C ALA C 201 -0.99 -54.23 -52.97
N ARG C 202 -2.20 -54.42 -52.42
CA ARG C 202 -3.41 -54.05 -53.14
C ARG C 202 -3.51 -52.48 -53.30
N CYS C 203 -3.06 -51.78 -52.27
CA CYS C 203 -3.07 -50.31 -52.30
C CYS C 203 -2.02 -49.82 -53.28
N HIS C 204 -0.86 -50.48 -53.30
CA HIS C 204 0.13 -50.21 -54.33
C HIS C 204 -0.42 -50.38 -55.76
N GLU C 205 -1.16 -51.48 -55.97
CA GLU C 205 -1.74 -51.76 -57.28
C GLU C 205 -2.67 -50.64 -57.68
N ALA C 206 -3.62 -50.33 -56.79
CA ALA C 206 -4.64 -49.35 -57.09
C ALA C 206 -4.03 -47.99 -57.35
N ARG C 207 -3.05 -47.60 -56.55
CA ARG C 207 -2.43 -46.29 -56.69
C ARG C 207 -1.65 -46.24 -58.01
N THR C 208 -0.97 -47.34 -58.34
CA THR C 208 -0.25 -47.49 -59.60
C THR C 208 -1.23 -47.41 -60.83
N GLU C 209 -2.38 -48.06 -60.71
CA GLU C 209 -3.46 -47.98 -61.70
C GLU C 209 -3.93 -46.53 -61.89
N LEU C 210 -4.28 -45.83 -60.80
CA LEU C 210 -4.67 -44.41 -60.92
C LEU C 210 -3.58 -43.61 -61.58
N GLN C 211 -2.34 -43.78 -61.15
CA GLN C 211 -1.27 -43.00 -61.70
C GLN C 211 -1.12 -43.22 -63.25
N LYS C 212 -1.43 -44.43 -63.69
CA LYS C 212 -1.29 -44.80 -65.10
C LYS C 212 -2.39 -44.17 -65.89
N ILE C 213 -3.62 -44.23 -65.37
CA ILE C 213 -4.73 -43.54 -66.01
C ILE C 213 -4.48 -42.05 -66.14
N LEU C 214 -3.83 -41.46 -65.14
CA LEU C 214 -3.56 -40.06 -65.23
C LEU C 214 -2.52 -39.77 -66.30
N SER C 215 -1.45 -40.57 -66.34
CA SER C 215 -0.41 -40.43 -67.36
C SER C 215 -1.04 -40.44 -68.79
N GLU C 216 -1.97 -41.35 -69.03
CA GLU C 216 -2.61 -41.49 -70.35
C GLU C 216 -3.58 -40.35 -70.65
N ILE C 217 -4.23 -39.81 -69.62
CA ILE C 217 -5.09 -38.66 -69.82
C ILE C 217 -4.23 -37.46 -70.21
N ILE C 218 -3.12 -37.27 -69.49
CA ILE C 218 -2.22 -36.17 -69.75
C ILE C 218 -1.61 -36.25 -71.18
N ILE C 219 -1.20 -37.45 -71.58
CA ILE C 219 -0.73 -37.69 -72.96
C ILE C 219 -1.84 -37.33 -73.96
N ALA C 220 -3.06 -37.80 -73.73
CA ALA C 220 -4.18 -37.51 -74.63
C ALA C 220 -4.51 -36.01 -74.73
N ARG C 221 -4.57 -35.33 -73.59
CA ARG C 221 -4.76 -33.90 -73.59
C ARG C 221 -3.68 -33.13 -74.34
N LYS C 222 -2.44 -33.55 -74.25
CA LYS C 222 -1.34 -32.88 -74.92
C LYS C 222 -1.52 -33.05 -76.42
N GLU C 223 -2.08 -34.19 -76.84
CA GLU C 223 -2.40 -34.49 -78.25
C GLU C 223 -3.55 -33.62 -78.74
N GLU C 224 -4.62 -33.48 -77.96
CA GLU C 224 -5.70 -32.51 -78.29
C GLU C 224 -5.30 -31.03 -78.34
N GLU C 225 -4.26 -30.65 -77.59
CA GLU C 225 -3.81 -29.24 -77.59
C GLU C 225 -3.06 -28.85 -78.84
N VAL C 226 -2.45 -29.82 -79.52
CA VAL C 226 -1.68 -29.55 -80.75
C VAL C 226 -2.53 -29.85 -81.98
N ASN C 227 -3.81 -30.10 -81.73
CA ASN C 227 -4.71 -30.53 -82.81
C ASN C 227 -6.04 -29.79 -82.85
N LYS C 228 -6.74 -29.80 -81.72
CA LYS C 228 -8.04 -29.16 -81.58
C LYS C 228 -8.02 -28.01 -80.56
N THR C 232 -10.58 -28.13 -71.67
CA THR C 232 -10.79 -28.98 -70.50
C THR C 232 -9.91 -28.44 -69.39
N SER C 233 -10.56 -27.79 -68.43
CA SER C 233 -9.86 -27.15 -67.31
C SER C 233 -10.36 -27.74 -65.98
N ASP C 234 -9.54 -28.50 -65.28
CA ASP C 234 -10.02 -29.18 -64.07
C ASP C 234 -8.97 -29.20 -62.98
N LEU C 235 -9.22 -30.01 -61.95
CA LEU C 235 -8.27 -30.21 -60.85
C LEU C 235 -6.91 -30.65 -61.33
N LEU C 236 -6.91 -31.66 -62.22
CA LEU C 236 -5.71 -32.15 -62.84
C LEU C 236 -4.91 -31.04 -63.56
N SER C 237 -5.61 -30.18 -64.30
CA SER C 237 -4.86 -29.26 -65.14
C SER C 237 -4.33 -28.18 -64.21
N GLY C 238 -5.07 -27.93 -63.14
CA GLY C 238 -4.70 -26.90 -62.23
C GLY C 238 -3.43 -27.29 -61.54
N LEU C 239 -3.37 -28.56 -61.09
CA LEU C 239 -2.17 -29.06 -60.38
C LEU C 239 -0.93 -29.19 -61.29
N LEU C 240 -1.14 -29.65 -62.52
CA LEU C 240 -0.06 -29.69 -63.51
C LEU C 240 0.51 -28.31 -63.91
N SER C 241 -0.27 -27.26 -63.74
CA SER C 241 0.22 -25.90 -64.03
C SER C 241 0.93 -25.32 -62.80
N ALA C 242 0.83 -25.99 -61.65
CA ALA C 242 1.58 -25.50 -60.45
C ALA C 242 3.09 -25.48 -60.66
N VAL C 243 3.74 -24.45 -60.10
CA VAL C 243 5.21 -24.39 -60.10
C VAL C 243 5.71 -24.09 -58.71
N TYR C 244 6.68 -24.87 -58.23
CA TYR C 244 7.32 -24.60 -56.92
C TYR C 244 8.04 -23.25 -56.90
N ARG C 245 8.44 -22.79 -55.72
CA ARG C 245 9.25 -21.58 -55.66
C ARG C 245 10.58 -21.88 -56.36
N ASP C 246 10.87 -23.18 -56.47
CA ASP C 246 12.05 -23.78 -57.15
C ASP C 246 12.16 -23.40 -58.58
N GLY C 247 11.03 -23.02 -59.15
CA GLY C 247 10.88 -22.94 -60.56
C GLY C 247 10.56 -24.27 -61.21
N THR C 248 10.41 -25.35 -60.42
CA THR C 248 10.08 -26.68 -60.98
C THR C 248 8.61 -27.13 -60.82
N PRO C 249 8.13 -28.02 -61.69
CA PRO C 249 6.72 -28.39 -61.59
C PRO C 249 6.60 -29.55 -60.65
N MET C 250 5.35 -29.89 -60.33
CA MET C 250 5.09 -31.05 -59.50
C MET C 250 5.35 -32.28 -60.38
N SER C 251 5.98 -33.33 -59.85
CA SER C 251 5.96 -34.65 -60.54
C SER C 251 4.57 -35.26 -60.63
N LEU C 252 4.37 -36.22 -61.54
CA LEU C 252 3.10 -36.90 -61.62
C LEU C 252 2.78 -37.67 -60.31
N HIS C 253 3.79 -38.26 -59.69
CA HIS C 253 3.63 -38.96 -58.39
C HIS C 253 2.94 -38.02 -57.36
N GLU C 254 3.36 -36.76 -57.36
CA GLU C 254 2.86 -35.73 -56.46
C GLU C 254 1.46 -35.27 -56.81
N VAL C 255 1.26 -35.00 -58.06
CA VAL C 255 -0.09 -34.66 -58.58
C VAL C 255 -1.06 -35.78 -58.23
N CYS C 256 -0.66 -37.02 -58.52
CA CYS C 256 -1.53 -38.15 -58.18
C CYS C 256 -1.79 -38.23 -56.65
N GLY C 257 -0.77 -37.98 -55.85
CA GLY C 257 -0.92 -37.97 -54.42
C GLY C 257 -1.88 -36.91 -53.90
N MET C 258 -1.82 -35.74 -54.50
CA MET C 258 -2.63 -34.65 -54.08
C MET C 258 -4.11 -34.82 -54.51
N ILE C 259 -4.36 -35.43 -55.66
CA ILE C 259 -5.74 -35.83 -55.96
C ILE C 259 -6.33 -36.82 -54.97
N VAL C 260 -5.59 -37.88 -54.68
CA VAL C 260 -5.99 -38.88 -53.68
C VAL C 260 -6.31 -38.18 -52.33
N ALA C 261 -5.43 -37.29 -51.91
CA ALA C 261 -5.62 -36.55 -50.64
C ALA C 261 -6.97 -35.82 -50.64
N ALA C 262 -7.30 -35.14 -51.72
CA ALA C 262 -8.59 -34.42 -51.82
C ALA C 262 -9.75 -35.38 -51.71
N MET C 263 -9.67 -36.54 -52.40
CA MET C 263 -10.77 -37.53 -52.27
C MET C 263 -10.89 -38.09 -50.89
N PHE C 264 -9.78 -38.45 -50.28
CA PHE C 264 -9.77 -39.04 -48.92
C PHE C 264 -10.22 -37.98 -47.89
N ALA C 265 -9.90 -36.70 -48.14
CA ALA C 265 -10.30 -35.70 -47.14
C ALA C 265 -11.80 -35.28 -47.27
N GLY C 266 -12.33 -35.34 -48.50
CA GLY C 266 -13.61 -34.72 -48.82
C GLY C 266 -14.79 -35.69 -49.00
N GLN C 267 -14.54 -36.97 -49.27
CA GLN C 267 -15.64 -37.86 -49.65
C GLN C 267 -16.49 -38.25 -48.44
N HIS C 268 -15.92 -38.91 -47.44
CA HIS C 268 -16.72 -39.39 -46.34
C HIS C 268 -17.26 -38.20 -45.50
N THR C 269 -16.38 -37.23 -45.23
CA THR C 269 -16.79 -36.07 -44.43
C THR C 269 -18.03 -35.40 -45.03
N SER C 270 -18.03 -35.16 -46.35
CA SER C 270 -19.12 -34.42 -47.01
C SER C 270 -20.40 -35.25 -47.02
N SER C 271 -20.26 -36.54 -47.31
CA SER C 271 -21.40 -37.46 -47.39
C SER C 271 -22.05 -37.62 -46.00
N ILE C 272 -21.24 -37.74 -44.95
CA ILE C 272 -21.72 -37.84 -43.59
C ILE C 272 -22.46 -36.59 -43.14
N THR C 273 -21.89 -35.44 -43.50
CA THR C 273 -22.48 -34.16 -43.13
C THR C 273 -23.90 -34.03 -43.77
N THR C 274 -23.99 -34.44 -45.03
CA THR C 274 -25.26 -34.40 -45.79
C THR C 274 -26.25 -35.31 -45.10
N THR C 275 -25.82 -36.56 -44.84
CA THR C 275 -26.64 -37.55 -44.16
C THR C 275 -27.14 -37.10 -42.81
N TRP C 276 -26.25 -36.67 -41.90
CA TRP C 276 -26.73 -36.16 -40.65
C TRP C 276 -27.73 -35.01 -40.79
N SER C 277 -27.47 -34.08 -41.70
CA SER C 277 -28.30 -32.86 -41.74
C SER C 277 -29.73 -33.27 -42.09
N MET C 278 -29.84 -34.21 -43.01
CA MET C 278 -31.15 -34.73 -43.48
C MET C 278 -31.86 -35.55 -42.39
N LEU C 279 -31.12 -36.44 -41.74
CA LEU C 279 -31.68 -37.17 -40.55
C LEU C 279 -32.24 -36.20 -39.50
N HIS C 280 -31.53 -35.12 -39.25
CA HIS C 280 -32.06 -34.12 -38.32
C HIS C 280 -33.28 -33.36 -38.89
N LEU C 281 -33.16 -32.99 -40.16
CA LEU C 281 -34.20 -32.20 -40.82
C LEU C 281 -35.59 -32.92 -40.88
N MET C 282 -35.57 -34.21 -41.10
CA MET C 282 -36.75 -35.09 -41.33
C MET C 282 -37.38 -35.55 -40.08
N HIS C 283 -36.72 -35.36 -38.94
CA HIS C 283 -37.22 -35.80 -37.66
C HIS C 283 -38.29 -34.80 -37.16
N PRO C 284 -39.41 -35.31 -36.62
CA PRO C 284 -40.52 -34.41 -36.23
C PRO C 284 -40.11 -33.37 -35.19
N ALA C 285 -39.16 -33.67 -34.34
CA ALA C 285 -38.75 -32.71 -33.36
C ALA C 285 -38.20 -31.44 -34.00
N ASN C 286 -37.83 -31.52 -35.29
CA ASN C 286 -37.14 -30.38 -35.95
C ASN C 286 -37.96 -29.74 -37.06
N VAL C 287 -39.30 -29.98 -37.06
CA VAL C 287 -40.23 -29.35 -38.04
C VAL C 287 -40.00 -27.83 -38.24
N LYS C 288 -39.74 -27.09 -37.17
CA LYS C 288 -39.56 -25.62 -37.30
C LYS C 288 -38.30 -25.30 -38.13
N HIS C 289 -37.35 -26.25 -38.11
CA HIS C 289 -36.07 -26.09 -38.81
C HIS C 289 -36.29 -26.46 -40.28
N LEU C 290 -37.02 -27.54 -40.51
CA LEU C 290 -37.36 -27.89 -41.86
C LEU C 290 -38.24 -26.79 -42.55
N GLU C 291 -39.13 -26.15 -41.79
CA GLU C 291 -39.88 -25.02 -42.37
C GLU C 291 -38.96 -23.86 -42.78
N ALA C 292 -38.11 -23.43 -41.85
CA ALA C 292 -37.09 -22.43 -42.16
C ALA C 292 -36.31 -22.82 -43.41
N LEU C 293 -35.98 -24.10 -43.57
CA LEU C 293 -35.20 -24.49 -44.75
C LEU C 293 -36.01 -24.26 -46.02
N ARG C 294 -37.24 -24.78 -46.01
CA ARG C 294 -38.13 -24.66 -47.18
C ARG C 294 -38.43 -23.19 -47.44
N LYS C 295 -38.60 -22.38 -46.40
CA LYS C 295 -38.81 -20.93 -46.59
C LYS C 295 -37.59 -20.25 -47.25
N GLU C 296 -36.39 -20.76 -47.00
CA GLU C 296 -35.19 -20.25 -47.61
C GLU C 296 -35.07 -20.70 -49.09
N ILE C 297 -35.48 -21.92 -49.40
CA ILE C 297 -35.34 -22.41 -50.77
C ILE C 297 -36.57 -22.19 -51.70
N GLU C 298 -37.72 -21.90 -51.08
CA GLU C 298 -39.04 -21.68 -51.72
C GLU C 298 -39.03 -20.79 -52.98
N GLU C 299 -38.36 -19.64 -52.94
CA GLU C 299 -38.32 -18.71 -54.11
C GLU C 299 -37.09 -18.89 -55.03
N PHE C 300 -36.39 -20.00 -54.85
CA PHE C 300 -35.32 -20.40 -55.73
C PHE C 300 -35.86 -21.06 -57.02
N PRO C 301 -35.25 -20.73 -58.16
CA PRO C 301 -35.53 -21.45 -59.40
C PRO C 301 -35.29 -22.96 -59.34
N ALA C 302 -35.66 -23.65 -60.42
CA ALA C 302 -35.29 -25.05 -60.63
C ALA C 302 -33.80 -25.22 -61.01
N GLN C 303 -33.21 -24.20 -61.63
CA GLN C 303 -31.79 -24.15 -61.94
C GLN C 303 -31.12 -23.24 -60.92
N LEU C 304 -30.59 -23.83 -59.84
CA LEU C 304 -29.78 -23.06 -58.89
C LEU C 304 -28.51 -22.54 -59.56
N ASN C 305 -27.99 -21.43 -59.06
CA ASN C 305 -26.67 -20.98 -59.44
C ASN C 305 -25.83 -20.65 -58.18
N TYR C 306 -24.61 -20.16 -58.43
CA TYR C 306 -23.68 -19.82 -57.37
C TYR C 306 -24.27 -18.88 -56.31
N ASN C 307 -24.98 -17.84 -56.75
CA ASN C 307 -25.45 -16.83 -55.84
C ASN C 307 -26.42 -17.45 -54.87
N ASN C 308 -27.30 -18.33 -55.36
CA ASN C 308 -28.30 -18.94 -54.54
C ASN C 308 -27.65 -19.76 -53.40
N VAL C 309 -26.71 -20.64 -53.76
CA VAL C 309 -26.14 -21.52 -52.73
C VAL C 309 -25.18 -20.76 -51.84
N MET C 310 -24.27 -20.02 -52.44
CA MET C 310 -23.24 -19.30 -51.71
C MET C 310 -23.76 -18.18 -50.84
N ASP C 311 -24.73 -17.41 -51.34
CA ASP C 311 -25.14 -16.16 -50.64
C ASP C 311 -26.54 -16.19 -50.03
N GLU C 312 -27.39 -17.06 -50.51
CA GLU C 312 -28.77 -17.02 -50.03
C GLU C 312 -29.19 -18.25 -49.21
N MET C 313 -28.22 -19.03 -48.74
CA MET C 313 -28.53 -20.25 -47.99
C MET C 313 -27.87 -20.27 -46.57
N PRO C 314 -27.99 -19.15 -45.78
CA PRO C 314 -27.37 -19.10 -44.46
C PRO C 314 -27.98 -20.12 -43.51
N PHE C 315 -29.27 -20.45 -43.67
CA PHE C 315 -29.84 -21.40 -42.73
C PHE C 315 -29.34 -22.81 -43.05
N ALA C 316 -29.27 -23.17 -44.34
CA ALA C 316 -28.83 -24.53 -44.70
C ALA C 316 -27.37 -24.75 -44.26
N GLU C 317 -26.58 -23.70 -44.40
CA GLU C 317 -25.20 -23.72 -43.84
C GLU C 317 -25.17 -23.97 -42.35
N ARG C 318 -26.08 -23.33 -41.62
CA ARG C 318 -26.14 -23.56 -40.15
C ARG C 318 -26.58 -24.99 -39.86
N CYS C 319 -27.47 -25.52 -40.70
CA CYS C 319 -27.82 -26.92 -40.50
C CYS C 319 -26.56 -27.81 -40.60
N ALA C 320 -25.82 -27.65 -41.69
CA ALA C 320 -24.68 -28.51 -41.96
C ALA C 320 -23.63 -28.31 -40.83
N ARG C 321 -23.41 -27.06 -40.46
CA ARG C 321 -22.44 -26.74 -39.42
C ARG C 321 -22.83 -27.35 -38.09
N GLU C 322 -24.11 -27.25 -37.72
CA GLU C 322 -24.55 -27.87 -36.46
C GLU C 322 -24.50 -29.41 -36.52
N SER C 323 -24.72 -29.99 -37.69
CA SER C 323 -24.52 -31.46 -37.79
C SER C 323 -23.13 -31.91 -37.48
N ILE C 324 -22.13 -31.15 -37.99
CA ILE C 324 -20.68 -31.40 -37.71
C ILE C 324 -20.37 -31.08 -36.28
N ARG C 325 -20.99 -30.02 -35.77
CA ARG C 325 -20.78 -29.67 -34.35
C ARG C 325 -21.19 -30.85 -33.47
N ARG C 326 -22.43 -31.30 -33.62
CA ARG C 326 -22.93 -32.37 -32.74
C ARG C 326 -22.23 -33.72 -33.00
N ASP C 327 -21.91 -34.02 -34.25
CA ASP C 327 -21.28 -35.32 -34.57
C ASP C 327 -20.10 -35.13 -35.51
N PRO C 328 -18.98 -34.60 -34.98
CA PRO C 328 -17.84 -34.26 -35.88
C PRO C 328 -17.33 -35.55 -36.55
N PRO C 329 -17.22 -35.57 -37.90
CA PRO C 329 -16.71 -36.78 -38.61
C PRO C 329 -15.25 -37.15 -38.27
N LEU C 330 -14.45 -36.13 -37.93
CA LEU C 330 -13.12 -36.36 -37.34
C LEU C 330 -13.13 -36.09 -35.82
N LEU C 331 -12.93 -37.12 -35.01
CA LEU C 331 -13.16 -36.96 -33.54
C LEU C 331 -11.96 -36.40 -32.82
N MET C 332 -10.77 -36.62 -33.39
CA MET C 332 -9.53 -36.30 -32.77
C MET C 332 -8.53 -35.77 -33.82
N LEU C 333 -8.00 -34.57 -33.55
CA LEU C 333 -6.94 -34.00 -34.38
C LEU C 333 -5.63 -34.05 -33.67
N MET C 334 -4.52 -34.43 -34.34
CA MET C 334 -3.30 -34.68 -33.59
C MET C 334 -2.09 -34.09 -34.27
N ARG C 335 -1.05 -33.86 -33.50
CA ARG C 335 0.25 -33.40 -33.99
C ARG C 335 1.32 -34.02 -33.14
N LYS C 336 2.55 -34.05 -33.61
CA LYS C 336 3.67 -34.48 -32.83
C LYS C 336 4.39 -33.27 -32.25
N VAL C 337 4.70 -33.36 -30.96
CA VAL C 337 5.33 -32.22 -30.29
C VAL C 337 6.81 -32.29 -30.59
N MET C 338 7.32 -31.28 -31.31
CA MET C 338 8.77 -31.27 -31.68
C MET C 338 9.68 -30.50 -30.72
N ALA C 339 9.08 -29.75 -29.82
CA ALA C 339 9.80 -28.95 -28.80
C ALA C 339 8.82 -28.69 -27.69
N ASP C 340 9.29 -28.48 -26.45
CA ASP C 340 8.39 -28.29 -25.35
C ASP C 340 7.50 -27.06 -25.60
N VAL C 341 6.21 -27.16 -25.36
CA VAL C 341 5.33 -26.01 -25.53
C VAL C 341 4.42 -25.84 -24.35
N LYS C 342 4.04 -24.57 -24.12
CA LYS C 342 3.16 -24.26 -23.05
C LYS C 342 1.73 -24.47 -23.47
N VAL C 343 0.95 -25.13 -22.66
CA VAL C 343 -0.46 -25.21 -22.89
C VAL C 343 -1.16 -25.08 -21.54
N GLY C 344 -1.98 -24.04 -21.40
CA GLY C 344 -2.67 -23.70 -20.14
C GLY C 344 -1.56 -23.57 -19.09
N SER C 345 -1.72 -24.18 -17.93
CA SER C 345 -0.58 -23.99 -16.96
C SER C 345 0.62 -24.89 -17.20
N TYR C 346 0.52 -25.79 -18.19
CA TYR C 346 1.48 -26.91 -18.31
C TYR C 346 2.51 -26.82 -19.40
N VAL C 347 3.54 -27.66 -19.33
CA VAL C 347 4.44 -27.78 -20.46
C VAL C 347 4.15 -29.19 -21.06
N VAL C 348 3.92 -29.20 -22.34
CA VAL C 348 3.78 -30.48 -23.05
C VAL C 348 5.13 -30.77 -23.63
N PRO C 349 5.76 -31.87 -23.23
CA PRO C 349 7.13 -32.17 -23.61
C PRO C 349 7.33 -32.63 -25.03
N LYS C 350 8.48 -32.28 -25.62
CA LYS C 350 8.94 -32.85 -26.84
C LYS C 350 8.77 -34.40 -26.86
N GLY C 351 8.17 -34.94 -27.93
CA GLY C 351 7.93 -36.40 -28.00
C GLY C 351 6.49 -36.83 -27.71
N ASP C 352 5.70 -35.98 -27.06
CA ASP C 352 4.27 -36.23 -26.91
C ASP C 352 3.57 -36.13 -28.31
N ILE C 353 2.48 -36.89 -28.44
CA ILE C 353 1.47 -36.55 -29.38
C ILE C 353 0.54 -35.61 -28.62
N ILE C 354 0.22 -34.47 -29.23
CA ILE C 354 -0.76 -33.59 -28.69
C ILE C 354 -2.01 -33.71 -29.53
N ALA C 355 -3.14 -33.65 -28.86
CA ALA C 355 -4.45 -33.84 -29.57
C ALA C 355 -5.44 -32.76 -29.20
N CYS C 356 -6.34 -32.47 -30.13
CA CYS C 356 -7.42 -31.62 -29.83
C CYS C 356 -8.62 -32.28 -30.44
N SER C 357 -9.65 -32.47 -29.62
CA SER C 357 -10.78 -33.31 -30.02
C SER C 357 -12.04 -32.48 -30.32
N PRO C 358 -12.46 -32.49 -31.59
CA PRO C 358 -13.74 -31.82 -31.88
C PRO C 358 -14.87 -32.50 -31.13
N LEU C 359 -14.82 -33.81 -31.00
CA LEU C 359 -15.89 -34.49 -30.23
C LEU C 359 -15.88 -33.96 -28.77
N LEU C 360 -14.73 -33.87 -28.14
CA LEU C 360 -14.70 -33.38 -26.75
C LEU C 360 -15.15 -31.91 -26.64
N SER C 361 -14.54 -31.05 -27.48
CA SER C 361 -14.79 -29.62 -27.39
C SER C 361 -16.21 -29.24 -27.77
N HIS C 362 -16.81 -30.02 -28.68
CA HIS C 362 -18.17 -29.74 -29.12
C HIS C 362 -19.26 -30.12 -28.07
N HIS C 363 -18.85 -30.86 -27.05
CA HIS C 363 -19.78 -31.27 -25.93
C HIS C 363 -19.41 -30.62 -24.59
N ASP C 364 -18.54 -29.64 -24.64
CA ASP C 364 -18.30 -28.75 -23.54
C ASP C 364 -19.57 -27.94 -23.31
N GLU C 365 -20.18 -28.14 -22.15
CA GLU C 365 -21.45 -27.47 -21.84
C GLU C 365 -21.38 -25.94 -21.72
N GLU C 366 -20.23 -25.41 -21.35
CA GLU C 366 -20.07 -23.95 -21.31
C GLU C 366 -20.13 -23.37 -22.74
N ALA C 367 -19.50 -24.06 -23.69
CA ALA C 367 -19.47 -23.62 -25.08
C ALA C 367 -20.73 -24.03 -25.78
N PHE C 368 -21.28 -25.21 -25.48
CA PHE C 368 -22.44 -25.69 -26.21
C PHE C 368 -23.47 -26.29 -25.26
N PRO C 369 -24.28 -25.41 -24.58
CA PRO C 369 -25.27 -25.90 -23.59
C PRO C 369 -26.18 -26.90 -24.25
N GLU C 370 -26.56 -27.92 -23.52
CA GLU C 370 -27.31 -29.11 -24.05
C GLU C 370 -26.73 -29.62 -25.38
N PRO C 371 -25.49 -30.16 -25.35
CA PRO C 371 -24.74 -30.52 -26.62
C PRO C 371 -25.32 -31.62 -27.48
N ARG C 372 -26.11 -32.54 -26.89
CA ARG C 372 -26.75 -33.52 -27.75
C ARG C 372 -27.99 -33.01 -28.50
N ARG C 373 -28.42 -31.79 -28.20
CA ARG C 373 -29.49 -31.21 -28.97
C ARG C 373 -28.87 -30.60 -30.25
N TRP C 374 -29.35 -31.05 -31.39
CA TRP C 374 -29.12 -30.41 -32.68
C TRP C 374 -29.99 -29.14 -32.86
N ASP C 375 -29.32 -28.00 -32.89
CA ASP C 375 -29.95 -26.69 -32.94
C ASP C 375 -29.19 -25.72 -33.89
N PRO C 376 -29.57 -25.66 -35.17
CA PRO C 376 -28.86 -24.84 -36.15
C PRO C 376 -28.86 -23.37 -35.73
N GLU C 377 -29.73 -23.01 -34.78
CA GLU C 377 -29.83 -21.62 -34.36
C GLU C 377 -28.87 -21.25 -33.25
N ARG C 378 -28.17 -22.25 -32.72
CA ARG C 378 -27.18 -21.98 -31.69
C ARG C 378 -25.90 -21.32 -32.23
N ASP C 379 -25.11 -20.77 -31.32
CA ASP C 379 -23.78 -20.28 -31.66
C ASP C 379 -22.93 -20.67 -30.48
N GLU C 380 -21.63 -20.93 -30.73
CA GLU C 380 -20.67 -21.10 -29.62
C GLU C 380 -20.80 -19.99 -28.54
N LYS C 381 -20.64 -20.38 -27.28
CA LYS C 381 -20.65 -19.40 -26.20
C LYS C 381 -19.23 -19.24 -25.68
N VAL C 382 -18.28 -19.98 -26.27
CA VAL C 382 -16.87 -19.78 -26.00
C VAL C 382 -16.17 -19.60 -27.36
N GLU C 383 -15.25 -18.65 -27.43
CA GLU C 383 -14.74 -18.23 -28.74
C GLU C 383 -13.80 -19.34 -29.28
N GLY C 384 -13.99 -19.69 -30.53
CA GLY C 384 -13.10 -20.69 -31.13
C GLY C 384 -13.45 -22.13 -30.72
N ALA C 385 -14.57 -22.34 -30.04
CA ALA C 385 -14.89 -23.69 -29.55
C ALA C 385 -15.30 -24.67 -30.69
N PHE C 386 -15.95 -24.15 -31.74
CA PHE C 386 -16.21 -24.95 -32.92
C PHE C 386 -14.93 -25.22 -33.70
N ILE C 387 -14.58 -26.50 -33.86
CA ILE C 387 -13.32 -26.85 -34.60
C ILE C 387 -13.58 -28.03 -35.57
N GLY C 388 -14.82 -28.10 -36.05
CA GLY C 388 -15.29 -29.14 -36.97
C GLY C 388 -14.43 -29.24 -38.23
N PHE C 389 -13.94 -28.07 -38.70
CA PHE C 389 -13.05 -28.00 -39.88
C PHE C 389 -11.60 -27.70 -39.52
N GLY C 390 -11.25 -27.95 -38.26
CA GLY C 390 -9.95 -27.63 -37.73
C GLY C 390 -9.72 -26.12 -37.78
N ALA C 391 -8.47 -25.73 -37.72
CA ALA C 391 -8.17 -24.29 -37.64
C ALA C 391 -6.67 -24.04 -37.82
N GLY C 392 -6.29 -22.78 -38.11
CA GLY C 392 -4.86 -22.49 -38.10
C GLY C 392 -4.15 -23.10 -39.29
N VAL C 393 -2.95 -23.61 -38.99
CA VAL C 393 -1.96 -23.91 -39.96
C VAL C 393 -2.49 -25.04 -40.89
N HIS C 394 -3.25 -26.00 -40.32
CA HIS C 394 -3.77 -27.11 -41.12
C HIS C 394 -5.28 -27.10 -41.12
N LYS C 395 -5.87 -25.90 -41.19
CA LYS C 395 -7.35 -25.81 -41.28
C LYS C 395 -7.80 -26.44 -42.61
N CYS C 396 -9.04 -26.94 -42.61
CA CYS C 396 -9.60 -27.62 -43.82
C CYS C 396 -9.58 -26.68 -45.00
N ILE C 397 -9.00 -27.14 -46.12
CA ILE C 397 -8.93 -26.34 -47.29
C ILE C 397 -10.08 -26.66 -48.25
N GLY C 398 -10.86 -27.71 -47.95
CA GLY C 398 -12.04 -28.01 -48.77
C GLY C 398 -13.35 -27.63 -48.15
N GLN C 399 -13.35 -26.80 -47.11
CA GLN C 399 -14.61 -26.66 -46.30
C GLN C 399 -15.71 -25.97 -47.15
N LYS C 400 -15.32 -25.04 -48.02
CA LYS C 400 -16.32 -24.33 -48.78
C LYS C 400 -16.86 -25.21 -49.89
N PHE C 401 -16.01 -26.02 -50.42
CA PHE C 401 -16.45 -26.92 -51.54
C PHE C 401 -17.36 -27.98 -50.95
N GLY C 402 -16.97 -28.54 -49.79
CA GLY C 402 -17.80 -29.53 -49.06
C GLY C 402 -19.17 -28.95 -48.72
N LEU C 403 -19.19 -27.78 -48.08
CA LEU C 403 -20.44 -27.10 -47.84
C LEU C 403 -21.31 -26.80 -49.08
N LEU C 404 -20.69 -26.48 -50.20
CA LEU C 404 -21.36 -26.18 -51.44
C LEU C 404 -22.12 -27.45 -51.93
N GLN C 405 -21.48 -28.60 -51.80
CA GLN C 405 -22.14 -29.83 -52.15
C GLN C 405 -23.27 -30.16 -51.20
N VAL C 406 -23.01 -30.04 -49.88
CA VAL C 406 -24.05 -30.37 -48.88
C VAL C 406 -25.32 -29.50 -49.09
N LYS C 407 -25.13 -28.20 -49.23
CA LYS C 407 -26.24 -27.26 -49.38
C LYS C 407 -26.98 -27.49 -50.69
N THR C 408 -26.26 -27.75 -51.79
CA THR C 408 -26.95 -27.97 -53.05
C THR C 408 -27.80 -29.25 -52.96
N ILE C 409 -27.25 -30.31 -52.39
CA ILE C 409 -27.97 -31.52 -52.16
C ILE C 409 -29.21 -31.25 -51.30
N LEU C 410 -29.05 -30.49 -50.24
CA LEU C 410 -30.16 -30.23 -49.34
C LEU C 410 -31.30 -29.53 -50.07
N ALA C 411 -30.95 -28.48 -50.80
CA ALA C 411 -31.89 -27.65 -51.57
C ALA C 411 -32.61 -28.51 -52.61
N THR C 412 -31.85 -29.32 -53.33
CA THR C 412 -32.40 -30.18 -54.35
C THR C 412 -33.28 -31.32 -53.77
N ALA C 413 -32.83 -31.94 -52.68
CA ALA C 413 -33.54 -33.02 -52.03
C ALA C 413 -34.86 -32.51 -51.49
N PHE C 414 -34.81 -31.60 -50.52
CA PHE C 414 -36.05 -31.05 -49.92
C PHE C 414 -36.97 -30.19 -50.84
N ARG C 415 -36.49 -29.87 -52.05
CA ARG C 415 -37.34 -29.29 -53.12
C ARG C 415 -38.45 -30.24 -53.52
N SER C 416 -38.05 -31.43 -54.00
CA SER C 416 -39.00 -32.30 -54.63
C SER C 416 -39.28 -33.59 -53.87
N TYR C 417 -38.76 -33.69 -52.63
CA TYR C 417 -39.01 -34.84 -51.75
C TYR C 417 -39.16 -34.48 -50.30
N ASP C 418 -39.84 -35.37 -49.59
CA ASP C 418 -39.99 -35.38 -48.14
C ASP C 418 -39.48 -36.73 -47.66
N PHE C 419 -39.16 -36.86 -46.37
CA PHE C 419 -38.51 -38.05 -45.86
C PHE C 419 -38.99 -38.37 -44.47
N GLN C 420 -39.01 -39.64 -44.14
CA GLN C 420 -39.35 -40.06 -42.78
C GLN C 420 -38.36 -41.07 -42.21
N LEU C 421 -37.94 -40.80 -40.99
CA LEU C 421 -37.17 -41.76 -40.23
C LEU C 421 -38.01 -43.00 -39.93
N LEU C 422 -37.41 -44.17 -40.10
CA LEU C 422 -38.00 -45.45 -39.69
C LEU C 422 -37.84 -45.83 -38.23
N ARG C 423 -37.22 -44.98 -37.42
CA ARG C 423 -36.99 -45.26 -36.00
C ARG C 423 -37.55 -44.06 -35.32
N ASP C 424 -37.71 -44.14 -34.01
CA ASP C 424 -38.18 -43.01 -33.20
C ASP C 424 -37.11 -41.94 -33.08
N GLU C 425 -35.84 -42.36 -32.98
CA GLU C 425 -34.74 -41.40 -32.82
C GLU C 425 -33.79 -41.37 -34.01
N VAL C 426 -33.14 -40.23 -34.14
CA VAL C 426 -31.96 -40.05 -35.03
C VAL C 426 -30.96 -41.16 -34.74
N PRO C 427 -30.28 -41.69 -35.76
CA PRO C 427 -29.26 -42.73 -35.54
C PRO C 427 -28.21 -42.34 -34.50
N ASP C 428 -27.66 -43.34 -33.82
CA ASP C 428 -26.47 -43.15 -32.98
C ASP C 428 -25.24 -43.06 -33.91
N PRO C 429 -24.21 -42.35 -33.47
CA PRO C 429 -23.00 -42.34 -34.28
C PRO C 429 -22.29 -43.70 -34.16
N ASP C 430 -21.66 -44.16 -35.24
CA ASP C 430 -20.86 -45.35 -35.16
C ASP C 430 -19.35 -44.98 -35.10
N TYR C 431 -18.76 -45.20 -33.93
CA TYR C 431 -17.39 -44.77 -33.65
C TYR C 431 -16.31 -45.77 -34.10
N HIS C 432 -16.72 -46.83 -34.83
CA HIS C 432 -15.82 -47.91 -35.23
C HIS C 432 -15.12 -47.65 -36.56
N THR C 433 -15.44 -46.53 -37.21
CA THR C 433 -14.85 -46.20 -38.54
C THR C 433 -13.90 -45.00 -38.45
N MET C 434 -13.02 -44.88 -39.43
CA MET C 434 -11.96 -43.82 -39.48
C MET C 434 -12.56 -42.42 -39.55
N VAL C 435 -13.63 -42.28 -40.35
CA VAL C 435 -14.39 -41.06 -40.41
C VAL C 435 -15.76 -41.46 -39.89
N VAL C 436 -16.17 -40.79 -38.82
CA VAL C 436 -17.35 -41.20 -38.05
C VAL C 436 -18.64 -40.64 -38.68
N GLY C 437 -19.64 -41.53 -38.85
CA GLY C 437 -20.91 -41.07 -39.35
C GLY C 437 -22.04 -41.77 -38.60
N PRO C 438 -23.28 -41.51 -38.99
CA PRO C 438 -24.39 -42.25 -38.32
C PRO C 438 -24.31 -43.77 -38.62
N THR C 439 -24.81 -44.61 -37.69
CA THR C 439 -24.78 -46.12 -37.89
C THR C 439 -25.58 -46.45 -39.19
N ALA C 440 -24.87 -46.93 -40.21
CA ALA C 440 -25.42 -47.24 -41.54
C ALA C 440 -26.73 -48.09 -41.50
N SER C 441 -26.74 -49.14 -40.68
CA SER C 441 -27.99 -49.94 -40.40
C SER C 441 -29.21 -49.15 -39.83
N GLN C 442 -28.96 -47.99 -39.20
CA GLN C 442 -30.03 -47.14 -38.69
C GLN C 442 -30.43 -46.03 -39.65
N CYS C 443 -29.82 -45.99 -40.85
CA CYS C 443 -30.03 -44.91 -41.85
C CYS C 443 -31.09 -45.18 -42.93
N ARG C 444 -31.83 -46.25 -42.73
CA ARG C 444 -32.89 -46.60 -43.65
C ARG C 444 -34.02 -45.57 -43.49
N VAL C 445 -34.55 -45.12 -44.61
CA VAL C 445 -35.37 -43.95 -44.58
C VAL C 445 -36.46 -44.20 -45.61
N LYS C 446 -37.62 -43.57 -45.45
CA LYS C 446 -38.60 -43.58 -46.54
C LYS C 446 -38.56 -42.24 -47.24
N TYR C 447 -38.49 -42.21 -48.58
CA TYR C 447 -38.70 -40.97 -49.35
C TYR C 447 -40.12 -40.83 -49.89
N ILE C 448 -40.65 -39.61 -49.92
CA ILE C 448 -42.00 -39.30 -50.45
C ILE C 448 -41.88 -38.17 -51.49
N ARG C 449 -42.14 -38.48 -52.77
CA ARG C 449 -42.11 -37.49 -53.83
C ARG C 449 -43.09 -36.35 -53.54
N ARG C 450 -42.69 -35.13 -53.88
CA ARG C 450 -43.40 -33.96 -53.40
C ARG C 450 -43.84 -33.11 -54.59
N GLY D 3 8.93 -8.04 75.25
CA GLY D 3 8.84 -6.86 74.32
C GLY D 3 7.47 -6.16 74.26
N LYS D 4 7.45 -4.94 73.73
CA LYS D 4 6.19 -4.19 73.60
C LYS D 4 5.51 -4.37 72.20
N LEU D 5 4.35 -5.01 72.18
CA LEU D 5 3.55 -5.12 70.97
C LEU D 5 2.75 -3.84 70.77
N PRO D 6 2.41 -3.49 69.49
CA PRO D 6 1.45 -2.43 69.22
C PRO D 6 0.09 -2.74 69.86
N PRO D 7 -0.69 -1.70 70.18
CA PRO D 7 -2.03 -1.93 70.68
C PRO D 7 -2.88 -2.70 69.67
N VAL D 8 -3.67 -3.62 70.19
CA VAL D 8 -4.51 -4.48 69.39
C VAL D 8 -5.93 -3.96 69.45
N TYR D 9 -6.55 -3.74 68.29
CA TYR D 9 -7.92 -3.28 68.27
C TYR D 9 -8.87 -4.43 68.58
N PRO D 10 -9.90 -4.19 69.44
CA PRO D 10 -10.77 -5.28 69.93
C PRO D 10 -11.55 -5.95 68.81
N VAL D 11 -11.80 -7.24 68.97
CA VAL D 11 -12.45 -8.06 67.97
C VAL D 11 -13.84 -8.32 68.52
N THR D 12 -14.85 -8.01 67.75
CA THR D 12 -16.25 -8.18 68.15
C THR D 12 -16.86 -9.43 67.53
N VAL D 13 -16.43 -9.73 66.30
CA VAL D 13 -17.00 -10.82 65.48
C VAL D 13 -16.01 -12.00 65.35
N PRO D 14 -16.40 -13.20 65.83
CA PRO D 14 -15.39 -14.18 66.17
C PRO D 14 -14.44 -14.45 65.01
N ILE D 15 -14.91 -15.17 64.00
CA ILE D 15 -14.00 -15.81 63.05
C ILE D 15 -13.52 -14.82 61.99
N LEU D 16 -14.33 -13.80 61.73
CA LEU D 16 -14.05 -12.84 60.69
C LEU D 16 -13.07 -11.76 61.14
N GLY D 17 -13.24 -11.31 62.38
CA GLY D 17 -12.50 -10.16 62.88
C GLY D 17 -13.03 -8.88 62.26
N HIS D 18 -12.11 -8.10 61.70
CA HIS D 18 -12.38 -6.76 61.15
C HIS D 18 -12.49 -6.68 59.62
N ILE D 19 -12.36 -7.80 58.91
CA ILE D 19 -12.37 -7.75 57.41
C ILE D 19 -13.60 -7.02 56.92
N ILE D 20 -14.75 -7.41 57.44
CA ILE D 20 -15.99 -6.76 57.07
C ILE D 20 -16.07 -5.24 57.35
N GLN D 21 -15.79 -4.83 58.59
CA GLN D 21 -15.73 -3.42 58.92
C GLN D 21 -14.68 -2.72 58.05
N PHE D 22 -13.49 -3.31 57.93
CA PHE D 22 -12.47 -2.76 57.09
C PHE D 22 -12.95 -2.59 55.64
N GLY D 23 -13.53 -3.66 55.11
CA GLY D 23 -14.03 -3.72 53.74
C GLY D 23 -15.00 -2.59 53.44
N LYS D 24 -15.94 -2.36 54.36
CA LYS D 24 -17.00 -1.35 54.20
C LYS D 24 -16.44 0.05 54.00
N SER D 25 -15.73 0.56 55.03
CA SER D 25 -15.07 1.83 54.87
C SER D 25 -13.67 1.78 55.44
N PRO D 26 -12.68 1.42 54.60
CA PRO D 26 -11.29 1.31 54.96
C PRO D 26 -10.75 2.54 55.67
N LEU D 27 -10.93 3.74 55.09
CA LEU D 27 -10.36 4.99 55.69
C LEU D 27 -10.90 5.26 57.08
N GLY D 28 -12.24 5.28 57.19
CA GLY D 28 -12.94 5.55 58.43
C GLY D 28 -12.57 4.52 59.46
N PHE D 29 -12.50 3.24 59.06
CA PHE D 29 -12.16 2.18 60.00
C PHE D 29 -10.75 2.34 60.61
N MET D 30 -9.75 2.52 59.76
CA MET D 30 -8.40 2.69 60.24
C MET D 30 -8.16 4.00 61.05
N GLN D 31 -8.81 5.10 60.65
CA GLN D 31 -8.75 6.35 61.42
C GLN D 31 -9.33 6.10 62.81
N GLU D 32 -10.50 5.49 62.86
CA GLU D 32 -11.10 5.13 64.11
C GLU D 32 -10.16 4.28 65.02
N CYS D 33 -9.51 3.25 64.48
CA CYS D 33 -8.54 2.48 65.26
C CYS D 33 -7.45 3.38 65.82
N LYS D 34 -6.96 4.30 64.99
CA LYS D 34 -5.81 5.10 65.36
C LYS D 34 -6.14 6.19 66.42
N ARG D 35 -7.38 6.66 66.40
CA ARG D 35 -7.89 7.55 67.44
C ARG D 35 -8.03 6.75 68.73
N GLN D 36 -8.98 5.81 68.72
CA GLN D 36 -9.27 5.00 69.90
C GLN D 36 -8.03 4.44 70.56
N LEU D 37 -7.08 3.94 69.79
CA LEU D 37 -5.95 3.27 70.41
C LEU D 37 -4.84 4.26 70.74
N LYS D 38 -4.98 5.47 70.20
CA LYS D 38 -4.03 6.58 70.39
C LYS D 38 -2.62 6.18 69.98
N SER D 39 -2.51 5.65 68.74
CA SER D 39 -1.25 5.13 68.19
C SER D 39 -1.33 5.07 66.68
N GLY D 40 -0.27 5.51 66.02
CA GLY D 40 -0.23 5.39 64.58
C GLY D 40 0.26 4.01 64.14
N ILE D 41 0.73 3.20 65.09
CA ILE D 41 1.16 1.85 64.81
C ILE D 41 0.20 1.03 65.64
N PHE D 42 -0.62 0.19 64.97
CA PHE D 42 -1.61 -0.65 65.64
C PHE D 42 -1.93 -1.93 64.88
N THR D 43 -2.56 -2.90 65.55
CA THR D 43 -2.82 -4.24 64.95
C THR D 43 -4.31 -4.59 64.84
N ILE D 44 -4.76 -5.01 63.64
CA ILE D 44 -6.15 -5.41 63.51
C ILE D 44 -6.16 -6.89 63.19
N ASN D 45 -7.35 -7.47 63.06
CA ASN D 45 -7.47 -8.88 62.89
C ASN D 45 -8.21 -9.23 61.58
N ILE D 46 -7.54 -9.98 60.70
CA ILE D 46 -8.18 -10.34 59.42
C ILE D 46 -8.34 -11.84 59.37
N VAL D 47 -9.57 -12.32 59.59
CA VAL D 47 -9.84 -13.78 59.71
C VAL D 47 -8.81 -14.56 60.56
N GLY D 48 -8.69 -14.13 61.81
CA GLY D 48 -7.76 -14.77 62.72
C GLY D 48 -6.31 -14.38 62.59
N LYS D 49 -5.93 -13.68 61.51
CA LYS D 49 -4.53 -13.28 61.31
C LYS D 49 -4.21 -11.84 61.73
N ARG D 50 -3.08 -11.66 62.42
CA ARG D 50 -2.66 -10.31 62.83
C ARG D 50 -2.08 -9.51 61.69
N VAL D 51 -2.60 -8.30 61.54
CA VAL D 51 -2.06 -7.36 60.62
C VAL D 51 -1.75 -6.06 61.37
N THR D 52 -0.47 -5.70 61.39
CA THR D 52 -0.02 -4.47 62.04
C THR D 52 0.16 -3.36 61.03
N ILE D 53 -0.62 -2.32 61.17
CA ILE D 53 -0.52 -1.16 60.28
C ILE D 53 0.44 -0.10 60.83
N VAL D 54 1.33 0.34 59.97
CA VAL D 54 2.25 1.43 60.23
C VAL D 54 1.59 2.69 59.70
N GLY D 55 0.70 3.23 60.53
CA GLY D 55 -0.11 4.38 60.14
C GLY D 55 0.44 5.73 60.58
N ASP D 56 1.73 5.75 60.90
CA ASP D 56 2.45 6.96 61.28
C ASP D 56 3.52 7.21 60.24
N PRO D 57 3.43 8.33 59.49
CA PRO D 57 4.35 8.66 58.39
C PRO D 57 5.83 8.81 58.77
N HIS D 58 6.09 9.14 60.05
CA HIS D 58 7.50 9.28 60.54
C HIS D 58 8.17 7.93 60.55
N GLU D 59 7.37 6.87 60.63
CA GLU D 59 7.94 5.53 60.61
C GLU D 59 7.88 4.78 59.26
N HIS D 60 7.61 5.48 58.18
CA HIS D 60 7.58 4.81 56.83
C HIS D 60 8.83 4.01 56.48
N SER D 61 10.01 4.54 56.77
CA SER D 61 11.25 3.83 56.42
C SER D 61 11.33 2.44 57.04
N ARG D 62 10.62 2.23 58.15
CA ARG D 62 10.67 0.97 58.84
C ARG D 62 9.86 -0.12 58.11
N PHE D 63 9.10 0.31 57.11
CA PHE D 63 8.32 -0.65 56.28
C PHE D 63 9.00 -0.86 54.94
N PHE D 64 9.44 0.24 54.30
CA PHE D 64 9.96 0.26 52.93
C PHE D 64 11.44 -0.13 52.78
N LEU D 65 12.24 0.08 53.84
CA LEU D 65 13.71 -0.15 53.72
C LEU D 65 14.21 -1.56 54.08
N PRO D 66 13.65 -2.23 55.09
CA PRO D 66 14.21 -3.57 55.39
C PRO D 66 14.28 -4.48 54.16
N ARG D 67 15.31 -5.33 54.10
CA ARG D 67 15.49 -6.25 53.00
C ARG D 67 14.38 -7.33 53.01
N ASN D 68 14.22 -7.99 51.85
CA ASN D 68 13.19 -9.03 51.66
C ASN D 68 13.20 -10.12 52.70
N GLU D 69 14.42 -10.61 52.99
CA GLU D 69 14.68 -11.53 54.08
C GLU D 69 14.08 -11.14 55.45
N VAL D 70 13.92 -9.85 55.73
CA VAL D 70 13.25 -9.39 56.98
C VAL D 70 11.72 -9.20 56.75
N LEU D 71 11.38 -8.33 55.81
CA LEU D 71 9.96 -8.04 55.43
C LEU D 71 9.70 -8.55 53.99
N SER D 72 9.03 -9.68 53.91
CA SER D 72 8.96 -10.49 52.68
C SER D 72 7.71 -10.15 51.82
N PRO D 73 7.86 -10.07 50.48
CA PRO D 73 6.69 -9.84 49.64
C PRO D 73 6.05 -11.15 49.14
N ARG D 74 6.69 -12.31 49.39
CA ARG D 74 6.28 -13.56 48.74
C ARG D 74 4.87 -13.97 49.13
N GLU D 75 4.58 -14.00 50.42
CA GLU D 75 3.30 -14.50 50.89
C GLU D 75 2.15 -13.56 50.56
N VAL D 76 2.45 -12.26 50.48
CA VAL D 76 1.38 -11.29 50.22
C VAL D 76 1.01 -11.26 48.74
N TYR D 77 1.89 -11.76 47.87
CA TYR D 77 1.61 -11.82 46.43
C TYR D 77 1.34 -13.22 45.97
N SER D 78 1.23 -14.13 46.93
CA SER D 78 1.02 -15.57 46.60
C SER D 78 -0.32 -15.74 45.84
N PHE D 79 -1.28 -14.85 46.07
CA PHE D 79 -2.62 -14.98 45.41
C PHE D 79 -2.54 -14.70 43.91
N MET D 80 -1.44 -14.03 43.48
CA MET D 80 -1.17 -13.78 42.11
C MET D 80 -0.33 -14.81 41.36
N VAL D 81 0.07 -15.90 42.02
CA VAL D 81 0.82 -16.98 41.40
C VAL D 81 0.16 -17.54 40.13
N PRO D 82 -1.15 -17.78 40.18
CA PRO D 82 -1.84 -18.29 38.95
C PRO D 82 -1.69 -17.41 37.72
N VAL D 83 -1.48 -16.12 37.93
CA VAL D 83 -1.35 -15.13 36.90
C VAL D 83 0.14 -14.87 36.52
N PHE D 84 0.99 -14.61 37.53
CA PHE D 84 2.40 -14.39 37.22
C PHE D 84 3.05 -15.72 36.76
N GLY D 85 2.62 -16.82 37.38
CA GLY D 85 3.17 -18.15 37.11
C GLY D 85 3.96 -18.63 38.30
N GLU D 86 3.97 -19.95 38.48
CA GLU D 86 4.86 -20.54 39.48
C GLU D 86 6.33 -20.16 39.40
N GLY D 87 6.89 -19.83 40.54
CA GLY D 87 8.27 -19.37 40.62
C GLY D 87 8.64 -18.15 39.83
N VAL D 88 7.67 -17.32 39.41
CA VAL D 88 7.98 -16.09 38.69
C VAL D 88 7.79 -14.98 39.70
N ALA D 89 8.61 -13.94 39.58
CA ALA D 89 8.51 -12.73 40.37
C ALA D 89 8.59 -13.01 41.86
N TYR D 90 7.57 -12.65 42.64
CA TYR D 90 7.60 -12.74 44.09
C TYR D 90 7.64 -14.19 44.51
N ALA D 91 7.29 -15.10 43.58
CA ALA D 91 7.38 -16.51 43.90
C ALA D 91 8.81 -17.06 43.72
N ALA D 92 9.69 -16.29 43.05
CA ALA D 92 11.06 -16.78 42.88
C ALA D 92 11.85 -16.56 44.16
N PRO D 93 13.03 -17.21 44.29
CA PRO D 93 13.87 -16.88 45.45
C PRO D 93 14.28 -15.43 45.31
N TYR D 94 14.47 -14.74 46.41
CA TYR D 94 14.63 -13.26 46.37
C TYR D 94 15.66 -12.75 45.36
N PRO D 95 16.84 -13.40 45.23
CA PRO D 95 17.78 -12.77 44.26
C PRO D 95 17.35 -13.00 42.81
N ARG D 96 16.70 -14.13 42.56
CA ARG D 96 16.10 -14.35 41.25
C ARG D 96 14.91 -13.36 40.99
N MET D 97 14.07 -13.23 42.02
CA MET D 97 12.99 -12.25 41.94
C MET D 97 13.57 -10.88 41.58
N ARG D 98 14.59 -10.45 42.32
CA ARG D 98 15.17 -9.12 42.10
C ARG D 98 15.68 -8.95 40.70
N GLU D 99 16.35 -9.97 40.19
CA GLU D 99 16.82 -9.91 38.79
C GLU D 99 15.68 -9.70 37.81
N GLN D 100 14.59 -10.46 37.99
CA GLN D 100 13.46 -10.38 37.05
C GLN D 100 12.86 -8.95 37.13
N LEU D 101 12.63 -8.45 38.34
CA LEU D 101 12.11 -7.06 38.50
C LEU D 101 13.03 -6.01 37.92
N ASN D 102 14.34 -6.22 38.10
CA ASN D 102 15.30 -5.37 37.40
C ASN D 102 15.19 -5.38 35.88
N PHE D 103 14.98 -6.54 35.28
CA PHE D 103 14.86 -6.63 33.81
C PHE D 103 13.62 -5.89 33.31
N LEU D 104 12.51 -6.06 34.03
CA LEU D 104 11.30 -5.28 33.69
C LEU D 104 11.59 -3.75 33.86
N ALA D 105 12.19 -3.38 34.99
CA ALA D 105 12.47 -1.98 35.27
C ALA D 105 13.34 -1.36 34.19
N GLU D 106 14.32 -2.12 33.70
CA GLU D 106 15.17 -1.64 32.60
C GLU D 106 14.39 -1.42 31.31
N GLU D 107 13.29 -2.15 31.11
CA GLU D 107 12.44 -1.95 29.88
C GLU D 107 11.51 -0.71 30.04
N LEU D 108 11.28 -0.32 31.28
CA LEU D 108 10.30 0.74 31.60
C LEU D 108 11.00 2.04 31.94
N THR D 109 12.33 2.04 31.85
CA THR D 109 13.07 3.25 32.28
C THR D 109 12.88 4.37 31.28
N ILE D 110 13.03 5.60 31.79
CA ILE D 110 13.66 6.77 31.04
C ILE D 110 13.85 6.86 29.55
N ALA D 111 14.93 6.25 29.10
CA ALA D 111 15.44 6.44 27.77
C ALA D 111 14.38 6.04 26.80
N LYS D 112 13.78 4.85 27.03
CA LYS D 112 12.90 4.20 26.03
C LYS D 112 11.80 5.10 25.59
N PHE D 113 11.47 6.07 26.43
CA PHE D 113 10.41 7.04 26.25
C PHE D 113 10.39 7.93 25.01
N GLN D 114 11.55 8.32 24.44
CA GLN D 114 11.48 9.26 23.25
C GLN D 114 10.66 8.66 22.09
N ASN D 115 10.48 7.34 22.10
CA ASN D 115 9.48 6.71 21.23
C ASN D 115 8.02 6.77 21.77
N PHE D 116 7.85 6.46 23.04
CA PHE D 116 6.58 6.49 23.73
C PHE D 116 5.65 7.75 23.58
N VAL D 117 6.20 8.97 23.44
CA VAL D 117 5.37 10.22 23.36
C VAL D 117 4.65 10.46 22.00
N PRO D 118 5.33 10.11 20.89
CA PRO D 118 4.68 9.89 19.58
C PRO D 118 3.56 8.83 19.64
N ALA D 119 3.87 7.65 20.18
CA ALA D 119 2.94 6.54 20.15
C ALA D 119 1.71 6.95 20.97
N ILE D 120 1.93 7.45 22.19
CA ILE D 120 0.89 7.85 23.11
C ILE D 120 -0.07 8.92 22.60
N GLN D 121 0.47 10.05 22.13
CA GLN D 121 -0.41 11.12 21.63
C GLN D 121 -1.24 10.71 20.41
N HIS D 122 -0.62 9.94 19.53
CA HIS D 122 -1.33 9.40 18.38
C HIS D 122 -2.54 8.51 18.78
N GLU D 123 -2.33 7.58 19.72
CA GLU D 123 -3.41 6.76 20.23
C GLU D 123 -4.54 7.58 20.90
N VAL D 124 -4.17 8.61 21.63
CA VAL D 124 -5.12 9.43 22.33
C VAL D 124 -6.00 10.18 21.32
N ARG D 125 -5.36 10.76 20.30
CA ARG D 125 -6.07 11.49 19.26
C ARG D 125 -6.96 10.56 18.47
N LYS D 126 -6.45 9.39 18.09
CA LYS D 126 -7.23 8.43 17.38
C LYS D 126 -8.53 8.07 18.16
N PHE D 127 -8.39 7.85 19.47
CA PHE D 127 -9.55 7.57 20.28
C PHE D 127 -10.54 8.75 20.29
N MET D 128 -10.00 9.95 20.52
CA MET D 128 -10.77 11.17 20.64
C MET D 128 -11.53 11.48 19.36
N ALA D 129 -10.85 11.27 18.22
CA ALA D 129 -11.37 11.48 16.89
C ALA D 129 -12.46 10.48 16.54
N ALA D 130 -12.39 9.27 17.12
CA ALA D 130 -13.39 8.25 16.87
C ALA D 130 -14.57 8.27 17.80
N ASN D 131 -14.36 8.71 19.04
CA ASN D 131 -15.38 8.68 20.05
C ASN D 131 -15.83 10.02 20.56
N TRP D 132 -14.95 11.03 20.57
CA TRP D 132 -15.30 12.34 21.10
C TRP D 132 -15.42 13.27 19.87
N ASP D 133 -16.06 12.79 18.80
CA ASP D 133 -16.03 13.45 17.49
C ASP D 133 -17.13 14.54 17.22
N LYS D 134 -18.00 14.83 18.18
CA LYS D 134 -19.06 15.81 17.97
C LYS D 134 -18.78 17.10 18.70
N ASP D 135 -19.68 18.08 18.57
CA ASP D 135 -19.56 19.32 19.39
C ASP D 135 -19.55 19.05 20.90
N GLU D 136 -20.34 18.04 21.28
CA GLU D 136 -20.77 17.78 22.64
C GLU D 136 -21.15 16.31 22.62
N GLY D 137 -20.97 15.62 23.76
CA GLY D 137 -21.39 14.21 23.88
C GLY D 137 -21.23 13.66 25.29
N GLU D 138 -22.02 12.65 25.65
CA GLU D 138 -21.89 12.13 26.97
C GLU D 138 -21.11 10.85 26.87
N ILE D 139 -20.27 10.62 27.88
CA ILE D 139 -19.35 9.45 27.93
C ILE D 139 -19.15 8.99 29.36
N ASN D 140 -18.68 7.75 29.58
CA ASN D 140 -18.26 7.38 30.88
C ASN D 140 -16.70 7.58 30.88
N LEU D 141 -16.24 8.46 31.70
CA LEU D 141 -14.83 8.96 31.56
C LEU D 141 -13.89 7.83 32.07
N LEU D 142 -14.33 7.10 33.08
CA LEU D 142 -13.56 6.00 33.59
C LEU D 142 -13.36 4.96 32.52
N GLU D 143 -14.44 4.58 31.80
CA GLU D 143 -14.28 3.60 30.73
C GLU D 143 -13.40 4.12 29.60
N ASP D 144 -13.53 5.39 29.23
CA ASP D 144 -12.78 5.96 28.14
C ASP D 144 -11.30 6.10 28.52
N CYS D 145 -11.02 6.55 29.75
CA CYS D 145 -9.63 6.57 30.19
C CYS D 145 -9.00 5.17 30.19
N SER D 146 -9.73 4.18 30.74
CA SER D 146 -9.25 2.81 30.72
C SER D 146 -8.96 2.32 29.27
N THR D 147 -9.82 2.67 28.30
CA THR D 147 -9.56 2.34 26.91
C THR D 147 -8.33 3.04 26.33
N MET D 148 -8.18 4.34 26.59
CA MET D 148 -7.03 5.05 26.12
C MET D 148 -5.71 4.51 26.75
N ILE D 149 -5.76 4.05 28.00
CA ILE D 149 -4.54 3.53 28.68
C ILE D 149 -4.14 2.17 28.18
N ILE D 150 -5.10 1.31 27.89
CA ILE D 150 -4.71 0.03 27.26
C ILE D 150 -4.19 0.24 25.82
N ASN D 151 -4.76 1.18 25.07
CA ASN D 151 -4.26 1.48 23.72
C ASN D 151 -2.84 2.11 23.79
N THR D 152 -2.65 3.06 24.71
CA THR D 152 -1.37 3.80 24.75
C THR D 152 -0.27 2.87 25.27
N ALA D 153 -0.58 2.10 26.31
CA ALA D 153 0.37 1.12 26.86
C ALA D 153 0.80 0.09 25.80
N CYS D 154 -0.16 -0.45 25.07
CA CYS D 154 0.20 -1.44 24.03
C CYS D 154 0.97 -0.86 22.88
N GLN D 155 0.66 0.39 22.48
CA GLN D 155 1.39 1.05 21.39
C GLN D 155 2.87 1.34 21.82
N CYS D 156 3.10 1.61 23.10
CA CYS D 156 4.46 1.78 23.60
C CYS D 156 5.27 0.47 23.79
N LEU D 157 4.61 -0.53 24.30
CA LEU D 157 5.31 -1.66 24.83
C LEU D 157 5.36 -2.83 23.81
N PHE D 158 4.44 -2.85 22.86
CA PHE D 158 4.36 -4.04 21.97
C PHE D 158 4.48 -3.62 20.51
N GLY D 159 5.35 -4.29 19.78
CA GLY D 159 5.43 -4.07 18.32
C GLY D 159 4.10 -4.30 17.59
N GLU D 160 3.99 -3.71 16.41
CA GLU D 160 2.75 -3.75 15.59
C GLU D 160 2.30 -5.21 15.32
N ASP D 161 3.26 -6.09 15.09
CA ASP D 161 3.00 -7.52 14.81
C ASP D 161 2.26 -8.18 15.99
N LEU D 162 2.72 -7.91 17.23
CA LEU D 162 2.06 -8.42 18.44
C LEU D 162 0.65 -7.84 18.55
N ARG D 163 0.53 -6.55 18.29
CA ARG D 163 -0.73 -5.83 18.43
C ARG D 163 -1.78 -6.29 17.43
N LYS D 164 -1.33 -6.78 16.29
CA LYS D 164 -2.22 -7.40 15.30
C LYS D 164 -2.83 -8.72 15.75
N ARG D 165 -2.00 -9.60 16.28
CA ARG D 165 -2.46 -10.88 16.83
C ARG D 165 -3.15 -10.71 18.17
N LEU D 166 -2.70 -9.73 18.94
CA LEU D 166 -3.24 -9.51 20.28
C LEU D 166 -3.65 -8.05 20.41
N ASP D 167 -4.80 -7.71 19.86
CA ASP D 167 -5.21 -6.34 19.90
C ASP D 167 -5.75 -5.94 21.30
N ALA D 168 -5.84 -4.65 21.56
CA ALA D 168 -6.36 -4.08 22.80
C ALA D 168 -7.58 -4.86 23.36
N ARG D 169 -8.64 -5.03 22.54
CA ARG D 169 -9.84 -5.86 22.84
C ARG D 169 -9.51 -7.23 23.39
N ARG D 170 -8.73 -8.00 22.64
CA ARG D 170 -8.46 -9.37 22.93
C ARG D 170 -7.59 -9.46 24.18
N PHE D 171 -6.61 -8.53 24.27
CA PHE D 171 -5.70 -8.48 25.41
C PHE D 171 -6.45 -8.14 26.74
N ALA D 172 -7.22 -7.06 26.73
CA ALA D 172 -8.16 -6.74 27.77
C ALA D 172 -9.12 -7.87 28.21
N GLN D 173 -9.73 -8.59 27.27
CA GLN D 173 -10.49 -9.79 27.54
C GLN D 173 -9.70 -10.89 28.29
N LEU D 174 -8.53 -11.30 27.80
CA LEU D 174 -7.74 -12.32 28.48
C LEU D 174 -7.26 -11.86 29.88
N LEU D 175 -6.91 -10.58 30.00
CA LEU D 175 -6.47 -10.05 31.27
C LEU D 175 -7.66 -9.97 32.27
N ALA D 176 -8.82 -9.52 31.79
CA ALA D 176 -10.05 -9.50 32.61
C ALA D 176 -10.42 -10.91 33.03
N LYS D 177 -10.19 -11.89 32.18
CA LYS D 177 -10.43 -13.24 32.57
C LYS D 177 -9.49 -13.69 33.75
N MET D 178 -8.24 -13.29 33.70
CA MET D 178 -7.27 -13.65 34.72
C MET D 178 -7.65 -12.92 35.99
N GLU D 179 -7.95 -11.63 35.86
CA GLU D 179 -8.20 -10.77 36.97
C GLU D 179 -9.41 -11.29 37.78
N SER D 180 -10.46 -11.69 37.05
CA SER D 180 -11.68 -12.02 37.74
C SER D 180 -11.60 -13.40 38.37
N SER D 181 -10.49 -14.10 38.23
CA SER D 181 -10.28 -15.36 38.93
C SER D 181 -9.44 -15.18 40.25
N LEU D 182 -8.91 -14.00 40.47
CA LEU D 182 -8.04 -13.77 41.65
C LEU D 182 -8.91 -13.63 42.93
N ILE D 183 -8.37 -14.15 44.05
CA ILE D 183 -8.97 -14.07 45.37
C ILE D 183 -7.95 -13.45 46.36
N PRO D 184 -7.93 -12.15 46.52
CA PRO D 184 -6.97 -11.57 47.48
C PRO D 184 -7.08 -12.11 48.93
N ALA D 185 -8.23 -12.63 49.32
CA ALA D 185 -8.38 -13.25 50.66
C ALA D 185 -7.52 -14.52 50.80
N ALA D 186 -6.97 -15.01 49.69
CA ALA D 186 -6.12 -16.17 49.80
C ALA D 186 -4.82 -15.85 50.62
N VAL D 187 -4.46 -14.60 50.75
CA VAL D 187 -3.33 -14.19 51.57
C VAL D 187 -3.61 -14.61 53.05
N PHE D 188 -4.85 -14.41 53.45
CA PHE D 188 -5.31 -14.80 54.81
C PHE D 188 -5.87 -16.20 54.88
N LEU D 189 -6.23 -16.79 53.75
CA LEU D 189 -6.60 -18.22 53.77
C LEU D 189 -5.82 -19.00 52.74
N PRO D 190 -4.56 -19.34 53.09
CA PRO D 190 -3.66 -19.94 52.13
C PRO D 190 -4.17 -21.26 51.59
N ILE D 191 -5.10 -21.87 52.31
CA ILE D 191 -5.69 -23.13 51.78
C ILE D 191 -6.31 -22.94 50.34
N LEU D 192 -6.83 -21.76 50.07
CA LEU D 192 -7.43 -21.42 48.77
C LEU D 192 -6.48 -21.61 47.60
N LEU D 193 -5.19 -21.41 47.85
CA LEU D 193 -4.22 -21.63 46.76
C LEU D 193 -3.94 -23.09 46.45
N LYS D 194 -4.34 -23.97 47.38
CA LYS D 194 -4.06 -25.40 47.29
C LYS D 194 -5.25 -26.15 46.74
N LEU D 195 -6.40 -25.52 46.81
CA LEU D 195 -7.62 -26.14 46.34
C LEU D 195 -7.80 -26.14 44.82
N PRO D 196 -8.38 -27.23 44.28
CA PRO D 196 -8.66 -27.22 42.86
C PRO D 196 -9.91 -26.40 42.49
N LEU D 197 -9.85 -25.10 42.71
CA LEU D 197 -10.96 -24.19 42.42
C LEU D 197 -11.16 -23.96 40.95
N PRO D 198 -12.39 -23.63 40.56
CA PRO D 198 -12.61 -23.35 39.14
C PRO D 198 -11.92 -22.02 38.73
N GLN D 199 -11.67 -21.13 39.69
CA GLN D 199 -11.04 -19.82 39.42
C GLN D 199 -9.54 -20.05 38.96
N SER D 200 -8.87 -21.00 39.60
CA SER D 200 -7.48 -21.35 39.26
C SER D 200 -7.44 -21.97 37.85
N ALA D 201 -8.37 -22.89 37.57
CA ALA D 201 -8.55 -23.50 36.27
C ALA D 201 -8.67 -22.44 35.12
N ARG D 202 -9.53 -21.45 35.37
CA ARG D 202 -9.82 -20.41 34.44
C ARG D 202 -8.61 -19.51 34.21
N CYS D 203 -7.94 -19.18 35.32
CA CYS D 203 -6.75 -18.40 35.27
C CYS D 203 -5.66 -19.07 34.40
N HIS D 204 -5.46 -20.35 34.65
CA HIS D 204 -4.48 -21.12 33.91
C HIS D 204 -4.78 -21.11 32.41
N GLU D 205 -6.06 -21.26 32.05
CA GLU D 205 -6.50 -21.20 30.67
C GLU D 205 -6.15 -19.91 29.97
N ALA D 206 -6.49 -18.79 30.61
CA ALA D 206 -6.19 -17.50 29.99
C ALA D 206 -4.66 -17.23 29.92
N ARG D 207 -3.91 -17.55 30.97
CA ARG D 207 -2.47 -17.35 30.93
C ARG D 207 -1.82 -18.20 29.78
N THR D 208 -2.16 -19.47 29.73
CA THR D 208 -1.78 -20.35 28.61
C THR D 208 -2.13 -19.80 27.22
N GLU D 209 -3.34 -19.33 27.01
CA GLU D 209 -3.66 -18.60 25.73
C GLU D 209 -2.69 -17.45 25.46
N LEU D 210 -2.48 -16.59 26.46
CA LEU D 210 -1.51 -15.49 26.25
C LEU D 210 -0.11 -16.04 25.90
N GLN D 211 0.36 -17.02 26.68
CA GLN D 211 1.69 -17.53 26.44
C GLN D 211 1.86 -18.12 25.01
N LYS D 212 0.80 -18.75 24.53
CA LYS D 212 0.78 -19.35 23.19
C LYS D 212 0.79 -18.27 22.14
N ILE D 213 0.08 -17.16 22.39
CA ILE D 213 0.17 -16.04 21.42
C ILE D 213 1.58 -15.47 21.36
N LEU D 214 2.21 -15.30 22.54
CA LEU D 214 3.56 -14.80 22.61
C LEU D 214 4.49 -15.80 21.88
N SER D 215 4.32 -17.08 22.16
CA SER D 215 5.15 -18.08 21.46
C SER D 215 5.00 -17.98 19.90
N GLU D 216 3.81 -17.70 19.43
CA GLU D 216 3.53 -17.64 18.00
C GLU D 216 4.13 -16.40 17.39
N ILE D 217 4.11 -15.29 18.13
CA ILE D 217 4.82 -14.09 17.70
C ILE D 217 6.35 -14.26 17.69
N ILE D 218 6.90 -14.99 18.66
CA ILE D 218 8.33 -15.14 18.69
C ILE D 218 8.79 -15.98 17.46
N ILE D 219 8.02 -17.00 17.15
CA ILE D 219 8.30 -17.80 15.94
C ILE D 219 8.24 -16.92 14.68
N ALA D 220 7.21 -16.08 14.56
CA ALA D 220 7.03 -15.18 13.39
C ALA D 220 8.18 -14.20 13.28
N ARG D 221 8.68 -13.73 14.43
CA ARG D 221 9.79 -12.81 14.40
C ARG D 221 11.06 -13.49 13.99
N LYS D 222 11.21 -14.76 14.38
CA LYS D 222 12.43 -15.45 13.95
C LYS D 222 12.39 -15.64 12.44
N GLU D 223 11.22 -15.92 11.91
CA GLU D 223 11.06 -16.07 10.44
C GLU D 223 11.29 -14.70 9.73
N GLU D 224 10.83 -13.62 10.35
CA GLU D 224 11.15 -12.25 9.88
C GLU D 224 12.66 -11.99 9.83
N GLU D 225 13.40 -12.39 10.85
CA GLU D 225 14.85 -12.15 10.90
C GLU D 225 15.59 -12.90 9.81
N VAL D 226 15.13 -14.10 9.54
CA VAL D 226 15.68 -14.82 8.43
C VAL D 226 15.28 -14.08 7.12
N ASN D 227 14.00 -13.80 6.92
CA ASN D 227 13.52 -13.21 5.68
C ASN D 227 14.12 -11.80 5.43
N LYS D 228 14.18 -10.94 6.45
CA LYS D 228 14.45 -9.46 6.37
C LYS D 228 15.71 -9.04 7.10
N ASP D 229 16.30 -9.92 7.91
CA ASP D 229 17.46 -9.53 8.74
C ASP D 229 17.12 -8.57 9.94
N SER D 230 15.83 -8.46 10.26
CA SER D 230 15.44 -7.70 11.46
C SER D 230 14.07 -8.14 11.92
N SER D 231 13.70 -7.66 13.11
CA SER D 231 12.34 -7.79 13.65
C SER D 231 12.09 -6.70 14.69
N THR D 232 10.85 -6.63 15.14
CA THR D 232 10.44 -5.51 15.97
C THR D 232 11.16 -5.56 17.29
N SER D 233 11.70 -4.41 17.72
CA SER D 233 12.23 -4.26 19.09
C SER D 233 11.10 -3.72 20.04
N ASP D 234 10.95 -4.36 21.21
CA ASP D 234 9.81 -4.01 22.13
C ASP D 234 9.99 -4.60 23.51
N LEU D 235 8.93 -4.59 24.32
CA LEU D 235 9.03 -5.18 25.64
C LEU D 235 9.33 -6.67 25.56
N LEU D 236 8.68 -7.37 24.63
CA LEU D 236 8.88 -8.82 24.56
C LEU D 236 10.32 -9.15 24.14
N SER D 237 10.82 -8.43 23.13
CA SER D 237 12.24 -8.63 22.67
C SER D 237 13.24 -8.27 23.77
N GLY D 238 13.00 -7.15 24.46
CA GLY D 238 13.82 -6.75 25.54
C GLY D 238 13.92 -7.83 26.58
N LEU D 239 12.79 -8.35 27.05
CA LEU D 239 12.84 -9.36 28.12
C LEU D 239 13.48 -10.68 27.66
N LEU D 240 13.22 -11.05 26.40
CA LEU D 240 13.77 -12.27 25.75
C LEU D 240 15.31 -12.20 25.62
N SER D 241 15.81 -10.98 25.52
CA SER D 241 17.24 -10.75 25.36
C SER D 241 17.96 -10.66 26.69
N ALA D 242 17.22 -10.66 27.81
CA ALA D 242 17.89 -10.59 29.15
C ALA D 242 18.55 -11.95 29.55
N VAL D 243 19.64 -11.85 30.30
CA VAL D 243 20.38 -12.99 30.81
C VAL D 243 20.73 -12.79 32.29
N TYR D 244 20.39 -13.78 33.10
CA TYR D 244 20.63 -13.73 34.54
C TYR D 244 22.14 -13.69 34.83
N ARG D 245 22.51 -13.25 36.02
CA ARG D 245 23.90 -13.31 36.50
C ARG D 245 24.37 -14.75 36.31
N ASP D 246 23.42 -15.65 36.46
CA ASP D 246 23.54 -17.08 36.29
C ASP D 246 24.26 -17.49 35.04
N GLY D 247 24.08 -16.71 33.98
CA GLY D 247 24.33 -17.15 32.62
C GLY D 247 23.10 -17.65 31.86
N THR D 248 22.04 -18.11 32.54
CA THR D 248 20.84 -18.59 31.76
C THR D 248 19.94 -17.41 31.19
N PRO D 249 19.18 -17.68 30.12
CA PRO D 249 18.24 -16.66 29.68
C PRO D 249 16.92 -16.81 30.47
N MET D 250 16.06 -15.79 30.42
CA MET D 250 14.78 -15.89 31.02
C MET D 250 13.92 -16.82 30.10
N SER D 251 13.16 -17.74 30.69
CA SER D 251 12.27 -18.61 29.92
C SER D 251 10.98 -17.89 29.43
N LEU D 252 10.30 -18.49 28.48
CA LEU D 252 9.05 -17.87 27.97
C LEU D 252 8.03 -17.75 29.13
N HIS D 253 8.03 -18.77 29.97
CA HIS D 253 7.14 -18.81 31.16
C HIS D 253 7.37 -17.57 32.03
N GLU D 254 8.64 -17.28 32.29
CA GLU D 254 9.07 -16.08 32.99
C GLU D 254 8.76 -14.74 32.28
N VAL D 255 9.03 -14.63 30.97
CA VAL D 255 8.73 -13.40 30.21
C VAL D 255 7.22 -13.11 30.26
N CYS D 256 6.43 -14.14 30.02
CA CYS D 256 4.97 -14.00 29.98
C CYS D 256 4.51 -13.45 31.34
N GLY D 257 5.03 -14.05 32.42
CA GLY D 257 4.72 -13.62 33.77
C GLY D 257 5.06 -12.16 34.01
N MET D 258 6.25 -11.71 33.57
CA MET D 258 6.62 -10.30 33.75
C MET D 258 5.72 -9.36 32.94
N ILE D 259 5.34 -9.75 31.73
CA ILE D 259 4.45 -8.94 30.91
C ILE D 259 3.07 -8.83 31.64
N VAL D 260 2.59 -9.93 32.15
CA VAL D 260 1.31 -9.91 32.94
C VAL D 260 1.51 -9.00 34.17
N ALA D 261 2.65 -9.13 34.85
CA ALA D 261 2.90 -8.27 36.03
C ALA D 261 2.82 -6.76 35.65
N ALA D 262 3.38 -6.39 34.53
CA ALA D 262 3.38 -4.98 34.13
C ALA D 262 1.93 -4.55 33.88
N MET D 263 1.14 -5.41 33.21
CA MET D 263 -0.26 -5.10 32.90
C MET D 263 -1.08 -4.98 34.18
N PHE D 264 -0.93 -5.91 35.11
CA PHE D 264 -1.68 -5.85 36.35
C PHE D 264 -1.26 -4.61 37.21
N ALA D 265 0.01 -4.17 37.09
CA ALA D 265 0.47 -3.10 37.93
C ALA D 265 0.14 -1.77 37.34
N GLY D 266 0.04 -1.70 36.01
CA GLY D 266 0.01 -0.38 35.37
C GLY D 266 -1.31 0.05 34.75
N GLN D 267 -2.18 -0.94 34.43
CA GLN D 267 -3.38 -0.62 33.68
C GLN D 267 -4.41 0.17 34.54
N HIS D 268 -4.97 -0.45 35.58
CA HIS D 268 -6.00 0.18 36.40
C HIS D 268 -5.40 1.42 37.16
N THR D 269 -4.19 1.27 37.65
CA THR D 269 -3.57 2.42 38.34
C THR D 269 -3.45 3.64 37.48
N SER D 270 -2.99 3.47 36.23
CA SER D 270 -2.76 4.63 35.37
C SER D 270 -4.12 5.25 34.86
N SER D 271 -5.08 4.38 34.54
CA SER D 271 -6.32 4.86 34.02
C SER D 271 -7.14 5.60 35.12
N ILE D 272 -7.13 5.07 36.33
CA ILE D 272 -7.76 5.66 37.51
C ILE D 272 -7.13 7.04 37.84
N THR D 273 -5.81 7.13 37.77
CA THR D 273 -5.12 8.40 38.05
C THR D 273 -5.54 9.40 37.00
N THR D 274 -5.63 8.96 35.74
CA THR D 274 -6.06 9.82 34.69
C THR D 274 -7.47 10.31 34.97
N THR D 275 -8.32 9.36 35.30
CA THR D 275 -9.76 9.67 35.48
C THR D 275 -9.93 10.67 36.66
N TRP D 276 -9.40 10.35 37.84
CA TRP D 276 -9.43 11.29 38.99
C TRP D 276 -8.90 12.66 38.59
N SER D 277 -7.70 12.71 37.98
CA SER D 277 -7.16 14.03 37.57
C SER D 277 -8.13 14.88 36.78
N MET D 278 -8.71 14.30 35.73
CA MET D 278 -9.70 14.96 34.88
C MET D 278 -10.99 15.41 35.64
N LEU D 279 -11.48 14.55 36.52
CA LEU D 279 -12.63 14.84 37.40
C LEU D 279 -12.39 16.03 38.35
N HIS D 280 -11.21 16.09 38.93
CA HIS D 280 -10.85 17.23 39.74
C HIS D 280 -10.72 18.53 38.96
N LEU D 281 -10.01 18.46 37.85
CA LEU D 281 -9.77 19.59 36.97
C LEU D 281 -11.02 20.24 36.39
N MET D 282 -12.06 19.44 36.16
CA MET D 282 -13.28 19.86 35.55
C MET D 282 -14.29 20.36 36.58
N HIS D 283 -14.10 20.03 37.86
CA HIS D 283 -14.96 20.51 38.95
C HIS D 283 -14.76 22.03 39.21
N PRO D 284 -15.89 22.77 39.36
CA PRO D 284 -15.79 24.26 39.39
C PRO D 284 -14.89 24.81 40.46
N ALA D 285 -14.80 24.14 41.61
CA ALA D 285 -13.95 24.60 42.69
C ALA D 285 -12.46 24.66 42.31
N ASN D 286 -12.11 24.06 41.15
CA ASN D 286 -10.71 23.91 40.74
C ASN D 286 -10.40 24.67 39.48
N VAL D 287 -11.35 25.53 39.04
CA VAL D 287 -11.14 26.39 37.87
C VAL D 287 -9.74 27.07 37.82
N LYS D 288 -9.20 27.48 38.97
CA LYS D 288 -7.87 28.12 38.96
C LYS D 288 -6.81 27.10 38.52
N HIS D 289 -6.95 25.87 39.04
CA HIS D 289 -6.03 24.80 38.64
C HIS D 289 -6.18 24.42 37.18
N LEU D 290 -7.40 24.44 36.66
CA LEU D 290 -7.58 24.24 35.25
C LEU D 290 -6.93 25.34 34.42
N GLU D 291 -7.02 26.57 34.93
CA GLU D 291 -6.43 27.71 34.24
C GLU D 291 -4.92 27.53 34.22
N ALA D 292 -4.34 27.12 35.34
CA ALA D 292 -2.84 26.95 35.47
C ALA D 292 -2.38 25.82 34.53
N LEU D 293 -3.12 24.71 34.50
CA LEU D 293 -2.82 23.66 33.55
C LEU D 293 -2.88 24.10 32.11
N ARG D 294 -3.95 24.77 31.73
CA ARG D 294 -4.03 25.29 30.37
C ARG D 294 -2.90 26.29 30.09
N LYS D 295 -2.58 27.15 31.07
CA LYS D 295 -1.50 28.16 30.90
C LYS D 295 -0.22 27.41 30.50
N GLU D 296 0.01 26.26 31.11
CA GLU D 296 1.16 25.38 30.85
C GLU D 296 1.13 24.60 29.54
N ILE D 297 0.05 23.89 29.25
CA ILE D 297 -0.05 23.07 28.02
C ILE D 297 -0.30 23.85 26.72
N GLU D 298 -0.85 25.04 26.85
CA GLU D 298 -1.13 25.87 25.67
C GLU D 298 0.12 26.57 25.13
N GLU D 299 1.23 26.40 25.82
CA GLU D 299 2.56 26.83 25.33
C GLU D 299 3.29 25.79 24.52
N PHE D 300 2.61 24.71 24.16
CA PHE D 300 3.28 23.69 23.36
C PHE D 300 2.71 23.66 21.94
N PRO D 301 3.48 23.15 20.97
CA PRO D 301 2.94 22.91 19.65
C PRO D 301 1.87 21.79 19.59
N ALA D 302 1.09 21.80 18.50
CA ALA D 302 0.24 20.66 18.07
C ALA D 302 0.80 19.29 18.50
N GLN D 303 2.01 18.98 18.05
CA GLN D 303 2.56 17.69 18.44
C GLN D 303 3.46 17.87 19.67
N LEU D 304 3.20 17.07 20.71
CA LEU D 304 4.12 16.97 21.84
C LEU D 304 5.37 16.10 21.63
N ASN D 305 6.42 16.38 22.41
CA ASN D 305 7.54 15.46 22.45
C ASN D 305 7.99 15.14 23.87
N TYR D 306 8.92 14.21 23.97
CA TYR D 306 9.51 13.80 25.24
C TYR D 306 9.88 14.96 26.16
N ASN D 307 10.41 16.05 25.59
CA ASN D 307 10.93 17.12 26.43
C ASN D 307 9.79 17.93 27.02
N ASN D 308 8.75 18.07 26.22
CA ASN D 308 7.53 18.77 26.63
C ASN D 308 6.97 18.05 27.88
N VAL D 309 6.76 16.75 27.76
CA VAL D 309 6.04 15.98 28.79
C VAL D 309 6.91 15.72 30.02
N MET D 310 8.18 15.38 29.81
CA MET D 310 9.10 15.09 30.95
C MET D 310 9.64 16.31 31.66
N ASP D 311 9.82 17.42 30.95
CA ASP D 311 10.55 18.52 31.53
C ASP D 311 9.80 19.82 31.62
N GLU D 312 8.65 19.93 30.95
CA GLU D 312 7.97 21.21 30.88
C GLU D 312 6.50 21.14 31.32
N MET D 313 6.15 20.09 32.07
CA MET D 313 4.79 19.88 32.58
C MET D 313 4.77 19.60 34.09
N PRO D 314 5.37 20.52 34.90
CA PRO D 314 5.38 20.27 36.33
C PRO D 314 3.96 20.31 36.96
N PHE D 315 3.14 21.27 36.55
CA PHE D 315 1.81 21.39 37.15
C PHE D 315 0.95 20.13 36.81
N ALA D 316 1.06 19.63 35.59
CA ALA D 316 0.24 18.46 35.17
C ALA D 316 0.67 17.27 36.01
N GLU D 317 1.97 17.16 36.28
CA GLU D 317 2.50 16.15 37.19
C GLU D 317 1.99 16.31 38.60
N ARG D 318 1.95 17.53 39.11
CA ARG D 318 1.40 17.78 40.43
C ARG D 318 -0.08 17.40 40.52
N CYS D 319 -0.83 17.72 39.49
CA CYS D 319 -2.24 17.23 39.38
C CYS D 319 -2.39 15.72 39.51
N ALA D 320 -1.57 15.00 38.78
CA ALA D 320 -1.64 13.54 38.79
C ALA D 320 -1.23 13.02 40.15
N ARG D 321 -0.12 13.53 40.72
CA ARG D 321 0.32 13.07 42.04
C ARG D 321 -0.71 13.31 43.14
N GLU D 322 -1.36 14.47 43.08
CA GLU D 322 -2.24 14.86 44.17
C GLU D 322 -3.51 13.98 44.05
N SER D 323 -3.87 13.59 42.82
CA SER D 323 -4.96 12.60 42.66
C SER D 323 -4.69 11.27 43.34
N ILE D 324 -3.46 10.74 43.14
CA ILE D 324 -2.95 9.60 43.85
C ILE D 324 -2.86 9.89 45.34
N ARG D 325 -2.34 11.09 45.68
CA ARG D 325 -2.28 11.40 47.12
C ARG D 325 -3.71 11.29 47.73
N ARG D 326 -4.71 11.92 47.11
CA ARG D 326 -6.08 11.99 47.76
C ARG D 326 -6.80 10.62 47.75
N ASP D 327 -6.66 9.91 46.65
CA ASP D 327 -7.38 8.65 46.46
C ASP D 327 -6.42 7.59 45.86
N PRO D 328 -5.49 7.09 46.69
CA PRO D 328 -4.42 6.18 46.18
C PRO D 328 -5.10 4.86 45.68
N PRO D 329 -4.69 4.40 44.50
CA PRO D 329 -5.41 3.25 43.87
C PRO D 329 -5.13 2.00 44.66
N LEU D 330 -3.94 1.92 45.25
CA LEU D 330 -3.60 0.80 46.10
C LEU D 330 -3.65 1.27 47.54
N LEU D 331 -4.61 0.73 48.28
CA LEU D 331 -4.91 1.22 49.63
C LEU D 331 -3.94 0.78 50.71
N MET D 332 -3.43 -0.44 50.56
CA MET D 332 -2.67 -1.08 51.61
C MET D 332 -1.57 -1.85 50.97
N LEU D 333 -0.32 -1.55 51.37
CA LEU D 333 0.89 -2.26 50.91
C LEU D 333 1.30 -3.17 52.08
N MET D 334 1.61 -4.43 51.81
CA MET D 334 1.83 -5.43 52.88
C MET D 334 3.09 -6.28 52.68
N ARG D 335 3.56 -6.85 53.78
CA ARG D 335 4.77 -7.71 53.80
C ARG D 335 4.53 -8.69 54.92
N LYS D 336 5.18 -9.84 54.86
CA LYS D 336 5.12 -10.78 55.95
C LYS D 336 6.43 -10.55 56.76
N VAL D 337 6.28 -10.54 58.07
CA VAL D 337 7.41 -10.32 59.01
C VAL D 337 8.11 -11.67 59.28
N MET D 338 9.34 -11.77 58.83
CA MET D 338 10.14 -13.02 58.89
C MET D 338 11.03 -13.05 60.16
N ALA D 339 11.22 -11.87 60.75
CA ALA D 339 12.02 -11.69 62.00
C ALA D 339 11.49 -10.43 62.67
N ASP D 340 11.40 -10.46 64.02
CA ASP D 340 10.95 -9.33 64.83
C ASP D 340 11.52 -8.05 64.34
N VAL D 341 10.70 -7.00 64.36
CA VAL D 341 11.06 -5.76 63.69
C VAL D 341 10.70 -4.61 64.55
N LYS D 342 11.63 -3.66 64.62
CA LYS D 342 11.46 -2.52 65.52
C LYS D 342 10.83 -1.39 64.73
N VAL D 343 9.72 -0.87 65.23
CA VAL D 343 9.02 0.21 64.58
C VAL D 343 8.51 1.11 65.64
N GLY D 344 8.90 2.38 65.56
CA GLY D 344 8.57 3.34 66.62
C GLY D 344 8.97 2.72 67.94
N SER D 345 8.06 2.72 68.91
CA SER D 345 8.43 2.20 70.23
C SER D 345 7.90 0.79 70.44
N TYR D 346 7.73 0.05 69.32
CA TYR D 346 7.18 -1.31 69.37
C TYR D 346 8.02 -2.33 68.67
N VAL D 347 7.73 -3.58 68.98
CA VAL D 347 8.32 -4.66 68.20
C VAL D 347 7.17 -5.34 67.45
N VAL D 348 7.38 -5.56 66.17
CA VAL D 348 6.39 -6.31 65.36
C VAL D 348 6.92 -7.70 65.17
N PRO D 349 6.22 -8.66 65.74
CA PRO D 349 6.74 -10.00 65.84
C PRO D 349 6.84 -10.72 64.50
N LYS D 350 7.73 -11.71 64.43
CA LYS D 350 7.77 -12.72 63.38
C LYS D 350 6.38 -13.29 63.27
N GLY D 351 5.94 -13.57 62.03
CA GLY D 351 4.61 -14.14 61.85
C GLY D 351 3.53 -13.15 61.46
N ASP D 352 3.65 -11.89 61.91
CA ASP D 352 2.71 -10.83 61.49
C ASP D 352 2.75 -10.52 59.98
N ILE D 353 1.61 -10.03 59.49
CA ILE D 353 1.60 -9.24 58.28
C ILE D 353 1.79 -7.79 58.73
N ILE D 354 2.78 -7.10 58.21
CA ILE D 354 2.87 -5.69 58.46
C ILE D 354 2.37 -4.91 57.24
N ALA D 355 1.73 -3.79 57.47
CA ALA D 355 1.08 -3.02 56.43
C ALA D 355 1.42 -1.56 56.59
N CYS D 356 1.64 -0.89 55.47
CA CYS D 356 1.73 0.54 55.42
C CYS D 356 0.69 1.03 54.36
N SER D 357 -0.22 1.89 54.78
CA SER D 357 -1.40 2.22 53.99
C SER D 357 -1.31 3.60 53.37
N PRO D 358 -1.18 3.66 52.01
CA PRO D 358 -1.21 4.96 51.36
C PRO D 358 -2.48 5.69 51.70
N LEU D 359 -3.60 4.95 51.86
CA LEU D 359 -4.88 5.55 52.16
C LEU D 359 -4.80 6.23 53.54
N LEU D 360 -4.36 5.52 54.57
CA LEU D 360 -4.23 6.12 55.91
C LEU D 360 -3.17 7.23 56.00
N SER D 361 -1.95 6.94 55.65
CA SER D 361 -0.88 7.91 55.65
C SER D 361 -1.20 9.20 54.88
N HIS D 362 -1.89 9.11 53.72
CA HIS D 362 -2.20 10.28 52.93
C HIS D 362 -3.32 11.16 53.51
N HIS D 363 -3.95 10.66 54.58
CA HIS D 363 -4.93 11.45 55.33
C HIS D 363 -4.48 11.83 56.72
N ASP D 364 -3.19 11.74 56.98
CA ASP D 364 -2.63 12.10 58.27
C ASP D 364 -2.57 13.64 58.28
N GLU D 365 -3.35 14.24 59.19
CA GLU D 365 -3.62 15.69 59.17
C GLU D 365 -2.42 16.61 59.29
N GLU D 366 -1.38 16.12 59.94
CA GLU D 366 -0.11 16.80 60.00
C GLU D 366 0.66 16.79 58.68
N ALA D 367 0.80 15.58 58.08
CA ALA D 367 1.50 15.47 56.79
C ALA D 367 0.72 16.15 55.68
N PHE D 368 -0.63 16.08 55.76
CA PHE D 368 -1.52 16.57 54.73
C PHE D 368 -2.76 17.28 55.33
N PRO D 369 -2.60 18.58 55.70
CA PRO D 369 -3.75 19.35 56.22
C PRO D 369 -4.97 19.36 55.30
N GLU D 370 -6.18 19.27 55.84
CA GLU D 370 -7.40 19.23 55.00
C GLU D 370 -7.30 18.07 53.95
N PRO D 371 -7.06 16.83 54.41
CA PRO D 371 -6.70 15.75 53.43
C PRO D 371 -7.74 15.49 52.32
N ARG D 372 -9.03 15.74 52.56
CA ARG D 372 -10.02 15.53 51.52
C ARG D 372 -10.00 16.58 50.45
N ARG D 373 -9.26 17.66 50.68
CA ARG D 373 -9.17 18.72 49.68
C ARG D 373 -8.11 18.42 48.64
N TRP D 374 -8.51 18.37 47.38
CA TRP D 374 -7.56 18.20 46.29
C TRP D 374 -6.86 19.51 45.96
N ASP D 375 -5.55 19.54 46.24
CA ASP D 375 -4.78 20.72 46.01
C ASP D 375 -3.44 20.44 45.34
N PRO D 376 -3.37 20.54 44.01
CA PRO D 376 -2.10 20.19 43.33
C PRO D 376 -0.91 21.02 43.81
N GLU D 377 -1.17 22.21 44.40
CA GLU D 377 -0.06 23.05 44.91
C GLU D 377 0.47 22.66 46.28
N ARG D 378 -0.11 21.64 46.93
CA ARG D 378 0.40 21.25 48.26
C ARG D 378 1.72 20.48 48.18
N ASP D 379 2.43 20.39 49.31
CA ASP D 379 3.55 19.49 49.41
C ASP D 379 3.35 18.82 50.73
N GLU D 380 3.77 17.56 50.86
CA GLU D 380 3.75 16.82 52.12
C GLU D 380 4.51 17.69 53.18
N LYS D 381 4.04 17.65 54.42
CA LYS D 381 4.63 18.46 55.55
C LYS D 381 5.37 17.53 56.50
N VAL D 382 5.26 16.22 56.26
CA VAL D 382 6.21 15.22 56.85
C VAL D 382 6.97 14.56 55.70
N GLU D 383 8.29 14.43 55.83
CA GLU D 383 9.12 13.92 54.77
C GLU D 383 8.87 12.43 54.47
N GLY D 384 8.55 12.15 53.21
CA GLY D 384 8.25 10.77 52.82
C GLY D 384 6.86 10.30 53.18
N ALA D 385 5.96 11.22 53.58
CA ALA D 385 4.59 10.78 53.89
C ALA D 385 3.77 10.29 52.62
N PHE D 386 4.06 10.87 51.46
CA PHE D 386 3.40 10.45 50.22
C PHE D 386 4.09 9.15 49.77
N ILE D 387 3.29 8.10 49.77
CA ILE D 387 3.75 6.78 49.39
C ILE D 387 2.89 6.14 48.27
N GLY D 388 2.32 6.98 47.39
CA GLY D 388 1.34 6.48 46.40
C GLY D 388 1.98 5.51 45.41
N PHE D 389 3.29 5.66 45.21
CA PHE D 389 4.11 4.80 44.37
C PHE D 389 4.98 3.88 45.23
N GLY D 390 4.60 3.66 46.51
CA GLY D 390 5.45 2.99 47.49
C GLY D 390 6.85 3.60 47.60
N ALA D 391 7.82 2.84 48.09
CA ALA D 391 9.21 3.37 48.35
C ALA D 391 10.15 2.21 48.67
N GLY D 392 11.46 2.51 48.65
CA GLY D 392 12.47 1.54 49.12
C GLY D 392 12.59 0.33 48.24
N VAL D 393 12.50 -0.85 48.82
CA VAL D 393 12.94 -2.08 48.18
C VAL D 393 12.00 -2.44 46.99
N HIS D 394 10.71 -2.23 47.21
CA HIS D 394 9.71 -2.49 46.14
C HIS D 394 8.98 -1.29 45.67
N LYS D 395 9.72 -0.18 45.45
CA LYS D 395 9.08 1.05 45.01
C LYS D 395 8.63 0.74 43.54
N CYS D 396 7.66 1.49 43.06
CA CYS D 396 7.14 1.35 41.75
C CYS D 396 8.18 1.56 40.63
N ILE D 397 8.32 0.56 39.76
CA ILE D 397 9.23 0.73 38.63
C ILE D 397 8.60 1.34 37.38
N GLY D 398 7.26 1.54 37.37
CA GLY D 398 6.61 2.01 36.16
C GLY D 398 6.08 3.42 36.36
N GLN D 399 6.50 4.04 37.45
CA GLN D 399 5.97 5.32 37.87
C GLN D 399 6.16 6.37 36.77
N LYS D 400 7.32 6.45 36.15
CA LYS D 400 7.51 7.51 35.19
C LYS D 400 6.77 7.24 33.84
N PHE D 401 6.66 5.97 33.47
CA PHE D 401 5.95 5.57 32.28
C PHE D 401 4.44 5.81 32.51
N GLY D 402 3.94 5.42 33.67
CA GLY D 402 2.54 5.71 34.12
C GLY D 402 2.23 7.22 33.99
N LEU D 403 3.05 8.07 34.61
CA LEU D 403 2.94 9.52 34.44
C LEU D 403 3.07 10.11 33.06
N LEU D 404 3.91 9.52 32.20
CA LEU D 404 4.06 9.96 30.84
C LEU D 404 2.72 9.78 30.14
N GLN D 405 2.05 8.67 30.42
CA GLN D 405 0.73 8.41 29.75
C GLN D 405 -0.32 9.38 30.39
N VAL D 406 -0.39 9.48 31.72
CA VAL D 406 -1.37 10.33 32.40
C VAL D 406 -1.19 11.76 31.83
N LYS D 407 0.08 12.26 31.81
CA LYS D 407 0.27 13.68 31.44
C LYS D 407 -0.02 13.96 29.99
N THR D 408 0.31 13.02 29.11
CA THR D 408 0.01 13.17 27.69
C THR D 408 -1.48 13.23 27.45
N ILE D 409 -2.24 12.39 28.15
CA ILE D 409 -3.71 12.44 28.01
C ILE D 409 -4.30 13.75 28.53
N LEU D 410 -3.90 14.14 29.74
CA LEU D 410 -4.32 15.43 30.27
C LEU D 410 -4.08 16.61 29.31
N ALA D 411 -2.90 16.69 28.74
CA ALA D 411 -2.53 17.81 27.83
C ALA D 411 -3.35 17.74 26.52
N THR D 412 -3.46 16.55 25.95
CA THR D 412 -4.24 16.32 24.75
C THR D 412 -5.72 16.60 24.92
N ALA D 413 -6.29 16.16 26.04
CA ALA D 413 -7.72 16.38 26.35
C ALA D 413 -8.07 17.87 26.66
N PHE D 414 -7.36 18.49 27.60
CA PHE D 414 -7.78 19.81 28.01
C PHE D 414 -7.42 20.93 27.05
N ARG D 415 -6.55 20.60 26.13
CA ARG D 415 -6.19 21.37 24.95
C ARG D 415 -7.43 21.57 24.04
N SER D 416 -8.10 20.47 23.76
CA SER D 416 -9.12 20.42 22.72
C SER D 416 -10.54 20.37 23.31
N TYR D 417 -10.68 20.04 24.57
CA TYR D 417 -12.00 19.86 25.17
C TYR D 417 -12.17 20.54 26.51
N ASP D 418 -13.40 20.94 26.79
CA ASP D 418 -13.85 21.11 28.14
C ASP D 418 -14.70 19.91 28.49
N PHE D 419 -14.91 19.72 29.80
CA PHE D 419 -15.80 18.73 30.37
C PHE D 419 -16.58 19.28 31.53
N GLN D 420 -17.79 18.73 31.73
CA GLN D 420 -18.65 19.03 32.88
C GLN D 420 -19.05 17.74 33.55
N LEU D 421 -18.85 17.66 34.85
CA LEU D 421 -19.32 16.59 35.70
C LEU D 421 -20.83 16.63 35.72
N LEU D 422 -21.44 15.45 35.63
CA LEU D 422 -22.90 15.39 35.60
C LEU D 422 -23.41 15.11 36.98
N ARG D 423 -22.94 15.93 37.91
CA ARG D 423 -22.99 15.68 39.33
C ARG D 423 -22.49 16.92 40.03
N ASP D 424 -22.96 17.16 41.26
CA ASP D 424 -22.48 18.27 42.09
C ASP D 424 -21.05 18.11 42.64
N GLU D 425 -20.68 16.90 43.07
CA GLU D 425 -19.37 16.64 43.65
C GLU D 425 -18.61 15.59 42.83
N VAL D 426 -17.29 15.62 42.95
CA VAL D 426 -16.41 14.58 42.41
C VAL D 426 -16.91 13.20 42.89
N PRO D 427 -16.77 12.14 42.05
CA PRO D 427 -17.23 10.84 42.55
C PRO D 427 -16.64 10.46 43.87
N ASP D 428 -17.39 9.63 44.60
CA ASP D 428 -16.88 8.99 45.76
C ASP D 428 -15.96 7.86 45.25
N PRO D 429 -14.89 7.58 45.99
CA PRO D 429 -14.11 6.35 45.68
C PRO D 429 -14.98 5.10 45.90
N ASP D 430 -14.74 4.08 45.07
CA ASP D 430 -15.44 2.81 45.22
C ASP D 430 -14.38 1.85 45.75
N TYR D 431 -14.41 1.66 47.07
CA TYR D 431 -13.45 0.88 47.80
C TYR D 431 -13.63 -0.64 47.64
N HIS D 432 -14.63 -1.09 46.89
CA HIS D 432 -15.00 -2.53 46.80
C HIS D 432 -14.22 -3.35 45.75
N THR D 433 -13.33 -2.71 44.97
CA THR D 433 -12.52 -3.37 43.97
C THR D 433 -11.07 -3.47 44.39
N MET D 434 -10.30 -4.30 43.68
CA MET D 434 -8.91 -4.56 44.04
C MET D 434 -8.01 -3.34 43.81
N VAL D 435 -8.21 -2.64 42.69
CA VAL D 435 -7.51 -1.38 42.49
C VAL D 435 -8.63 -0.35 42.60
N VAL D 436 -8.45 0.66 43.45
CA VAL D 436 -9.61 1.48 43.81
C VAL D 436 -9.63 2.74 42.96
N GLY D 437 -10.82 3.07 42.41
CA GLY D 437 -10.94 4.22 41.58
C GLY D 437 -12.23 4.94 41.89
N PRO D 438 -12.56 6.00 41.10
CA PRO D 438 -13.90 6.63 41.31
C PRO D 438 -15.04 5.67 40.97
N THR D 439 -16.14 5.76 41.73
CA THR D 439 -17.36 4.96 41.41
C THR D 439 -17.72 5.10 39.93
N ALA D 440 -17.69 3.99 39.23
CA ALA D 440 -17.90 3.95 37.77
C ALA D 440 -19.21 4.64 37.29
N SER D 441 -20.33 4.32 37.94
CA SER D 441 -21.63 4.85 37.50
C SER D 441 -21.72 6.36 37.79
N GLN D 442 -20.83 6.88 38.65
CA GLN D 442 -20.74 8.32 38.90
C GLN D 442 -19.83 9.08 37.96
N CYS D 443 -19.25 8.39 36.97
CA CYS D 443 -18.20 8.99 36.07
C CYS D 443 -18.69 9.46 34.68
N ARG D 444 -20.00 9.62 34.47
CA ARG D 444 -20.51 10.09 33.22
C ARG D 444 -20.26 11.62 33.13
N VAL D 445 -19.73 12.04 32.02
CA VAL D 445 -19.44 13.45 31.88
C VAL D 445 -19.78 13.85 30.52
N LYS D 446 -19.92 15.17 30.31
CA LYS D 446 -20.13 15.68 28.97
C LYS D 446 -18.79 16.28 28.52
N TYR D 447 -18.36 15.96 27.32
CA TYR D 447 -17.23 16.64 26.72
C TYR D 447 -17.79 17.79 25.84
N ILE D 448 -17.02 18.86 25.70
CA ILE D 448 -17.40 19.93 24.77
C ILE D 448 -16.18 20.27 23.92
N ARG D 449 -16.27 20.06 22.62
CA ARG D 449 -15.18 20.44 21.73
C ARG D 449 -14.98 21.97 21.92
N ARG D 450 -13.76 22.35 22.26
CA ARG D 450 -13.43 23.76 22.45
C ARG D 450 -13.43 24.55 21.11
#